data_9VQL
#
_entry.id   9VQL
#
_cell.length_a   1.00
_cell.length_b   1.00
_cell.length_c   1.00
_cell.angle_alpha   90.00
_cell.angle_beta   90.00
_cell.angle_gamma   90.00
#
_symmetry.space_group_name_H-M   'P 1'
#
loop_
_entity.id
_entity.type
_entity.pdbx_description
1 polymer 'Endosome/lysosome-associated apoptosis and autophagy regulator 1'
2 branched 2-acetamido-2-deoxy-beta-D-glucopyranose-(1-4)-2-acetamido-2-deoxy-beta-D-glucopyranose
3 non-polymer 2-acetamido-2-deoxy-beta-D-glucopyranose
#
_entity_poly.entity_id   1
_entity_poly.type   'polypeptide(L)'
_entity_poly.pdbx_seq_one_letter_code
;MKTIIALSYIFCLVFADYKDDDDKGSHHHHHHSGMGPELAACKESEYAFEYTACDSTGSRWRVAVPASPGLCTSLPDPVK
GTECSFSCNAGEFLDMKDQSCKPCAEGRYSLGTGIRFDEWDELPHGFASLSANLEVDDSISESTENCTSSKWVPRGDYIA
SNTDECTATLMYAVNLKQSGTVNFEYYYPDSSIIFEFFVQNDQCQPSADDSRWMKTTEKGWEFHSVELNRGNNVLYWRTT
AFSVWSKVSKPVLVRNIAITGVAYTSECFPCKPGTYAAKQGSPFCKLCPANYYSNKGETSCAPCDADKYSEKGSSTCKVR
PACTDKDYFYTHTACDAQGETQLMYKWAIPKICGEDLEGAVKLPASGVKTRCPPCNPGFFKTDNSTCEPCPYGSYSNGSD
CTHCPAGTEPAVGFEYKWWNTLPSNMETTVLSGINFEYKGLTGWEVAGDHIYTAVGASDNDFMILTLVVPGFRPPQSVVA
DTENKEVARITFVFETICSVNCELYFMVGMNSRTNTPVETWKGTKGKQSYTYTIEENATVSFTWAFQRTTLHETGRKYTN
DVAKIYSINVTNVMGGVASYCRPCALEASDLGSSCTSCPAGHYINRDSGTCHLCPSNTILKAHQPYGAQACVPCGPGTKN
NKIHSLCYNDCTFSRNTPSRIFNYNFSALAGTVSLAGVPSFTSKGLKYFHHFTLSLCGNQGKKMAVCTDNVTDLRIPDGE
AGFSKSVTAYVCQVVIIPSEVMGYKAGVSSQPVSLADRLVGVSTDMTLEGIVSPVELFHPETSGIPDIVFFFRSNDVTQS
CSSGRSTTIRLRCNPMKAAPGTLRLPSMCSDGTCDGCNFHFLWESVAACPLCSASDYHTFVSSCVAGIQKTTYMWREPKL
CSGGISLPEQRVTICKTIDFWLKVGISAGTCTAILLTVLTCYFWKKNQKLEYKYSKLVMNATLKDCDLPAADSCAIMEGE
DVEDDFIFTSKKSLFGKIKSFTSKRTPDGFDSVPLKTSSGGPDMDM
;
_entity_poly.pdbx_strand_id   A,B
#
loop_
_chem_comp.id
_chem_comp.type
_chem_comp.name
_chem_comp.formula
NAG D-saccharide, beta linking 2-acetamido-2-deoxy-beta-D-glucopyranose 'C8 H15 N O6'
#
# COMPACT_ATOMS: atom_id res chain seq x y z
N LYS A 43 -2.17 34.14 -60.87
CA LYS A 43 -0.72 34.06 -60.98
C LYS A 43 -0.16 32.99 -60.03
N GLU A 44 0.99 32.43 -60.39
CA GLU A 44 1.59 31.38 -59.58
C GLU A 44 1.92 31.88 -58.18
N SER A 45 2.44 33.11 -58.06
CA SER A 45 2.71 33.68 -56.76
C SER A 45 1.44 34.08 -56.01
N GLU A 46 0.31 34.17 -56.71
CA GLU A 46 -0.93 34.58 -56.05
C GLU A 46 -1.49 33.48 -55.15
N TYR A 47 -1.32 32.22 -55.54
CA TYR A 47 -1.88 31.10 -54.79
C TYR A 47 -0.76 30.23 -54.23
N ALA A 48 -1.06 29.58 -53.11
CA ALA A 48 -0.15 28.65 -52.47
C ALA A 48 -0.86 27.31 -52.30
N PHE A 49 -0.18 26.24 -52.70
CA PHE A 49 -0.80 24.93 -52.71
C PHE A 49 -0.97 24.42 -51.26
N GLU A 50 -2.02 23.63 -51.05
CA GLU A 50 -2.35 23.20 -49.69
C GLU A 50 -3.04 21.85 -49.73
N TYR A 51 -2.76 21.03 -48.72
CA TYR A 51 -3.37 19.72 -48.59
C TYR A 51 -4.80 19.84 -48.09
N THR A 52 -5.58 18.79 -48.34
CA THR A 52 -6.95 18.69 -47.83
C THR A 52 -6.99 17.79 -46.60
N ALA A 53 -8.12 17.82 -45.91
CA ALA A 53 -8.30 16.98 -44.73
C ALA A 53 -8.30 15.51 -45.13
N CYS A 54 -7.68 14.69 -44.30
CA CYS A 54 -7.59 13.26 -44.59
C CYS A 54 -8.97 12.61 -44.54
N ASP A 55 -9.22 11.70 -45.47
CA ASP A 55 -10.48 10.98 -45.53
C ASP A 55 -10.36 9.69 -44.72
N SER A 56 -11.40 8.84 -44.81
CA SER A 56 -11.35 7.56 -44.11
C SER A 56 -10.26 6.66 -44.68
N THR A 57 -10.09 6.66 -46.00
CA THR A 57 -9.10 5.80 -46.64
C THR A 57 -7.68 6.33 -46.51
N GLY A 58 -7.50 7.56 -46.03
CA GLY A 58 -6.18 8.16 -45.92
C GLY A 58 -5.73 8.94 -47.13
N SER A 59 -6.49 8.89 -48.23
CA SER A 59 -6.14 9.67 -49.41
C SER A 59 -6.30 11.16 -49.13
N ARG A 60 -5.47 11.96 -49.79
CA ARG A 60 -5.47 13.40 -49.61
C ARG A 60 -5.35 14.09 -50.95
N TRP A 61 -5.78 15.34 -50.99
CA TRP A 61 -5.78 16.14 -52.21
C TRP A 61 -4.95 17.39 -51.99
N ARG A 62 -4.13 17.73 -52.98
CA ARG A 62 -3.29 18.92 -52.94
C ARG A 62 -3.96 20.00 -53.78
N VAL A 63 -4.30 21.12 -53.14
CA VAL A 63 -5.18 22.11 -53.74
C VAL A 63 -4.55 23.49 -53.65
N ALA A 64 -4.60 24.24 -54.75
CA ALA A 64 -4.21 25.63 -54.76
C ALA A 64 -5.30 26.51 -54.16
N VAL A 65 -4.92 27.40 -53.26
CA VAL A 65 -5.83 28.35 -52.64
C VAL A 65 -5.23 29.74 -52.79
N PRO A 66 -6.00 30.75 -53.17
CA PRO A 66 -5.43 32.10 -53.28
C PRO A 66 -5.02 32.63 -51.91
N ALA A 67 -3.98 33.48 -51.91
CA ALA A 67 -3.53 34.10 -50.67
C ALA A 67 -4.62 34.97 -50.06
N SER A 68 -5.31 35.74 -50.89
CA SER A 68 -6.43 36.54 -50.45
C SER A 68 -7.74 35.78 -50.63
N PRO A 69 -8.70 35.96 -49.73
CA PRO A 69 -10.00 35.30 -49.89
C PRO A 69 -10.70 35.75 -51.17
N GLY A 70 -10.88 34.80 -52.09
CA GLY A 70 -11.45 35.13 -53.38
C GLY A 70 -10.60 36.10 -54.19
N LEU A 71 -9.29 35.87 -54.23
CA LEU A 71 -8.40 36.79 -54.92
C LEU A 71 -8.60 36.73 -56.43
N CYS A 72 -8.62 35.52 -57.00
CA CYS A 72 -8.74 35.37 -58.44
C CYS A 72 -9.21 33.96 -58.76
N THR A 73 -9.57 33.76 -60.02
CA THR A 73 -10.06 32.48 -60.52
C THR A 73 -8.97 31.75 -61.29
N SER A 74 -9.34 30.66 -61.95
CA SER A 74 -8.44 29.89 -62.81
C SER A 74 -7.30 29.26 -62.01
N LEU A 75 -7.65 28.57 -60.92
CA LEU A 75 -6.66 27.89 -60.12
C LEU A 75 -6.38 26.49 -60.69
N PRO A 76 -5.17 25.97 -60.49
CA PRO A 76 -4.85 24.63 -60.98
C PRO A 76 -5.69 23.55 -60.29
N ASP A 77 -5.91 22.46 -61.01
CA ASP A 77 -6.71 21.35 -60.51
C ASP A 77 -5.99 20.60 -59.41
N PRO A 78 -6.75 19.97 -58.50
CA PRO A 78 -6.12 19.20 -57.42
C PRO A 78 -5.42 17.95 -57.93
N VAL A 79 -4.40 17.55 -57.19
CA VAL A 79 -3.65 16.32 -57.45
C VAL A 79 -3.48 15.59 -56.12
N LYS A 80 -3.48 14.26 -56.17
CA LYS A 80 -3.37 13.46 -54.97
C LYS A 80 -1.99 13.62 -54.33
N GLY A 81 -1.86 13.11 -53.10
CA GLY A 81 -0.63 13.23 -52.35
C GLY A 81 -0.41 12.02 -51.46
N THR A 82 0.67 12.08 -50.70
CA THR A 82 1.05 10.97 -49.84
C THR A 82 0.06 10.82 -48.68
N GLU A 83 0.15 9.70 -47.98
CA GLU A 83 -0.80 9.32 -46.95
C GLU A 83 -0.13 9.33 -45.58
N CYS A 84 -0.10 10.51 -44.96
CA CYS A 84 0.16 10.75 -43.54
C CYS A 84 1.46 10.16 -43.02
N SER A 85 2.36 9.70 -43.89
CA SER A 85 3.61 9.11 -43.40
C SER A 85 4.77 9.66 -44.24
N PHE A 86 4.77 10.97 -44.44
CA PHE A 86 5.80 11.64 -45.23
C PHE A 86 6.92 12.21 -44.37
N SER A 87 7.16 11.65 -43.19
CA SER A 87 8.21 12.14 -42.31
C SER A 87 9.57 11.88 -42.94
N CYS A 88 10.36 12.94 -43.09
CA CYS A 88 11.65 12.87 -43.76
C CYS A 88 12.83 12.85 -42.78
N ASN A 89 12.57 12.90 -41.47
CA ASN A 89 13.59 12.72 -40.45
C ASN A 89 14.71 13.76 -40.56
N ALA A 90 14.32 15.01 -40.27
CA ALA A 90 15.17 16.18 -40.10
C ALA A 90 15.58 16.82 -41.42
N GLY A 91 15.03 16.41 -42.55
CA GLY A 91 15.26 17.11 -43.79
C GLY A 91 13.95 17.55 -44.41
N GLU A 92 12.88 17.46 -43.60
CA GLU A 92 11.51 17.60 -44.09
C GLU A 92 11.16 19.08 -44.26
N PHE A 93 11.52 19.61 -45.43
CA PHE A 93 10.90 20.87 -45.86
C PHE A 93 9.50 20.62 -46.39
N LEU A 94 9.28 19.45 -47.02
CA LEU A 94 7.97 19.02 -47.49
C LEU A 94 7.33 20.07 -48.39
N ASP A 95 8.07 20.46 -49.43
CA ASP A 95 7.57 21.44 -50.38
C ASP A 95 6.30 20.93 -51.05
N MET A 96 5.31 21.82 -51.16
CA MET A 96 4.04 21.42 -51.77
C MET A 96 4.15 21.34 -53.28
N LYS A 97 5.04 22.13 -53.88
CA LYS A 97 5.15 22.16 -55.34
C LYS A 97 5.59 20.81 -55.89
N ASP A 98 6.56 20.18 -55.26
CA ASP A 98 7.05 18.86 -55.66
C ASP A 98 6.78 17.87 -54.54
N GLN A 99 6.13 16.76 -54.87
CA GLN A 99 5.74 15.79 -53.87
C GLN A 99 6.93 14.96 -53.42
N SER A 100 7.93 15.62 -52.84
CA SER A 100 9.14 14.97 -52.36
C SER A 100 9.76 15.82 -51.26
N CYS A 101 10.66 15.20 -50.50
CA CYS A 101 11.36 15.88 -49.40
C CYS A 101 12.62 16.53 -49.97
N LYS A 102 12.59 17.85 -50.09
CA LYS A 102 13.74 18.60 -50.58
C LYS A 102 14.49 19.22 -49.41
N PRO A 103 15.79 18.99 -49.27
CA PRO A 103 16.55 19.65 -48.20
C PRO A 103 16.47 21.15 -48.34
N CYS A 104 16.12 21.82 -47.25
CA CYS A 104 15.85 23.25 -47.35
C CYS A 104 17.12 24.07 -47.14
N ALA A 105 16.94 25.38 -47.07
CA ALA A 105 18.05 26.31 -47.17
C ALA A 105 19.00 26.18 -45.99
N GLU A 106 20.25 26.56 -46.24
CA GLU A 106 21.27 26.57 -45.19
C GLU A 106 20.92 27.62 -44.14
N GLY A 107 21.35 27.36 -42.91
CA GLY A 107 21.05 28.24 -41.81
C GLY A 107 19.65 28.13 -41.25
N ARG A 108 19.04 26.95 -41.34
CA ARG A 108 17.68 26.75 -40.86
C ARG A 108 17.58 25.38 -40.21
N TYR A 109 17.39 25.36 -38.89
CA TYR A 109 17.17 24.11 -38.17
C TYR A 109 15.87 23.46 -38.63
N SER A 110 15.98 22.23 -39.12
CA SER A 110 14.84 21.55 -39.70
C SER A 110 14.07 20.69 -38.71
N LEU A 111 14.53 20.62 -37.45
CA LEU A 111 13.91 19.75 -36.45
C LEU A 111 13.76 18.34 -37.00
N GLY A 112 12.53 17.94 -37.25
CA GLY A 112 12.23 16.68 -37.90
C GLY A 112 10.75 16.40 -37.83
N THR A 113 10.36 15.15 -37.72
CA THR A 113 9.00 14.82 -37.33
C THR A 113 8.88 14.73 -35.81
N GLY A 114 9.38 15.74 -35.13
CA GLY A 114 9.44 15.70 -33.68
C GLY A 114 9.58 17.09 -33.11
N ILE A 115 9.92 17.13 -31.82
CA ILE A 115 10.04 18.37 -31.07
C ILE A 115 11.29 18.29 -30.19
N ARG A 116 11.98 19.42 -30.07
CA ARG A 116 13.17 19.52 -29.24
C ARG A 116 12.92 20.51 -28.10
N PHE A 117 13.51 20.22 -26.94
CA PHE A 117 13.28 20.99 -25.72
C PHE A 117 14.61 21.42 -25.12
N ASP A 118 15.48 22.00 -25.94
CA ASP A 118 16.82 22.34 -25.48
C ASP A 118 16.82 23.52 -24.51
N GLU A 119 16.03 24.56 -24.79
CA GLU A 119 16.19 25.85 -24.13
C GLU A 119 15.14 25.99 -23.03
N TRP A 120 15.55 25.74 -21.79
CA TRP A 120 14.63 25.77 -20.64
C TRP A 120 14.75 27.07 -19.85
N ASP A 121 14.40 28.19 -20.48
CA ASP A 121 14.33 29.44 -19.72
C ASP A 121 13.26 29.35 -18.64
N GLU A 122 12.09 28.84 -19.02
CA GLU A 122 11.01 28.50 -18.10
C GLU A 122 10.61 27.06 -18.38
N LEU A 123 9.58 26.58 -17.71
CA LEU A 123 9.06 25.27 -18.02
C LEU A 123 8.40 25.34 -19.39
N PRO A 124 8.88 24.59 -20.39
CA PRO A 124 8.32 24.72 -21.73
C PRO A 124 6.86 24.29 -21.77
N HIS A 125 6.11 24.88 -22.71
CA HIS A 125 4.68 24.67 -22.77
C HIS A 125 4.35 23.19 -22.86
N GLY A 126 3.45 22.74 -22.00
CA GLY A 126 3.04 21.35 -21.93
C GLY A 126 3.72 20.55 -20.85
N PHE A 127 4.88 20.99 -20.36
CA PHE A 127 5.56 20.31 -19.28
C PHE A 127 4.88 20.61 -17.96
N ALA A 128 4.60 19.58 -17.19
CA ALA A 128 3.98 19.72 -15.88
C ALA A 128 4.97 19.31 -14.80
N SER A 129 5.16 20.18 -13.82
CA SER A 129 6.05 19.91 -12.69
C SER A 129 5.17 19.80 -11.44
N LEU A 130 4.95 18.57 -10.98
CA LEU A 130 4.09 18.30 -9.85
C LEU A 130 4.93 17.73 -8.71
N SER A 131 4.64 18.19 -7.50
CA SER A 131 5.31 17.70 -6.30
C SER A 131 4.27 17.24 -5.29
N ALA A 132 4.49 16.05 -4.73
CA ALA A 132 3.57 15.45 -3.77
C ALA A 132 4.33 14.98 -2.55
N ASN A 133 3.70 15.10 -1.39
CA ASN A 133 4.26 14.67 -0.12
C ASN A 133 3.56 13.39 0.32
N LEU A 134 4.35 12.35 0.61
CA LEU A 134 3.81 11.07 1.03
C LEU A 134 3.33 11.11 2.48
N ASN A 146 7.16 23.15 2.80
CA ASN A 146 6.16 22.54 1.92
C ASN A 146 6.76 22.35 0.54
N CYS A 147 6.44 21.22 -0.10
CA CYS A 147 7.07 20.88 -1.38
C CYS A 147 6.55 21.71 -2.54
N THR A 148 5.81 22.78 -2.31
CA THR A 148 5.46 23.69 -3.40
C THR A 148 6.71 24.21 -4.10
N SER A 149 7.74 24.54 -3.33
CA SER A 149 9.02 24.93 -3.91
C SER A 149 9.86 23.74 -4.32
N SER A 150 9.46 22.52 -3.96
CA SER A 150 10.23 21.32 -4.29
C SER A 150 9.77 20.72 -5.62
N LYS A 151 9.74 21.54 -6.66
CA LYS A 151 9.49 21.10 -8.01
C LYS A 151 10.75 21.27 -8.84
N TRP A 152 10.75 20.68 -10.03
CA TRP A 152 11.91 20.78 -10.89
C TRP A 152 12.12 22.23 -11.31
N VAL A 153 13.16 22.86 -10.79
CA VAL A 153 13.39 24.29 -11.07
C VAL A 153 14.10 24.42 -12.42
N PRO A 154 13.57 25.23 -13.34
CA PRO A 154 14.25 25.45 -14.61
C PRO A 154 15.45 26.36 -14.45
N ARG A 155 16.58 25.78 -14.04
CA ARG A 155 17.77 26.59 -13.72
C ARG A 155 18.27 27.37 -14.93
N GLY A 156 18.23 26.74 -16.11
CA GLY A 156 18.76 27.36 -17.31
C GLY A 156 18.68 26.43 -18.49
N ASP A 157 19.78 26.27 -19.23
CA ASP A 157 19.82 25.28 -20.30
C ASP A 157 19.56 23.87 -19.77
N TYR A 158 19.78 23.65 -18.48
CA TYR A 158 19.46 22.40 -17.80
C TYR A 158 18.40 22.66 -16.73
N ILE A 159 17.60 21.63 -16.45
CA ILE A 159 16.64 21.69 -15.36
C ILE A 159 17.14 20.81 -14.22
N ALA A 160 16.87 21.23 -12.99
CA ALA A 160 17.40 20.58 -11.80
C ALA A 160 16.29 19.82 -11.08
N SER A 161 16.70 18.83 -10.29
CA SER A 161 15.77 18.03 -9.51
C SER A 161 15.48 18.70 -8.17
N ASN A 162 14.84 17.96 -7.27
CA ASN A 162 14.54 18.44 -5.93
C ASN A 162 15.51 17.78 -4.95
N THR A 163 16.12 18.60 -4.09
CA THR A 163 17.06 18.07 -3.11
C THR A 163 16.36 17.41 -1.93
N ASP A 164 15.19 17.90 -1.53
CA ASP A 164 14.53 17.40 -0.35
C ASP A 164 13.86 16.06 -0.62
N GLU A 165 13.33 15.46 0.45
CA GLU A 165 12.80 14.10 0.40
C GLU A 165 11.29 14.11 0.15
N CYS A 166 10.93 14.45 -1.08
CA CYS A 166 9.55 14.29 -1.53
C CYS A 166 9.53 14.18 -3.04
N THR A 167 8.43 13.62 -3.56
CA THR A 167 8.31 13.33 -4.98
C THR A 167 8.26 14.64 -5.79
N ALA A 168 8.92 14.62 -6.94
CA ALA A 168 8.86 15.72 -7.89
C ALA A 168 8.87 15.14 -9.30
N THR A 169 7.72 15.21 -9.97
CA THR A 169 7.53 14.57 -11.26
C THR A 169 7.50 15.62 -12.36
N LEU A 170 8.27 15.39 -13.42
CA LEU A 170 8.23 16.20 -14.62
C LEU A 170 7.40 15.44 -15.66
N MET A 171 6.18 15.90 -15.90
CA MET A 171 5.21 15.18 -16.72
C MET A 171 5.09 15.84 -18.08
N TYR A 172 5.13 15.04 -19.14
CA TYR A 172 4.84 15.50 -20.49
C TYR A 172 3.96 14.47 -21.19
N ALA A 173 2.78 14.90 -21.62
CA ALA A 173 1.84 14.05 -22.34
C ALA A 173 1.81 14.48 -23.79
N VAL A 174 2.17 13.57 -24.69
CA VAL A 174 2.33 13.87 -26.11
C VAL A 174 1.48 12.91 -26.92
N ASN A 175 0.80 13.46 -27.94
CA ASN A 175 0.02 12.65 -28.88
C ASN A 175 0.92 12.24 -30.02
N LEU A 176 1.76 11.23 -29.76
CA LEU A 176 2.75 10.78 -30.74
C LEU A 176 2.02 10.08 -31.87
N LYS A 177 1.88 10.76 -33.01
CA LYS A 177 1.07 10.23 -34.10
C LYS A 177 1.66 8.96 -34.68
N GLN A 178 2.99 8.89 -34.81
CA GLN A 178 3.66 7.69 -35.24
C GLN A 178 4.71 7.27 -34.21
N SER A 179 5.10 6.00 -34.27
CA SER A 179 6.05 5.46 -33.31
C SER A 179 7.37 6.22 -33.35
N GLY A 180 7.88 6.58 -32.18
CA GLY A 180 9.09 7.35 -32.08
C GLY A 180 9.86 7.09 -30.80
N THR A 181 10.78 7.99 -30.44
CA THR A 181 11.64 7.79 -29.30
C THR A 181 11.84 9.10 -28.54
N VAL A 182 12.31 8.96 -27.31
CA VAL A 182 12.69 10.09 -26.46
C VAL A 182 14.15 9.91 -26.06
N ASN A 183 14.90 11.00 -26.09
CA ASN A 183 16.36 10.97 -25.97
C ASN A 183 16.82 11.92 -24.87
N PHE A 184 16.22 11.83 -23.70
CA PHE A 184 16.59 12.73 -22.62
C PHE A 184 18.00 12.43 -22.13
N GLU A 185 18.81 13.48 -22.05
CA GLU A 185 20.21 13.38 -21.61
C GLU A 185 20.28 13.88 -20.17
N TYR A 186 20.67 13.00 -19.25
CA TYR A 186 20.53 13.25 -17.83
C TYR A 186 21.87 13.20 -17.12
N TYR A 187 21.92 13.86 -15.96
CA TYR A 187 23.11 13.90 -15.10
C TYR A 187 22.64 13.46 -13.71
N TYR A 188 23.21 12.37 -13.21
CA TYR A 188 22.73 11.74 -11.99
C TYR A 188 23.90 11.51 -11.04
N PRO A 189 24.44 12.57 -10.41
CA PRO A 189 25.65 12.38 -9.58
C PRO A 189 25.38 11.72 -8.24
N ASP A 190 24.32 12.12 -7.55
CA ASP A 190 24.09 11.68 -6.18
C ASP A 190 23.11 10.52 -6.13
N SER A 191 23.50 9.46 -5.43
CA SER A 191 22.65 8.30 -5.28
C SER A 191 21.57 8.49 -4.21
N SER A 192 21.60 9.61 -3.49
CA SER A 192 20.54 9.91 -2.52
C SER A 192 19.19 9.99 -3.23
N ILE A 193 19.06 10.94 -4.15
CA ILE A 193 17.88 11.00 -4.99
C ILE A 193 17.82 9.77 -5.88
N ILE A 194 16.64 9.18 -6.02
CA ILE A 194 16.42 8.08 -6.94
C ILE A 194 15.60 8.59 -8.11
N PHE A 195 16.07 8.32 -9.32
CA PHE A 195 15.59 8.96 -10.54
C PHE A 195 15.19 7.89 -11.53
N GLU A 196 13.96 7.96 -12.02
CA GLU A 196 13.42 6.97 -12.95
C GLU A 196 12.62 7.65 -14.04
N PHE A 197 12.57 7.03 -15.21
CA PHE A 197 11.84 7.52 -16.36
C PHE A 197 11.01 6.39 -16.93
N PHE A 198 9.69 6.50 -16.82
CA PHE A 198 8.77 5.46 -17.27
C PHE A 198 7.61 6.10 -18.02
N VAL A 199 7.24 5.48 -19.13
CA VAL A 199 6.22 6.01 -20.03
C VAL A 199 4.96 5.18 -19.90
N GLN A 200 3.81 5.85 -19.79
CA GLN A 200 2.51 5.19 -19.74
C GLN A 200 1.84 5.27 -21.10
N ASN A 201 1.12 4.21 -21.46
CA ASN A 201 0.46 4.10 -22.75
C ASN A 201 -0.84 4.92 -22.74
N ASP A 202 -1.62 4.80 -23.81
CA ASP A 202 -2.90 5.50 -23.86
C ASP A 202 -3.85 5.01 -22.78
N GLN A 203 -3.78 3.72 -22.44
CA GLN A 203 -4.59 3.16 -21.36
C GLN A 203 -4.04 3.47 -19.98
N CYS A 204 -3.09 4.41 -19.88
CA CYS A 204 -2.46 4.79 -18.62
C CYS A 204 -1.91 3.57 -17.89
N GLN A 205 -1.28 2.68 -18.65
CA GLN A 205 -0.66 1.49 -18.09
C GLN A 205 0.83 1.72 -17.85
N PRO A 206 1.40 1.17 -16.77
CA PRO A 206 2.82 1.37 -16.48
C PRO A 206 3.74 0.66 -17.46
N SER A 211 12.31 -1.17 -17.11
CA SER A 211 13.58 -0.44 -17.11
C SER A 211 13.38 1.00 -16.65
N ARG A 212 12.47 1.19 -15.68
CA ARG A 212 12.18 2.53 -15.19
C ARG A 212 13.37 3.12 -14.44
N TRP A 213 13.98 2.33 -13.55
CA TRP A 213 15.06 2.85 -12.72
C TRP A 213 16.27 3.19 -13.57
N MET A 214 16.94 4.30 -13.22
CA MET A 214 17.97 4.87 -14.07
C MET A 214 19.35 4.72 -13.43
N LYS A 215 20.36 4.64 -14.29
CA LYS A 215 21.73 4.41 -13.87
C LYS A 215 22.33 5.65 -13.22
N THR A 216 23.21 5.42 -12.25
CA THR A 216 24.04 6.50 -11.72
C THR A 216 25.07 6.91 -12.75
N THR A 217 25.30 8.21 -12.86
CA THR A 217 26.17 8.76 -13.90
C THR A 217 27.52 9.14 -13.32
N GLU A 218 28.57 8.85 -14.08
CA GLU A 218 29.93 9.28 -13.79
C GLU A 218 30.41 10.17 -14.93
N LYS A 219 31.70 10.52 -14.90
CA LYS A 219 32.32 11.34 -15.93
C LYS A 219 31.61 12.70 -16.07
N TRP A 221 27.27 13.91 -17.82
CA TRP A 221 26.11 13.89 -18.71
C TRP A 221 26.03 12.57 -19.46
N GLU A 222 24.89 11.90 -19.37
CA GLU A 222 24.70 10.59 -19.98
C GLU A 222 23.46 10.58 -20.84
N PHE A 223 23.48 9.74 -21.87
CA PHE A 223 22.40 9.65 -22.84
C PHE A 223 21.44 8.52 -22.47
N HIS A 224 20.21 8.61 -22.94
CA HIS A 224 19.24 7.52 -22.80
C HIS A 224 18.25 7.62 -23.96
N SER A 225 17.61 6.49 -24.25
CA SER A 225 16.60 6.42 -25.30
C SER A 225 15.56 5.37 -24.92
N VAL A 226 14.29 5.70 -25.16
CA VAL A 226 13.18 4.78 -24.92
C VAL A 226 12.25 4.87 -26.13
N GLU A 227 11.75 3.72 -26.57
CA GLU A 227 10.84 3.66 -27.70
C GLU A 227 9.41 3.97 -27.27
N LEU A 228 8.62 4.47 -28.22
CA LEU A 228 7.26 4.90 -27.95
C LEU A 228 6.31 4.39 -29.03
N ASN A 229 5.04 4.23 -28.66
CA ASN A 229 4.00 3.78 -29.56
C ASN A 229 3.16 4.98 -30.03
N ARG A 230 2.03 4.70 -30.68
CA ARG A 230 1.29 5.75 -31.35
C ARG A 230 0.18 6.35 -30.50
N GLY A 231 -0.11 5.78 -29.32
CA GLY A 231 -1.23 6.30 -28.55
C GLY A 231 -0.92 7.12 -27.33
N ASN A 232 -0.98 8.45 -27.45
CA ASN A 232 -0.98 9.39 -26.34
C ASN A 232 -0.02 9.02 -25.22
N ASN A 233 1.28 8.95 -25.51
CA ASN A 233 2.25 8.59 -24.50
C ASN A 233 2.46 9.75 -23.53
N VAL A 234 2.53 9.45 -22.24
CA VAL A 234 2.87 10.43 -21.21
C VAL A 234 4.20 10.00 -20.59
N LEU A 235 5.08 10.97 -20.37
CA LEU A 235 6.45 10.71 -19.96
C LEU A 235 6.67 11.28 -18.58
N TYR A 236 7.13 10.45 -17.64
CA TYR A 236 7.38 10.88 -16.27
C TYR A 236 8.88 10.89 -16.01
N TRP A 237 9.39 12.01 -15.50
CA TRP A 237 10.71 12.07 -14.87
C TRP A 237 10.46 12.33 -13.39
N ARG A 238 10.76 11.33 -12.56
CA ARG A 238 10.45 11.41 -11.14
C ARG A 238 11.71 11.26 -10.31
N THR A 239 11.82 12.05 -9.25
CA THR A 239 12.96 12.04 -8.34
C THR A 239 12.46 12.12 -6.91
N THR A 240 12.85 11.16 -6.09
CA THR A 240 12.55 11.17 -4.65
C THR A 240 13.85 10.97 -3.89
N ALA A 241 14.14 11.86 -2.96
CA ALA A 241 15.40 11.82 -2.22
C ALA A 241 15.21 11.13 -0.86
N PHE A 242 14.85 9.85 -0.93
CA PHE A 242 14.57 9.08 0.28
C PHE A 242 15.51 7.89 0.46
N SER A 243 16.55 7.76 -0.35
CA SER A 243 17.39 6.57 -0.27
C SER A 243 18.33 6.61 0.93
N VAL A 244 18.87 7.77 1.27
CA VAL A 244 19.91 7.88 2.29
C VAL A 244 19.42 8.59 3.54
N TRP A 245 18.49 9.54 3.40
CA TRP A 245 17.99 10.36 4.51
C TRP A 245 19.06 11.32 5.04
N SER A 246 20.26 11.26 4.50
CA SER A 246 21.35 12.12 4.94
C SER A 246 21.05 13.59 4.64
N SER A 249 20.87 17.66 -0.62
CA SER A 249 21.71 16.75 -1.40
C SER A 249 22.16 17.40 -2.69
N LYS A 250 22.44 16.57 -3.71
CA LYS A 250 22.87 17.05 -5.01
C LYS A 250 21.80 16.79 -6.05
N PRO A 251 21.34 17.82 -6.76
CA PRO A 251 20.20 17.64 -7.67
C PRO A 251 20.57 16.81 -8.90
N VAL A 252 19.52 16.40 -9.61
CA VAL A 252 19.62 15.64 -10.85
C VAL A 252 19.22 16.55 -12.00
N LEU A 253 20.03 16.54 -13.06
CA LEU A 253 19.84 17.44 -14.19
C LEU A 253 19.54 16.66 -15.45
N VAL A 254 18.56 17.12 -16.22
CA VAL A 254 18.24 16.56 -17.52
C VAL A 254 18.09 17.70 -18.51
N ARG A 255 18.49 17.46 -19.76
CA ARG A 255 18.42 18.48 -20.79
C ARG A 255 18.34 17.81 -22.15
N ASN A 256 17.93 18.61 -23.15
CA ASN A 256 17.85 18.18 -24.54
C ASN A 256 16.87 17.02 -24.73
N ILE A 257 15.61 17.29 -24.40
CA ILE A 257 14.54 16.33 -24.65
C ILE A 257 14.29 16.28 -26.15
N ALA A 258 14.13 15.08 -26.71
CA ALA A 258 13.93 14.94 -28.15
C ALA A 258 12.86 13.88 -28.41
N ILE A 259 11.61 14.33 -28.54
CA ILE A 259 10.53 13.46 -28.95
C ILE A 259 10.51 13.39 -30.48
N THR A 260 10.17 12.24 -31.04
CA THR A 260 10.09 12.06 -32.47
C THR A 260 8.78 11.37 -32.84
N GLY A 261 8.20 11.78 -33.97
CA GLY A 261 6.96 11.22 -34.45
C GLY A 261 5.73 12.04 -34.17
N VAL A 262 5.88 13.28 -33.69
CA VAL A 262 4.73 14.05 -33.24
C VAL A 262 3.87 14.51 -34.41
N ALA A 263 4.50 15.03 -35.47
CA ALA A 263 3.78 15.93 -36.37
C ALA A 263 3.52 15.40 -37.76
N TYR A 264 4.23 14.36 -38.21
CA TYR A 264 4.10 13.81 -39.57
C TYR A 264 4.64 14.75 -40.63
N THR A 265 4.95 15.99 -40.27
CA THR A 265 5.35 17.01 -41.22
C THR A 265 5.83 18.22 -40.44
N SER A 266 6.86 18.89 -40.96
CA SER A 266 7.36 20.10 -40.33
C SER A 266 7.91 21.02 -41.40
N GLU A 267 8.10 22.28 -41.02
CA GLU A 267 8.73 23.28 -41.87
C GLU A 267 9.95 23.84 -41.15
N CYS A 268 11.06 23.96 -41.88
CA CYS A 268 12.31 24.39 -41.26
C CYS A 268 12.29 25.90 -41.08
N PHE A 269 12.40 26.34 -39.83
CA PHE A 269 12.42 27.69 -39.31
C PHE A 269 13.82 28.28 -39.41
N PRO A 270 13.95 29.60 -39.44
CA PRO A 270 15.29 30.20 -39.40
C PRO A 270 16.03 29.81 -38.13
N CYS A 271 17.33 29.59 -38.25
CA CYS A 271 18.12 29.15 -37.12
C CYS A 271 18.14 30.21 -36.02
N LYS A 272 18.10 29.75 -34.77
CA LYS A 272 18.05 30.67 -33.65
C LYS A 272 19.36 31.47 -33.57
N PRO A 273 19.29 32.71 -33.09
CA PRO A 273 20.51 33.51 -32.97
C PRO A 273 21.50 32.86 -32.01
N GLY A 274 22.78 33.03 -32.30
CA GLY A 274 23.83 32.36 -31.56
C GLY A 274 24.15 30.96 -32.05
N THR A 275 23.58 30.54 -33.18
CA THR A 275 23.86 29.23 -33.77
C THR A 275 23.99 29.39 -35.28
N TYR A 276 24.64 28.41 -35.91
CA TYR A 276 24.89 28.45 -37.34
C TYR A 276 24.60 27.09 -37.95
N ALA A 277 24.14 27.10 -39.20
CA ALA A 277 23.93 25.87 -39.98
C ALA A 277 24.49 26.13 -41.38
N ALA A 278 25.78 25.82 -41.56
CA ALA A 278 26.43 26.10 -42.84
C ALA A 278 25.97 25.13 -43.92
N LYS A 279 25.71 23.88 -43.56
CA LYS A 279 25.34 22.86 -44.53
C LYS A 279 23.83 22.70 -44.55
N GLN A 280 23.26 22.63 -45.75
CA GLN A 280 21.82 22.49 -45.89
C GLN A 280 21.37 21.12 -45.39
N GLY A 281 20.11 21.06 -44.94
CA GLY A 281 19.57 19.83 -44.39
C GLY A 281 20.12 19.44 -43.04
N SER A 282 20.65 20.39 -42.29
CA SER A 282 21.22 20.07 -40.98
C SER A 282 20.11 19.71 -40.01
N PRO A 283 20.19 18.57 -39.33
CA PRO A 283 19.16 18.22 -38.35
C PRO A 283 19.03 19.23 -37.22
N PHE A 284 20.14 19.86 -36.82
CA PHE A 284 20.10 20.89 -35.81
C PHE A 284 21.30 21.81 -35.99
N CYS A 285 21.12 23.08 -35.62
CA CYS A 285 22.19 24.05 -35.77
C CYS A 285 23.37 23.71 -34.86
N LYS A 286 24.57 23.96 -35.37
CA LYS A 286 25.77 23.84 -34.56
C LYS A 286 25.85 25.03 -33.61
N LEU A 287 26.12 24.74 -32.34
CA LEU A 287 26.21 25.79 -31.34
C LEU A 287 27.47 26.61 -31.54
N CYS A 288 27.34 27.93 -31.52
CA CYS A 288 28.45 28.80 -31.92
C CYS A 288 29.60 28.68 -30.94
N PRO A 289 30.84 28.59 -31.41
CA PRO A 289 31.99 28.60 -30.52
C PRO A 289 32.14 29.94 -29.83
N ALA A 290 32.95 29.93 -28.77
CA ALA A 290 33.05 31.08 -27.87
C ALA A 290 33.67 32.28 -28.58
N ASN A 291 33.33 33.47 -28.08
CA ASN A 291 33.91 34.74 -28.53
C ASN A 291 33.58 35.04 -29.98
N TYR A 292 32.52 34.43 -30.52
CA TYR A 292 32.09 34.65 -31.89
C TYR A 292 30.66 35.16 -31.91
N TYR A 293 30.39 36.06 -32.85
CA TYR A 293 29.07 36.67 -33.03
C TYR A 293 28.25 35.83 -34.00
N SER A 294 26.93 35.85 -33.82
CA SER A 294 26.05 35.10 -34.71
C SER A 294 24.64 35.67 -34.61
N ASN A 295 24.06 36.00 -35.77
CA ASN A 295 22.67 36.42 -35.83
C ASN A 295 21.79 35.29 -36.33
N LYS A 296 20.48 35.44 -36.15
CA LYS A 296 19.54 34.40 -36.55
C LYS A 296 19.58 34.20 -38.06
N GLY A 297 19.65 32.94 -38.48
CA GLY A 297 19.64 32.60 -39.88
C GLY A 297 20.97 32.79 -40.59
N GLU A 298 22.02 33.17 -39.88
CA GLU A 298 23.32 33.38 -40.52
C GLU A 298 23.92 32.05 -40.94
N THR A 299 24.59 32.06 -42.10
CA THR A 299 25.20 30.84 -42.61
C THR A 299 26.29 30.32 -41.69
N SER A 300 27.10 31.22 -41.15
CA SER A 300 28.17 30.84 -40.23
C SER A 300 28.42 31.99 -39.26
N CYS A 301 29.04 31.65 -38.12
CA CYS A 301 29.30 32.64 -37.09
C CYS A 301 30.32 33.68 -37.57
N ALA A 302 30.04 34.94 -37.29
CA ALA A 302 30.96 36.03 -37.58
C ALA A 302 31.87 36.26 -36.38
N PRO A 303 33.19 36.28 -36.57
CA PRO A 303 34.08 36.50 -35.42
C PRO A 303 33.83 37.85 -34.78
N CYS A 304 33.95 37.88 -33.45
CA CYS A 304 33.68 39.09 -32.68
C CYS A 304 34.95 39.94 -32.55
N ASP A 305 34.74 41.19 -32.17
CA ASP A 305 35.85 42.11 -31.99
C ASP A 305 36.71 41.72 -30.79
N ALA A 306 37.93 42.26 -30.75
CA ALA A 306 38.84 41.94 -29.66
C ALA A 306 38.31 42.45 -28.32
N ASP A 307 37.73 43.66 -28.31
CA ASP A 307 37.29 44.25 -27.05
C ASP A 307 36.03 43.59 -26.51
N LYS A 308 35.31 42.82 -27.32
CA LYS A 308 34.05 42.20 -26.91
C LYS A 308 34.21 40.69 -26.93
N TYR A 309 33.85 40.04 -25.83
CA TYR A 309 33.90 38.59 -25.72
C TYR A 309 32.48 38.05 -25.54
N SER A 310 32.21 36.91 -26.17
CA SER A 310 30.92 36.25 -26.08
C SER A 310 31.10 34.83 -25.57
N GLU A 311 30.20 34.41 -24.68
CA GLU A 311 30.25 33.06 -24.15
C GLU A 311 29.94 32.05 -25.26
N LYS A 312 30.09 30.77 -24.91
CA LYS A 312 29.82 29.69 -25.84
C LYS A 312 28.39 29.74 -26.35
N GLY A 313 28.22 30.02 -27.64
CA GLY A 313 26.89 30.16 -28.21
C GLY A 313 26.09 31.34 -27.71
N SER A 314 26.73 32.51 -27.60
CA SER A 314 26.07 33.73 -27.20
C SER A 314 25.85 34.62 -28.41
N SER A 315 24.60 35.03 -28.64
CA SER A 315 24.29 35.82 -29.82
C SER A 315 24.91 37.21 -29.74
N THR A 316 24.88 37.83 -28.55
CA THR A 316 25.33 39.21 -28.39
C THR A 316 26.66 39.21 -27.63
N CYS A 317 27.65 39.89 -28.19
CA CYS A 317 28.93 40.07 -27.51
C CYS A 317 28.80 41.08 -26.38
N LYS A 318 29.72 40.99 -25.42
CA LYS A 318 29.77 41.92 -24.31
C LYS A 318 31.21 42.36 -24.09
N VAL A 319 31.36 43.57 -23.55
CA VAL A 319 32.69 44.16 -23.37
C VAL A 319 33.48 43.34 -22.37
N ARG A 320 34.75 43.10 -22.69
CA ARG A 320 35.63 42.37 -21.78
C ARG A 320 35.83 43.19 -20.51
N PRO A 321 35.65 42.60 -19.33
CA PRO A 321 35.75 43.38 -18.09
C PRO A 321 37.19 43.75 -17.76
N ALA A 322 37.33 44.71 -16.86
CA ALA A 322 38.65 45.09 -16.38
C ALA A 322 39.20 44.04 -15.44
N CYS A 323 40.48 43.71 -15.63
CA CYS A 323 41.12 42.68 -14.83
C CYS A 323 41.26 43.14 -13.38
N THR A 324 41.11 42.19 -12.46
CA THR A 324 41.28 42.42 -11.04
C THR A 324 42.35 41.49 -10.48
N ASP A 325 42.70 41.72 -9.21
CA ASP A 325 43.64 40.85 -8.53
C ASP A 325 43.09 39.43 -8.37
N LYS A 326 41.76 39.29 -8.35
CA LYS A 326 41.15 37.98 -8.12
C LYS A 326 41.36 37.01 -9.29
N ASP A 327 41.87 37.49 -10.42
CA ASP A 327 42.06 36.65 -11.60
C ASP A 327 43.42 35.96 -11.61
N TYR A 328 44.23 36.09 -10.57
CA TYR A 328 45.55 35.50 -10.51
C TYR A 328 45.57 34.25 -9.64
N PHE A 329 46.56 33.40 -9.89
CA PHE A 329 46.89 32.29 -9.01
C PHE A 329 48.39 32.02 -9.09
N TYR A 330 49.02 31.86 -7.92
CA TYR A 330 50.47 31.83 -7.82
C TYR A 330 50.99 30.40 -7.64
N THR A 331 52.01 30.07 -8.42
CA THR A 331 52.55 28.72 -8.46
C THR A 331 54.07 28.81 -8.25
N HIS A 332 54.64 27.73 -7.72
CA HIS A 332 56.09 27.57 -7.65
C HIS A 332 56.59 26.86 -8.89
N THR A 333 57.58 27.47 -9.54
CA THR A 333 58.13 26.89 -10.75
C THR A 333 58.89 25.61 -10.44
N ALA A 334 58.98 24.74 -11.44
CA ALA A 334 59.79 23.54 -11.31
C ALA A 334 61.25 23.93 -11.12
N CYS A 335 61.93 23.19 -10.24
CA CYS A 335 63.30 23.55 -9.89
C CYS A 335 64.23 23.30 -11.08
N ASP A 336 65.03 24.32 -11.40
CA ASP A 336 65.97 24.23 -12.50
C ASP A 336 67.28 23.59 -12.02
N ALA A 337 68.29 23.63 -12.88
CA ALA A 337 69.60 23.10 -12.49
C ALA A 337 70.21 23.91 -11.35
N GLN A 338 69.90 25.20 -11.27
CA GLN A 338 70.40 26.02 -10.17
C GLN A 338 69.79 25.61 -8.85
N GLY A 339 68.57 25.09 -8.85
CA GLY A 339 67.90 24.69 -7.63
C GLY A 339 67.24 25.81 -6.86
N GLU A 340 67.02 26.97 -7.48
CA GLU A 340 66.38 28.11 -6.84
C GLU A 340 64.99 28.26 -7.42
N THR A 341 63.98 27.79 -6.66
CA THR A 341 62.61 27.88 -7.12
C THR A 341 62.14 29.33 -7.10
N GLN A 342 61.43 29.73 -8.15
CA GLN A 342 60.91 31.07 -8.30
C GLN A 342 59.39 31.02 -8.30
N LEU A 343 58.76 31.91 -7.52
CA LEU A 343 57.32 32.05 -7.56
C LEU A 343 56.90 32.57 -8.93
N MET A 344 55.80 32.04 -9.46
CA MET A 344 55.30 32.44 -10.76
C MET A 344 53.81 32.73 -10.68
N TYR A 345 53.37 33.67 -11.51
CA TYR A 345 51.97 34.05 -11.61
C TYR A 345 51.48 33.73 -13.00
N LYS A 346 50.31 33.09 -13.09
CA LYS A 346 49.69 32.77 -14.37
C LYS A 346 48.24 33.23 -14.34
N TRP A 347 47.79 33.82 -15.46
CA TRP A 347 46.40 34.24 -15.57
C TRP A 347 45.49 33.02 -15.62
N ALA A 348 44.23 33.24 -15.27
CA ALA A 348 43.23 32.18 -15.37
C ALA A 348 43.13 31.68 -16.81
N ILE A 349 43.10 30.35 -16.96
CA ILE A 349 43.12 29.77 -18.31
C ILE A 349 41.93 30.21 -19.14
N PRO A 350 40.68 30.17 -18.65
CA PRO A 350 39.58 30.76 -19.45
C PRO A 350 39.50 32.26 -19.24
N LYS A 351 40.54 32.98 -19.67
CA LYS A 351 40.63 34.40 -19.43
C LYS A 351 39.56 35.16 -20.22
N ILE A 352 38.93 36.12 -19.56
CA ILE A 352 37.92 36.96 -20.21
C ILE A 352 38.16 38.44 -20.01
N CYS A 353 39.05 38.85 -19.13
CA CYS A 353 39.33 40.26 -18.89
C CYS A 353 40.47 40.75 -19.79
N GLY A 354 40.56 42.07 -19.91
CA GLY A 354 41.56 42.71 -20.75
C GLY A 354 42.57 43.47 -19.90
N GLU A 355 43.85 43.17 -20.13
CA GLU A 355 44.91 43.81 -19.35
C GLU A 355 45.15 45.24 -19.81
N ASP A 356 44.97 45.51 -21.11
CA ASP A 356 45.20 46.85 -21.64
C ASP A 356 44.21 47.87 -21.11
N LEU A 357 43.06 47.43 -20.61
CA LEU A 357 42.06 48.35 -20.09
C LEU A 357 42.57 49.05 -18.84
N GLU A 358 42.21 50.31 -18.69
CA GLU A 358 42.61 51.08 -17.51
C GLU A 358 41.93 50.56 -16.26
N GLY A 359 42.59 50.75 -15.12
CA GLY A 359 42.10 50.26 -13.86
C GLY A 359 42.35 48.79 -13.59
N ALA A 360 43.05 48.09 -14.48
CA ALA A 360 43.35 46.68 -14.34
C ALA A 360 44.81 46.50 -13.97
N VAL A 361 45.06 45.75 -12.91
CA VAL A 361 46.42 45.51 -12.45
C VAL A 361 47.12 44.56 -13.41
N LYS A 362 48.37 44.88 -13.74
CA LYS A 362 49.15 44.04 -14.62
C LYS A 362 49.57 42.76 -13.90
N LEU A 363 50.25 41.89 -14.62
CA LEU A 363 50.73 40.65 -14.03
C LEU A 363 51.79 40.98 -12.98
N PRO A 364 51.60 40.59 -11.71
CA PRO A 364 52.58 40.95 -10.68
C PRO A 364 53.95 40.37 -10.96
N ALA A 365 54.98 41.14 -10.62
CA ALA A 365 56.35 40.72 -10.85
C ALA A 365 56.65 39.43 -10.08
N SER A 366 57.22 38.46 -10.77
CA SER A 366 57.48 37.15 -10.20
C SER A 366 58.85 36.66 -10.65
N GLY A 367 59.43 35.78 -9.85
CA GLY A 367 60.73 35.23 -10.18
C GLY A 367 61.74 35.35 -9.06
N VAL A 368 61.27 35.59 -7.83
CA VAL A 368 62.16 35.67 -6.69
C VAL A 368 62.72 34.28 -6.42
N LYS A 369 64.04 34.14 -6.50
CA LYS A 369 64.70 32.85 -6.39
C LYS A 369 64.83 32.47 -4.93
N THR A 370 64.24 31.32 -4.57
CA THR A 370 64.34 30.76 -3.23
C THR A 370 64.67 29.29 -3.33
N ARG A 371 65.27 28.76 -2.27
CA ARG A 371 65.70 27.37 -2.26
C ARG A 371 64.49 26.44 -2.36
N CYS A 372 64.66 25.36 -3.14
CA CYS A 372 63.59 24.38 -3.28
C CYS A 372 63.37 23.64 -1.96
N PRO A 373 62.13 23.26 -1.67
CA PRO A 373 61.90 22.38 -0.53
C PRO A 373 62.58 21.05 -0.74
N PRO A 374 63.02 20.40 0.34
CA PRO A 374 63.72 19.11 0.18
C PRO A 374 62.80 18.05 -0.39
N CYS A 375 63.41 17.07 -1.05
CA CYS A 375 62.64 15.99 -1.65
C CYS A 375 61.85 15.24 -0.58
N ASN A 376 60.73 14.66 -0.99
CA ASN A 376 59.84 14.00 -0.05
C ASN A 376 60.49 12.75 0.51
N PRO A 377 60.09 12.33 1.71
CA PRO A 377 60.65 11.10 2.31
C PRO A 377 60.43 9.90 1.39
N GLY A 378 61.55 9.35 0.91
CA GLY A 378 61.54 8.22 0.01
C GLY A 378 62.09 8.51 -1.37
N PHE A 379 62.31 9.78 -1.72
CA PHE A 379 62.88 10.17 -3.00
C PHE A 379 64.30 10.68 -2.78
N PHE A 380 65.21 10.26 -3.65
CA PHE A 380 66.59 10.72 -3.58
C PHE A 380 66.74 12.06 -4.29
N LYS A 381 67.40 13.00 -3.62
CA LYS A 381 67.63 14.32 -4.20
C LYS A 381 68.79 14.30 -5.18
N ASN A 384 70.95 16.86 -10.31
CA ASN A 384 70.01 17.57 -11.15
C ASN A 384 68.91 18.22 -10.30
N SER A 385 68.95 17.96 -9.00
CA SER A 385 68.01 18.49 -8.01
C SER A 385 66.58 18.03 -8.25
N THR A 386 66.36 17.06 -9.12
CA THR A 386 65.02 16.54 -9.37
C THR A 386 64.70 15.43 -8.37
N CYS A 387 63.48 15.45 -7.86
CA CYS A 387 63.03 14.46 -6.87
C CYS A 387 62.52 13.23 -7.60
N GLU A 388 63.20 12.11 -7.40
CA GLU A 388 62.81 10.84 -8.01
C GLU A 388 62.96 9.74 -6.97
N PRO A 389 62.18 8.68 -7.05
CA PRO A 389 62.29 7.59 -6.07
C PRO A 389 63.65 6.92 -6.13
N CYS A 390 64.13 6.49 -4.97
CA CYS A 390 65.36 5.73 -4.85
C CYS A 390 65.03 4.26 -4.54
N PRO A 391 65.96 3.34 -4.78
CA PRO A 391 65.59 1.91 -4.78
C PRO A 391 64.97 1.45 -3.48
N TYR A 392 64.07 0.47 -3.59
CA TYR A 392 63.37 -0.07 -2.43
C TYR A 392 64.36 -0.76 -1.49
N GLY A 393 63.91 -0.97 -0.26
CA GLY A 393 64.77 -1.49 0.78
C GLY A 393 65.58 -0.44 1.50
N SER A 394 65.30 0.84 1.28
CA SER A 394 66.00 1.93 1.92
C SER A 394 65.01 3.03 2.29
N TYR A 395 65.38 3.82 3.29
CA TYR A 395 64.55 4.90 3.78
C TYR A 395 65.31 6.22 3.73
N SER A 396 64.59 7.29 3.44
CA SER A 396 65.20 8.60 3.26
C SER A 396 64.64 9.60 4.27
N ASN A 397 65.55 10.42 4.82
CA ASN A 397 65.16 11.60 5.57
C ASN A 397 65.10 12.84 4.70
N GLY A 398 65.66 12.77 3.49
CA GLY A 398 65.72 13.89 2.56
C GLY A 398 67.10 14.14 2.00
N SER A 399 68.14 13.97 2.82
CA SER A 399 69.50 14.14 2.33
C SER A 399 69.89 13.03 1.37
N ASP A 400 69.70 11.78 1.77
CA ASP A 400 69.99 10.61 0.97
C ASP A 400 69.41 9.39 1.67
N CYS A 401 68.78 8.50 0.90
CA CYS A 401 68.13 7.34 1.51
C CYS A 401 69.16 6.30 1.89
N THR A 402 69.21 5.96 3.18
CA THR A 402 70.17 5.00 3.71
C THR A 402 69.61 3.59 3.57
N HIS A 403 70.45 2.68 3.10
CA HIS A 403 70.02 1.29 2.94
C HIS A 403 69.75 0.66 4.31
N CYS A 404 68.65 -0.11 4.38
CA CYS A 404 68.32 -0.83 5.60
C CYS A 404 69.03 -2.18 5.66
N PRO A 405 69.22 -2.69 6.87
CA PRO A 405 69.63 -4.09 7.03
C PRO A 405 68.50 -5.02 6.59
N ALA A 406 68.88 -6.27 6.35
CA ALA A 406 67.89 -7.26 5.92
C ALA A 406 66.83 -7.50 6.99
N GLY A 407 67.24 -7.52 8.25
CA GLY A 407 66.29 -7.78 9.32
C GLY A 407 65.20 -6.74 9.43
N THR A 408 65.58 -5.46 9.36
CA THR A 408 64.60 -4.39 9.42
C THR A 408 63.76 -4.37 8.15
N GLU A 409 62.49 -3.97 8.30
CA GLU A 409 61.53 -4.05 7.20
C GLU A 409 61.33 -2.69 6.55
N PRO A 410 61.37 -2.61 5.23
CA PRO A 410 61.00 -1.36 4.55
C PRO A 410 59.50 -1.09 4.68
N ALA A 411 59.14 0.18 4.59
CA ALA A 411 57.75 0.61 4.68
C ALA A 411 57.22 0.89 3.28
N VAL A 412 56.14 0.23 2.93
CA VAL A 412 55.48 0.44 1.64
C VAL A 412 54.37 1.47 1.81
N GLY A 413 54.28 2.39 0.87
CA GLY A 413 53.32 3.48 0.92
C GLY A 413 53.90 4.74 0.33
N PHE A 414 53.01 5.69 0.02
CA PHE A 414 53.38 6.97 -0.56
C PHE A 414 53.12 8.09 0.42
N GLU A 415 54.12 8.94 0.62
CA GLU A 415 53.99 10.14 1.45
C GLU A 415 54.28 11.35 0.59
N TYR A 416 53.37 12.33 0.62
CA TYR A 416 53.50 13.55 -0.17
C TYR A 416 53.38 14.74 0.77
N LYS A 417 54.51 15.34 1.12
CA LYS A 417 54.56 16.47 2.02
C LYS A 417 55.05 17.75 1.35
N TRP A 418 56.18 17.70 0.66
CA TRP A 418 56.75 18.87 0.01
C TRP A 418 56.31 18.90 -1.44
N TRP A 419 55.84 20.05 -1.89
CA TRP A 419 55.22 20.20 -3.21
C TRP A 419 56.09 21.07 -4.11
N ASN A 420 56.91 20.43 -4.94
CA ASN A 420 57.57 21.12 -6.05
C ASN A 420 56.88 20.87 -7.38
N THR A 421 56.29 19.69 -7.55
CA THR A 421 55.49 19.37 -8.72
C THR A 421 54.51 18.28 -8.32
N LEU A 422 53.47 18.14 -9.13
CA LEU A 422 52.49 17.09 -8.87
C LEU A 422 53.14 15.73 -9.11
N PRO A 423 53.12 14.83 -8.14
CA PRO A 423 53.68 13.48 -8.34
C PRO A 423 52.98 12.74 -9.46
N SER A 424 53.54 11.57 -9.79
CA SER A 424 53.03 10.80 -10.93
C SER A 424 51.59 10.37 -10.71
N ASN A 425 51.26 9.89 -9.51
CA ASN A 425 49.89 9.46 -9.25
C ASN A 425 48.95 10.64 -9.11
N MET A 426 49.47 11.79 -8.72
CA MET A 426 48.65 13.01 -8.65
C MET A 426 48.11 13.38 -10.02
N GLU A 427 46.81 13.69 -10.05
CA GLU A 427 46.22 14.37 -11.19
C GLU A 427 45.25 15.41 -10.65
N THR A 428 45.14 16.52 -11.36
CA THR A 428 44.23 17.60 -10.99
C THR A 428 43.34 17.92 -12.17
N THR A 429 42.04 18.08 -11.90
CA THR A 429 41.05 18.35 -12.94
C THR A 429 40.09 19.41 -12.43
N VAL A 430 39.45 20.10 -13.36
CA VAL A 430 38.48 21.14 -13.04
C VAL A 430 37.11 20.70 -13.52
N LEU A 431 36.10 20.88 -12.69
CA LEU A 431 34.71 20.61 -13.04
C LEU A 431 33.93 21.91 -12.97
N SER A 432 33.19 22.22 -14.02
CA SER A 432 32.44 23.46 -14.12
C SER A 432 31.13 23.36 -13.34
N GLY A 433 30.66 24.50 -12.85
CA GLY A 433 29.43 24.54 -12.08
C GLY A 433 28.25 25.03 -12.89
N ILE A 434 28.48 25.43 -14.14
CA ILE A 434 27.40 25.93 -14.98
C ILE A 434 26.94 24.86 -15.97
N ASN A 435 27.83 23.94 -16.35
CA ASN A 435 27.49 22.90 -17.31
C ASN A 435 27.90 21.50 -16.88
N PHE A 436 28.79 21.35 -15.90
CA PHE A 436 29.13 20.06 -15.30
C PHE A 436 29.86 19.15 -16.29
N GLU A 437 30.87 19.71 -16.97
CA GLU A 437 31.80 18.93 -17.77
C GLU A 437 33.22 19.14 -17.26
N TYR A 438 34.03 18.09 -17.36
CA TYR A 438 35.38 18.07 -16.78
C TYR A 438 36.35 18.68 -17.78
N LYS A 439 36.66 19.96 -17.61
CA LYS A 439 37.68 20.59 -18.45
C LYS A 439 39.06 20.04 -18.14
N GLY A 440 39.40 19.96 -16.85
CA GLY A 440 40.63 19.31 -16.43
C GLY A 440 41.91 20.06 -16.74
N LEU A 441 41.85 21.39 -16.88
CA LEU A 441 43.04 22.15 -17.19
C LEU A 441 44.07 22.08 -16.06
N THR A 442 43.77 22.74 -14.94
CA THR A 442 44.60 22.77 -13.74
C THR A 442 43.71 23.13 -12.57
N GLY A 443 43.50 22.20 -11.65
CA GLY A 443 42.62 22.47 -10.53
C GLY A 443 43.32 22.84 -9.25
N TRP A 444 44.44 22.18 -8.97
CA TRP A 444 45.23 22.43 -7.78
C TRP A 444 46.67 22.71 -8.18
N GLU A 445 47.25 23.76 -7.63
CA GLU A 445 48.64 24.10 -7.90
C GLU A 445 49.48 23.91 -6.65
N VAL A 446 50.77 23.65 -6.84
CA VAL A 446 51.71 23.43 -5.76
C VAL A 446 52.18 24.78 -5.24
N ALA A 447 52.50 24.83 -3.94
CA ALA A 447 53.00 26.05 -3.30
C ALA A 447 54.14 25.76 -2.33
N GLY A 448 54.76 24.59 -2.42
CA GLY A 448 55.86 24.24 -1.56
C GLY A 448 55.44 23.69 -0.22
N ASP A 449 55.01 24.57 0.68
CA ASP A 449 54.53 24.11 2.00
C ASP A 449 53.17 23.45 1.89
N HIS A 450 52.31 23.95 1.02
CA HIS A 450 50.97 23.42 0.84
C HIS A 450 50.69 23.27 -0.64
N ILE A 451 49.58 22.62 -0.96
CA ILE A 451 49.08 22.57 -2.33
C ILE A 451 47.80 23.41 -2.39
N TYR A 452 47.87 24.46 -3.21
CA TYR A 452 46.83 25.45 -3.32
C TYR A 452 45.59 24.86 -3.98
N THR A 453 44.53 25.66 -4.08
CA THR A 453 43.37 25.34 -4.91
C THR A 453 43.26 26.44 -5.95
N ALA A 454 43.44 26.07 -7.22
CA ALA A 454 43.61 27.03 -8.29
C ALA A 454 42.32 27.82 -8.50
N VAL A 455 42.37 28.74 -9.46
CA VAL A 455 41.22 29.52 -9.84
C VAL A 455 40.55 28.83 -11.03
N GLY A 456 39.27 28.53 -10.88
CA GLY A 456 38.52 27.89 -11.94
C GLY A 456 37.96 28.87 -12.95
N ALA A 457 37.22 28.32 -13.92
CA ALA A 457 36.54 29.17 -14.89
C ALA A 457 35.51 30.06 -14.21
N SER A 458 34.77 29.51 -13.25
CA SER A 458 33.72 30.23 -12.54
C SER A 458 33.83 29.95 -11.04
N ASP A 459 33.08 30.73 -10.26
CA ASP A 459 33.11 30.57 -8.81
C ASP A 459 32.42 29.30 -8.34
N ASN A 460 31.70 28.61 -9.22
CA ASN A 460 31.02 27.37 -8.87
C ASN A 460 31.84 26.13 -9.18
N ASP A 461 33.09 26.30 -9.62
CA ASP A 461 33.86 25.18 -10.15
C ASP A 461 34.28 24.21 -9.05
N PHE A 462 34.35 22.93 -9.40
CA PHE A 462 34.85 21.89 -8.50
C PHE A 462 36.30 21.60 -8.86
N MET A 463 37.23 22.29 -8.21
CA MET A 463 38.65 22.06 -8.45
C MET A 463 39.01 20.70 -7.85
N ILE A 464 39.12 19.69 -8.70
CA ILE A 464 39.21 18.30 -8.26
C ILE A 464 40.66 17.86 -8.29
N LEU A 465 41.16 17.43 -7.13
CA LEU A 465 42.46 16.79 -7.01
C LEU A 465 42.25 15.31 -6.74
N THR A 466 42.96 14.46 -7.45
CA THR A 466 42.76 13.01 -7.37
C THR A 466 44.07 12.32 -7.04
N LEU A 467 44.06 11.44 -6.06
CA LEU A 467 45.29 10.64 -5.83
C LEU A 467 44.84 9.24 -6.20
N VAL A 468 45.46 8.61 -7.17
CA VAL A 468 45.01 7.23 -7.46
C VAL A 468 46.12 6.26 -7.03
N VAL A 469 45.80 5.32 -6.15
CA VAL A 469 46.83 4.32 -5.76
C VAL A 469 46.27 2.96 -6.16
N PRO A 470 47.02 2.17 -6.96
CA PRO A 470 46.54 0.88 -7.42
C PRO A 470 46.37 -0.25 -6.42
N GLY A 471 47.35 -0.45 -5.54
CA GLY A 471 47.26 -1.64 -4.67
C GLY A 471 47.99 -1.48 -3.35
N PHE A 472 47.54 -2.21 -2.33
CA PHE A 472 48.13 -2.06 -0.99
C PHE A 472 48.73 -3.38 -0.57
N ARG A 473 49.99 -3.35 -0.12
CA ARG A 473 50.71 -4.58 0.29
C ARG A 473 50.53 -4.72 1.80
N PRO A 474 49.79 -5.73 2.28
CA PRO A 474 49.54 -5.80 3.70
C PRO A 474 50.75 -6.30 4.40
N PRO A 475 51.19 -5.68 5.50
CA PRO A 475 52.26 -6.31 6.29
C PRO A 475 51.87 -7.72 6.67
N GLN A 476 52.88 -8.58 6.82
CA GLN A 476 52.62 -10.01 7.06
C GLN A 476 51.85 -10.24 8.35
N SER A 477 52.20 -9.52 9.42
CA SER A 477 51.50 -9.70 10.69
C SER A 477 50.03 -9.33 10.58
N VAL A 478 49.72 -8.23 9.89
CA VAL A 478 48.34 -7.78 9.78
C VAL A 478 47.50 -8.78 8.99
N VAL A 479 48.05 -9.28 7.87
CA VAL A 479 47.31 -10.20 7.03
C VAL A 479 47.05 -11.53 7.72
N ALA A 480 47.86 -11.87 8.73
CA ALA A 480 47.67 -13.15 9.42
C ALA A 480 46.33 -13.21 10.13
N ASP A 481 45.92 -12.11 10.75
CA ASP A 481 44.66 -12.06 11.49
C ASP A 481 43.52 -11.69 10.55
N THR A 482 42.53 -12.58 10.44
CA THR A 482 41.38 -12.30 9.59
C THR A 482 40.44 -11.29 10.24
N GLU A 483 40.47 -11.19 11.58
CA GLU A 483 39.60 -10.25 12.27
C GLU A 483 39.99 -8.80 11.96
N ASN A 484 41.26 -8.54 11.72
CA ASN A 484 41.70 -7.21 11.34
C ASN A 484 41.08 -6.81 10.00
N LYS A 485 40.55 -5.60 9.94
CA LYS A 485 39.89 -5.11 8.74
C LYS A 485 40.68 -4.05 7.98
N GLU A 486 41.83 -3.62 8.49
CA GLU A 486 42.58 -2.56 7.86
C GLU A 486 43.49 -3.10 6.77
N VAL A 487 43.32 -2.58 5.55
CA VAL A 487 44.23 -2.85 4.46
C VAL A 487 45.22 -1.70 4.26
N ALA A 488 44.83 -0.49 4.66
CA ALA A 488 45.77 0.67 4.69
C ALA A 488 44.97 1.94 4.98
N ARG A 489 45.65 3.06 5.22
CA ARG A 489 44.95 4.28 5.65
C ARG A 489 45.47 5.55 4.96
N ILE A 490 44.69 6.63 4.98
CA ILE A 490 45.11 7.90 4.34
C ILE A 490 44.95 9.03 5.35
N THR A 491 45.65 10.16 5.18
CA THR A 491 45.53 11.32 6.08
C THR A 491 45.64 12.58 5.26
N PHE A 492 45.55 13.75 5.87
CA PHE A 492 45.64 15.04 5.15
C PHE A 492 45.77 16.14 6.17
N VAL A 493 45.89 17.41 5.78
CA VAL A 493 45.78 18.56 6.72
C VAL A 493 44.81 19.48 5.98
N PHE A 494 43.52 19.19 5.96
CA PHE A 494 42.60 19.88 5.04
C PHE A 494 42.27 21.22 5.51
N GLU A 495 43.21 22.11 5.32
CA GLU A 495 43.04 23.46 5.88
C GLU A 495 42.00 24.15 5.06
N THR A 496 41.57 25.32 5.48
CA THR A 496 40.68 26.09 4.60
C THR A 496 40.83 27.53 5.00
N ILE A 497 40.28 28.47 4.25
CA ILE A 497 40.28 29.91 4.65
C ILE A 497 39.01 30.42 3.99
N CYS A 498 38.04 29.56 3.94
CA CYS A 498 36.78 29.80 3.25
C CYS A 498 35.93 30.84 3.98
N SER A 499 35.08 31.52 3.20
CA SER A 499 34.15 32.49 3.75
C SER A 499 32.73 31.93 3.87
N VAL A 500 32.13 31.55 2.75
CA VAL A 500 30.72 31.14 2.74
C VAL A 500 30.51 30.04 1.71
N ASN A 501 29.63 29.10 2.05
CA ASN A 501 29.00 28.18 1.09
C ASN A 501 30.02 27.39 0.26
N CYS A 502 31.07 26.90 0.91
CA CYS A 502 32.04 26.05 0.26
C CYS A 502 31.98 24.64 0.84
N GLU A 503 32.39 23.66 0.03
CA GLU A 503 32.26 22.26 0.43
C GLU A 503 33.47 21.49 -0.09
N LEU A 504 34.36 21.11 0.81
CA LEU A 504 35.49 20.25 0.47
C LEU A 504 35.06 18.79 0.60
N TYR A 505 35.03 18.07 -0.52
CA TYR A 505 34.63 16.68 -0.55
C TYR A 505 35.86 15.77 -0.53
N PHE A 506 35.76 14.56 0.01
CA PHE A 506 36.88 13.56 0.01
C PHE A 506 36.35 12.20 -0.38
N MET A 507 36.07 11.95 -1.64
CA MET A 507 35.39 10.79 -2.20
C MET A 507 36.42 9.70 -2.47
N VAL A 508 36.04 8.46 -2.19
CA VAL A 508 36.91 7.30 -2.40
C VAL A 508 36.22 6.34 -3.35
N GLY A 509 36.91 5.94 -4.40
CA GLY A 509 36.41 4.96 -5.34
C GLY A 509 37.40 3.85 -5.60
N MET A 510 37.04 2.63 -5.22
CA MET A 510 37.92 1.48 -5.35
C MET A 510 37.64 0.74 -6.64
N ASN A 511 38.69 0.15 -7.22
CA ASN A 511 38.67 -0.71 -8.42
C ASN A 511 37.58 -0.34 -9.41
N SER A 512 37.55 0.94 -9.80
CA SER A 512 36.64 1.52 -10.79
C SER A 512 35.19 1.52 -10.33
N ARG A 513 34.92 1.27 -9.06
CA ARG A 513 33.56 1.41 -8.56
C ARG A 513 33.18 2.88 -8.49
N THR A 514 31.87 3.13 -8.39
CA THR A 514 31.37 4.50 -8.36
C THR A 514 31.87 5.22 -7.11
N ASN A 515 32.12 6.52 -7.26
CA ASN A 515 32.63 7.31 -6.16
C ASN A 515 31.55 7.52 -5.10
N THR A 516 31.92 7.29 -3.84
CA THR A 516 31.04 7.51 -2.70
C THR A 516 31.70 8.50 -1.75
N PRO A 517 31.02 9.60 -1.40
CA PRO A 517 31.68 10.61 -0.55
C PRO A 517 31.89 10.13 0.87
N VAL A 518 33.15 9.81 1.20
CA VAL A 518 33.46 9.37 2.56
C VAL A 518 33.22 10.50 3.55
N GLU A 519 33.64 11.72 3.22
CA GLU A 519 33.42 12.87 4.08
C GLU A 519 33.11 14.09 3.21
N THR A 520 32.49 15.08 3.83
CA THR A 520 32.12 16.32 3.13
C THR A 520 32.21 17.45 4.15
N TRP A 521 33.33 18.15 4.17
CA TRP A 521 33.50 19.27 5.06
C TRP A 521 32.87 20.52 4.47
N LYS A 522 32.44 21.43 5.34
CA LYS A 522 31.74 22.63 4.91
C LYS A 522 32.22 23.81 5.75
N GLY A 523 32.14 25.00 5.18
CA GLY A 523 32.46 26.21 5.90
C GLY A 523 33.95 26.31 6.20
N THR A 524 34.29 27.38 6.92
CA THR A 524 35.67 27.59 7.30
C THR A 524 36.13 26.51 8.27
N LYS A 525 37.37 26.08 8.12
CA LYS A 525 37.96 25.07 8.98
C LYS A 525 39.39 25.47 9.31
N GLY A 526 40.03 24.68 10.17
CA GLY A 526 41.39 24.91 10.57
C GLY A 526 42.31 23.75 10.21
N LYS A 527 43.57 23.90 10.58
CA LYS A 527 44.53 22.83 10.37
C LYS A 527 44.06 21.58 11.10
N GLN A 528 43.51 20.66 10.33
CA GLN A 528 42.92 19.46 10.95
C GLN A 528 43.56 18.20 10.39
N SER A 529 42.77 17.20 10.03
CA SER A 529 43.32 15.92 9.50
C SER A 529 42.18 14.97 9.20
N TYR A 530 42.49 13.72 8.90
CA TYR A 530 41.44 12.71 8.67
C TYR A 530 42.15 11.43 8.42
N THR A 531 41.62 10.33 8.92
CA THR A 531 42.24 9.01 8.74
C THR A 531 41.18 7.99 8.35
N TYR A 532 41.10 7.71 7.04
CA TYR A 532 40.19 6.71 6.52
C TYR A 532 40.92 5.39 6.37
N THR A 533 40.33 4.32 6.90
CA THR A 533 40.93 2.99 6.87
C THR A 533 40.35 2.24 5.68
N ILE A 534 41.18 1.99 4.67
CA ILE A 534 40.74 1.26 3.50
C ILE A 534 40.42 -0.17 3.88
N GLU A 535 39.26 -0.66 3.44
CA GLU A 535 38.76 -1.96 3.86
C GLU A 535 38.98 -3.07 2.83
N GLU A 536 39.60 -2.78 1.68
CA GLU A 536 39.71 -3.82 0.68
C GLU A 536 40.83 -3.47 -0.30
N ASN A 537 41.50 -4.50 -0.84
CA ASN A 537 42.56 -4.27 -1.86
C ASN A 537 41.90 -3.93 -3.20
N ALA A 538 42.07 -2.70 -3.67
CA ALA A 538 41.53 -2.24 -4.94
C ALA A 538 42.38 -1.08 -5.44
N THR A 539 42.23 -0.74 -6.72
CA THR A 539 42.77 0.50 -7.22
C THR A 539 41.87 1.64 -6.78
N VAL A 540 42.29 2.37 -5.77
CA VAL A 540 41.46 3.40 -5.15
C VAL A 540 41.72 4.72 -5.86
N SER A 541 40.68 5.54 -5.93
CA SER A 541 40.74 6.87 -6.52
C SER A 541 40.38 7.88 -5.42
N PHE A 542 41.39 8.28 -4.65
CA PHE A 542 41.21 9.28 -3.61
C PHE A 542 41.05 10.64 -4.28
N THR A 543 39.86 11.24 -4.17
CA THR A 543 39.56 12.48 -4.85
C THR A 543 39.17 13.55 -3.85
N TRP A 544 39.69 14.75 -4.03
CA TRP A 544 39.30 15.87 -3.15
C TRP A 544 38.71 16.92 -4.03
N ALA A 545 37.52 17.42 -3.77
CA ALA A 545 36.78 18.36 -4.57
C ALA A 545 36.46 19.59 -3.73
N PHE A 546 36.87 20.77 -4.21
CA PHE A 546 36.62 22.02 -3.53
C PHE A 546 35.71 22.89 -4.39
N GLN A 547 34.69 23.48 -3.78
CA GLN A 547 33.78 24.38 -4.46
C GLN A 547 33.83 25.74 -3.76
N ARG A 548 34.11 26.80 -4.54
CA ARG A 548 34.21 28.12 -3.93
C ARG A 548 32.87 28.59 -3.38
N THR A 549 31.78 28.36 -4.10
CA THR A 549 30.46 28.74 -3.63
C THR A 549 29.41 27.92 -4.34
N THR A 550 28.28 27.73 -3.68
CA THR A 550 27.14 27.07 -4.29
C THR A 550 26.28 28.02 -5.11
N LEU A 551 26.46 29.33 -4.92
CA LEU A 551 25.67 30.32 -5.65
C LEU A 551 26.13 30.38 -7.10
N HIS A 552 25.17 30.55 -8.01
CA HIS A 552 25.45 30.67 -9.43
C HIS A 552 25.52 32.16 -9.77
N GLU A 553 26.73 32.64 -10.05
CA GLU A 553 26.94 34.05 -10.38
C GLU A 553 28.02 34.14 -11.44
N THR A 554 27.87 35.11 -12.33
CA THR A 554 28.81 35.28 -13.44
C THR A 554 30.11 35.91 -12.95
N GLY A 555 31.21 35.20 -13.11
CA GLY A 555 32.53 35.71 -12.77
C GLY A 555 33.12 34.98 -11.57
N ARG A 556 34.31 35.45 -11.19
CA ARG A 556 35.07 34.90 -10.08
C ARG A 556 35.00 35.87 -8.91
N LYS A 557 34.59 35.38 -7.75
CA LYS A 557 34.41 36.22 -6.57
C LYS A 557 35.13 35.76 -5.32
N TYR A 558 35.22 34.45 -5.08
CA TYR A 558 35.78 33.92 -3.85
C TYR A 558 37.11 33.19 -4.10
N THR A 559 37.94 33.74 -4.98
CA THR A 559 39.24 33.11 -5.24
C THR A 559 40.14 33.14 -4.02
N ASN A 560 39.85 34.01 -3.05
CA ASN A 560 40.64 34.03 -1.83
C ASN A 560 40.26 32.92 -0.88
N ASP A 561 39.08 32.33 -1.05
CA ASP A 561 38.61 31.23 -0.22
C ASP A 561 39.25 29.94 -0.73
N VAL A 562 40.50 29.73 -0.32
CA VAL A 562 41.33 28.67 -0.86
C VAL A 562 41.52 27.58 0.18
N ALA A 563 41.20 26.35 -0.19
CA ALA A 563 41.55 25.20 0.64
C ALA A 563 43.04 24.93 0.48
N LYS A 564 43.59 24.11 1.36
CA LYS A 564 45.00 23.74 1.30
C LYS A 564 45.16 22.32 1.82
N ILE A 565 46.05 21.55 1.20
CA ILE A 565 46.36 20.19 1.76
C ILE A 565 47.86 20.10 2.06
N TYR A 566 48.31 20.25 3.31
CA TYR A 566 49.72 20.32 3.65
C TYR A 566 50.43 18.98 3.51
N SER A 567 49.65 17.90 3.44
CA SER A 567 50.28 16.58 3.15
C SER A 567 49.27 15.44 3.09
N ILE A 568 49.49 14.41 2.25
CA ILE A 568 48.51 13.31 2.07
C ILE A 568 49.21 11.97 2.25
N ASN A 569 49.52 11.52 3.46
CA ASN A 569 50.32 10.34 3.76
C ASN A 569 49.44 9.10 3.62
N VAL A 570 49.88 8.17 2.78
CA VAL A 570 49.20 6.89 2.55
C VAL A 570 50.18 5.76 2.84
N THR A 571 49.73 4.77 3.58
CA THR A 571 50.56 3.63 3.96
C THR A 571 50.11 2.37 3.24
N ASN A 572 51.04 1.40 3.15
CA ASN A 572 50.79 0.10 2.55
C ASN A 572 50.36 0.24 1.09
N VAL A 573 51.29 0.75 0.29
CA VAL A 573 51.10 0.89 -1.15
C VAL A 573 52.20 0.11 -1.86
N MET A 574 51.82 -0.73 -2.81
CA MET A 574 52.79 -1.48 -3.59
C MET A 574 53.71 -0.53 -4.36
N GLY A 575 55.00 -0.83 -4.32
CA GLY A 575 55.98 0.06 -4.92
C GLY A 575 56.15 1.36 -4.19
N GLY A 576 55.78 1.42 -2.91
CA GLY A 576 55.88 2.65 -2.16
C GLY A 576 57.27 2.89 -1.61
N VAL A 577 57.56 4.17 -1.38
CA VAL A 577 58.82 4.59 -0.77
C VAL A 577 58.70 4.46 0.74
N ALA A 578 59.82 4.57 1.45
CA ALA A 578 59.83 4.38 2.90
C ALA A 578 60.57 5.52 3.58
N SER A 579 60.04 5.94 4.72
CA SER A 579 60.76 6.77 5.67
C SER A 579 60.96 6.10 7.02
N TYR A 580 60.11 5.14 7.38
CA TYR A 580 60.31 4.29 8.54
C TYR A 580 60.83 2.94 8.08
N CYS A 581 61.88 2.47 8.72
CA CYS A 581 62.47 1.17 8.41
C CYS A 581 62.12 0.25 9.57
N ARG A 582 61.02 -0.48 9.43
CA ARG A 582 60.41 -1.15 10.57
C ARG A 582 61.35 -2.20 11.18
N PRO A 583 61.57 -2.19 12.48
CA PRO A 583 62.40 -3.21 13.13
C PRO A 583 61.57 -4.46 13.42
N CYS A 584 61.94 -5.57 12.77
CA CYS A 584 61.21 -6.81 12.89
C CYS A 584 62.15 -7.93 13.31
N ALA A 585 61.59 -8.93 14.00
CA ALA A 585 62.40 -10.04 14.49
C ALA A 585 62.95 -10.86 13.32
N LEU A 586 64.21 -11.28 13.46
CA LEU A 586 64.87 -12.04 12.40
C LEU A 586 64.19 -13.40 12.22
N GLU A 587 64.16 -13.85 10.97
CA GLU A 587 63.55 -15.13 10.64
C GLU A 587 64.33 -16.29 11.24
N CYS A 595 62.99 -9.98 8.25
CA CYS A 595 61.96 -10.54 9.14
C CYS A 595 61.02 -11.46 8.37
N THR A 596 60.09 -12.08 9.08
CA THR A 596 59.14 -13.00 8.47
C THR A 596 57.85 -13.00 9.28
N SER A 597 56.81 -13.58 8.68
CA SER A 597 55.50 -13.63 9.33
C SER A 597 55.55 -14.59 10.51
N CYS A 598 55.33 -14.06 11.71
CA CYS A 598 55.26 -14.90 12.89
C CYS A 598 53.94 -15.67 12.91
N PRO A 599 53.90 -16.80 13.61
CA PRO A 599 52.63 -17.51 13.79
C PRO A 599 51.61 -16.62 14.49
N ALA A 600 50.34 -16.99 14.34
CA ALA A 600 49.24 -16.17 14.82
C ALA A 600 49.37 -15.88 16.32
N GLY A 601 49.17 -14.62 16.68
CA GLY A 601 49.26 -14.21 18.06
C GLY A 601 50.63 -14.32 18.69
N HIS A 602 51.67 -13.91 17.97
CA HIS A 602 53.03 -13.93 18.48
C HIS A 602 53.61 -12.52 18.46
N TYR A 603 54.06 -12.04 19.61
CA TYR A 603 54.68 -10.74 19.66
C TYR A 603 56.10 -10.81 19.10
N ILE A 604 56.64 -9.64 18.76
CA ILE A 604 57.90 -9.55 18.03
C ILE A 604 58.85 -8.63 18.79
N ASN A 605 60.07 -9.10 19.01
CA ASN A 605 61.16 -8.29 19.56
C ASN A 605 62.28 -8.25 18.54
N ARG A 606 62.74 -7.03 18.22
CA ARG A 606 63.75 -6.87 17.17
C ARG A 606 65.06 -7.56 17.53
N ASP A 607 65.47 -7.44 18.80
CA ASP A 607 66.73 -8.05 19.23
C ASP A 607 66.61 -9.56 19.41
N SER A 608 65.46 -10.04 19.88
CA SER A 608 65.29 -11.47 20.12
C SER A 608 65.37 -12.26 18.83
N GLY A 609 64.72 -11.77 17.77
CA GLY A 609 64.65 -12.51 16.52
C GLY A 609 63.88 -13.81 16.63
N THR A 610 62.82 -13.82 17.45
CA THR A 610 62.01 -15.02 17.64
C THR A 610 60.59 -14.57 17.98
N CYS A 611 59.63 -15.43 17.64
CA CYS A 611 58.22 -15.13 17.82
C CYS A 611 57.71 -15.87 19.06
N HIS A 612 57.12 -15.13 20.00
CA HIS A 612 56.62 -15.68 21.24
C HIS A 612 55.18 -15.26 21.46
N LEU A 613 54.40 -16.15 22.07
CA LEU A 613 53.02 -15.83 22.41
C LEU A 613 52.95 -14.83 23.55
N CYS A 614 52.03 -13.88 23.44
CA CYS A 614 51.77 -12.95 24.53
C CYS A 614 51.14 -13.67 25.72
N PRO A 615 51.31 -13.14 26.93
CA PRO A 615 50.71 -13.77 28.09
C PRO A 615 49.19 -13.68 28.05
N SER A 616 48.54 -14.55 28.83
CA SER A 616 47.08 -14.62 28.82
C SER A 616 46.47 -13.28 29.22
N ASN A 617 45.23 -13.07 28.81
CA ASN A 617 44.47 -11.84 29.03
C ASN A 617 45.05 -10.65 28.29
N THR A 618 45.84 -10.88 27.24
CA THR A 618 46.42 -9.82 26.44
C THR A 618 46.17 -10.08 24.96
N ILE A 619 45.92 -9.02 24.20
CA ILE A 619 45.63 -9.12 22.78
C ILE A 619 46.67 -8.31 21.99
N LEU A 620 47.22 -8.92 20.95
CA LEU A 620 48.23 -8.29 20.13
C LEU A 620 47.58 -7.38 19.09
N LYS A 621 48.10 -6.16 18.97
CA LYS A 621 47.63 -5.21 17.97
C LYS A 621 48.41 -5.43 16.68
N ALA A 622 47.70 -5.85 15.62
CA ALA A 622 48.36 -6.16 14.37
C ALA A 622 48.97 -4.94 13.69
N HIS A 623 48.55 -3.74 14.07
CA HIS A 623 49.09 -2.54 13.46
C HIS A 623 50.57 -2.37 13.77
N GLN A 624 50.93 -2.47 15.05
CA GLN A 624 52.30 -2.26 15.50
C GLN A 624 52.75 -3.41 16.40
N PRO A 625 53.01 -4.59 15.82
CA PRO A 625 53.54 -5.69 16.65
C PRO A 625 55.05 -5.57 16.85
N TYR A 626 55.45 -4.52 17.56
CA TYR A 626 56.85 -4.22 17.81
C TYR A 626 57.11 -4.23 19.31
N GLY A 627 58.13 -4.98 19.74
CA GLY A 627 58.45 -5.08 21.15
C GLY A 627 57.47 -5.98 21.88
N ALA A 628 57.75 -6.15 23.18
CA ALA A 628 56.83 -6.88 24.03
C ALA A 628 55.68 -6.01 24.54
N GLN A 629 55.74 -4.70 24.30
CA GLN A 629 54.70 -3.78 24.74
C GLN A 629 53.53 -3.72 23.76
N ALA A 630 53.59 -4.46 22.66
CA ALA A 630 52.55 -4.37 21.64
C ALA A 630 51.20 -4.83 22.18
N CYS A 631 51.15 -6.03 22.76
CA CYS A 631 49.88 -6.59 23.19
C CYS A 631 49.45 -6.04 24.56
N VAL A 632 48.19 -5.64 24.62
CA VAL A 632 47.63 -4.87 25.74
C VAL A 632 46.73 -5.79 26.57
N PRO A 633 46.77 -5.69 27.90
CA PRO A 633 45.92 -6.55 28.73
C PRO A 633 44.43 -6.34 28.44
N CYS A 634 43.67 -7.42 28.53
CA CYS A 634 42.23 -7.38 28.30
C CYS A 634 41.52 -6.67 29.45
N GLY A 635 40.33 -6.17 29.16
CA GLY A 635 39.51 -5.49 30.13
C GLY A 635 38.85 -6.44 31.11
N PRO A 636 38.24 -5.91 32.15
CA PRO A 636 37.60 -6.77 33.16
C PRO A 636 36.49 -7.60 32.57
N GLY A 637 36.37 -8.83 33.04
CA GLY A 637 35.31 -9.72 32.62
C GLY A 637 35.53 -10.41 31.29
N THR A 638 36.65 -10.16 30.62
CA THR A 638 36.90 -10.70 29.29
C THR A 638 38.14 -11.60 29.30
N LYS A 639 38.20 -12.49 28.32
CA LYS A 639 39.36 -13.36 28.14
C LYS A 639 39.77 -13.36 26.67
N ASN A 640 41.08 -13.46 26.45
CA ASN A 640 41.63 -13.46 25.11
C ASN A 640 41.26 -14.73 24.35
N ASN A 641 41.04 -14.60 23.05
CA ASN A 641 40.68 -15.73 22.22
C ASN A 641 41.94 -16.54 21.84
N LYS A 642 41.74 -17.59 21.05
CA LYS A 642 42.86 -18.46 20.70
C LYS A 642 43.93 -17.70 19.93
N ILE A 643 43.53 -16.88 18.97
CA ILE A 643 44.48 -16.11 18.18
C ILE A 643 45.13 -15.00 19.00
N HIS A 644 44.61 -14.71 20.19
CA HIS A 644 45.09 -13.61 21.03
C HIS A 644 44.96 -12.28 20.32
N SER A 645 43.92 -12.14 19.50
CA SER A 645 43.72 -10.93 18.71
C SER A 645 42.74 -9.97 19.36
N LEU A 646 41.60 -10.49 19.82
CA LEU A 646 40.52 -9.65 20.34
C LEU A 646 40.06 -10.18 21.69
N CYS A 647 39.86 -9.27 22.64
CA CYS A 647 39.27 -9.63 23.92
C CYS A 647 37.81 -9.99 23.71
N TYR A 648 37.39 -11.14 24.21
CA TYR A 648 36.01 -11.58 24.11
C TYR A 648 35.54 -12.07 25.47
N ASN A 649 34.24 -12.26 25.59
CA ASN A 649 33.60 -12.64 26.84
C ASN A 649 32.93 -13.99 26.68
N ASP A 650 33.48 -15.02 27.33
CA ASP A 650 32.70 -16.23 27.52
C ASP A 650 31.45 -15.89 28.30
N CYS A 651 30.34 -16.51 27.93
CA CYS A 651 29.02 -15.99 28.29
C CYS A 651 28.76 -15.95 29.79
N THR A 652 29.75 -16.32 30.61
CA THR A 652 29.61 -16.30 32.06
C THR A 652 30.30 -15.07 32.65
N PHE A 653 29.59 -14.38 33.53
CA PHE A 653 30.16 -13.34 34.37
C PHE A 653 30.18 -13.84 35.82
N SER A 654 30.99 -13.17 36.65
CA SER A 654 31.17 -13.62 38.02
C SER A 654 31.43 -12.39 38.89
N ARG A 655 30.40 -11.93 39.58
CA ARG A 655 30.53 -10.85 40.55
C ARG A 655 30.49 -11.43 41.95
N ASN A 656 31.39 -10.94 42.80
CA ASN A 656 31.48 -11.43 44.17
C ASN A 656 31.19 -10.30 45.15
N THR A 657 30.21 -10.51 46.02
CA THR A 657 29.98 -9.67 47.17
C THR A 657 30.69 -10.26 48.38
N PRO A 658 30.97 -9.45 49.41
CA PRO A 658 31.59 -10.02 50.62
C PRO A 658 30.76 -11.11 51.26
N SER A 659 29.43 -11.02 51.18
CA SER A 659 28.58 -12.06 51.75
C SER A 659 28.59 -13.32 50.89
N ARG A 660 28.48 -13.16 49.58
CA ARG A 660 28.40 -14.31 48.68
C ARG A 660 28.85 -13.89 47.29
N ILE A 661 29.30 -14.87 46.51
CA ILE A 661 29.76 -14.64 45.14
C ILE A 661 28.64 -15.04 44.19
N PHE A 662 28.21 -14.11 43.35
CA PHE A 662 27.24 -14.42 42.32
C PHE A 662 27.90 -15.17 41.17
N ASN A 663 27.06 -15.72 40.29
CA ASN A 663 27.52 -16.33 39.06
C ASN A 663 26.42 -16.19 38.03
N TYR A 664 26.76 -15.70 36.85
CA TYR A 664 25.81 -15.55 35.75
C TYR A 664 26.22 -16.44 34.59
N ASN A 665 25.34 -16.52 33.59
CA ASN A 665 25.64 -17.26 32.37
C ASN A 665 24.64 -16.82 31.30
N PHE A 666 25.15 -16.18 30.25
CA PHE A 666 24.32 -15.59 29.21
C PHE A 666 24.35 -16.41 27.92
N SER A 667 24.63 -17.71 28.02
CA SER A 667 24.76 -18.52 26.81
C SER A 667 23.45 -18.56 26.03
N ALA A 668 22.32 -18.31 26.68
CA ALA A 668 21.07 -18.17 25.96
C ALA A 668 20.99 -16.86 25.19
N LEU A 669 21.84 -15.88 25.53
CA LEU A 669 21.84 -14.58 24.89
C LEU A 669 22.94 -14.45 23.84
N ALA A 670 23.65 -15.54 23.53
CA ALA A 670 24.75 -15.46 22.58
C ALA A 670 24.27 -15.15 21.17
N GLY A 671 23.07 -15.59 20.81
CA GLY A 671 22.57 -15.36 19.48
C GLY A 671 22.30 -13.89 19.21
N THR A 672 22.38 -13.52 17.93
CA THR A 672 22.16 -12.14 17.55
C THR A 672 20.70 -11.74 17.73
N VAL A 673 20.48 -10.55 18.27
CA VAL A 673 19.14 -10.03 18.51
C VAL A 673 19.03 -8.67 17.82
N SER A 674 17.80 -8.30 17.48
CA SER A 674 17.54 -7.08 16.74
C SER A 674 16.53 -6.22 17.48
N LEU A 675 16.56 -4.92 17.18
CA LEU A 675 15.61 -3.97 17.75
C LEU A 675 15.45 -2.79 16.80
N ALA A 676 14.21 -2.32 16.69
CA ALA A 676 13.88 -1.16 15.88
C ALA A 676 13.31 -0.06 16.77
N GLY A 677 13.74 1.16 16.54
CA GLY A 677 13.27 2.28 17.33
C GLY A 677 11.87 2.71 16.92
N VAL A 678 11.33 3.64 17.70
CA VAL A 678 9.99 4.16 17.41
C VAL A 678 10.04 4.97 16.12
N PRO A 679 9.15 4.73 15.17
CA PRO A 679 9.18 5.49 13.90
C PRO A 679 8.93 6.97 14.16
N SER A 680 9.94 7.78 13.86
CA SER A 680 9.89 9.23 14.04
C SER A 680 9.87 9.91 12.69
N PHE A 681 8.89 10.78 12.48
CA PHE A 681 8.73 11.46 11.20
C PHE A 681 9.79 12.55 11.03
N THR A 682 10.12 12.84 9.78
CA THR A 682 11.05 13.90 9.46
C THR A 682 10.36 15.25 9.49
N SER A 683 11.10 16.30 9.10
CA SER A 683 10.44 17.58 8.82
C SER A 683 9.51 17.46 7.63
N LYS A 684 9.88 16.64 6.65
CA LYS A 684 9.01 16.35 5.51
C LYS A 684 8.09 15.19 5.87
N GLY A 685 7.40 14.64 4.87
CA GLY A 685 6.45 13.57 5.12
C GLY A 685 7.06 12.21 5.40
N LEU A 686 8.35 12.04 5.12
CA LEU A 686 9.00 10.77 5.35
C LEU A 686 9.18 10.52 6.85
N LYS A 687 9.06 9.26 7.24
CA LYS A 687 9.28 8.82 8.61
C LYS A 687 10.37 7.76 8.62
N TYR A 688 11.28 7.84 9.60
CA TYR A 688 12.44 6.96 9.67
C TYR A 688 12.46 6.26 11.02
N PHE A 689 12.75 4.96 11.01
CA PHE A 689 12.96 4.19 12.22
C PHE A 689 14.23 3.37 12.07
N HIS A 690 15.11 3.47 13.06
CA HIS A 690 16.41 2.82 13.00
C HIS A 690 16.26 1.34 13.34
N HIS A 691 17.27 0.56 12.96
CA HIS A 691 17.32 -0.87 13.28
C HIS A 691 18.70 -1.18 13.83
N PHE A 692 18.74 -1.81 15.00
CA PHE A 692 20.00 -2.18 15.64
C PHE A 692 20.13 -3.70 15.73
N THR A 693 21.32 -4.21 15.40
CA THR A 693 21.62 -5.62 15.50
C THR A 693 22.74 -5.80 16.51
N LEU A 694 22.58 -6.76 17.42
CA LEU A 694 23.48 -6.94 18.55
C LEU A 694 24.06 -8.35 18.59
N SER A 695 25.33 -8.44 18.97
CA SER A 695 25.96 -9.69 19.37
C SER A 695 26.65 -9.43 20.70
N LEU A 696 26.48 -10.34 21.66
CA LEU A 696 26.84 -10.06 23.04
C LEU A 696 28.00 -10.92 23.54
N CYS A 697 27.87 -12.25 23.49
CA CYS A 697 28.83 -13.12 24.16
C CYS A 697 29.01 -14.40 23.36
N GLY A 698 30.13 -15.07 23.64
CA GLY A 698 30.38 -16.40 23.12
C GLY A 698 30.84 -16.40 21.68
N ASN A 699 30.76 -17.59 21.08
CA ASN A 699 31.12 -17.81 19.68
C ASN A 699 32.55 -17.34 19.39
N GLN A 700 33.45 -17.60 20.34
CA GLN A 700 34.85 -17.19 20.25
C GLN A 700 35.00 -15.68 20.04
N GLY A 701 33.98 -14.91 20.39
CA GLY A 701 34.04 -13.47 20.28
C GLY A 701 34.21 -12.95 18.87
N LYS A 702 33.60 -13.62 17.90
CA LYS A 702 33.59 -13.16 16.53
C LYS A 702 32.37 -12.27 16.32
N LYS A 703 32.54 -11.22 15.55
CA LYS A 703 31.46 -10.25 15.34
C LYS A 703 30.37 -10.88 14.48
N MET A 704 29.30 -11.36 15.12
CA MET A 704 28.25 -12.09 14.42
C MET A 704 27.20 -11.19 13.79
N ALA A 705 27.28 -9.88 13.99
CA ALA A 705 26.27 -8.96 13.46
C ALA A 705 26.82 -8.34 12.18
N VAL A 706 26.36 -8.87 11.04
CA VAL A 706 26.68 -8.30 9.73
C VAL A 706 25.47 -7.49 9.28
N CYS A 707 25.71 -6.26 8.84
CA CYS A 707 24.66 -5.31 8.54
C CYS A 707 24.95 -4.65 7.20
N THR A 708 23.96 -4.64 6.31
CA THR A 708 24.15 -4.29 4.91
C THR A 708 23.22 -3.15 4.52
N ASP A 709 23.28 -2.78 3.25
CA ASP A 709 22.51 -1.66 2.69
C ASP A 709 21.83 -2.15 1.42
N ASN A 710 20.49 -2.26 1.46
CA ASN A 710 19.76 -2.72 0.28
C ASN A 710 19.77 -1.68 -0.83
N VAL A 711 19.76 -0.39 -0.45
CA VAL A 711 19.33 0.67 -1.37
C VAL A 711 20.20 0.70 -2.61
N THR A 712 21.51 0.50 -2.45
CA THR A 712 22.40 0.48 -3.61
C THR A 712 22.05 -0.66 -4.56
N ASP A 713 21.77 -1.84 -4.02
CA ASP A 713 21.36 -2.96 -4.86
C ASP A 713 19.97 -2.73 -5.44
N LEU A 714 19.02 -2.34 -4.59
CA LEU A 714 17.63 -2.09 -5.00
C LEU A 714 17.02 -3.28 -5.73
N LYS A 725 27.06 -0.41 2.86
CA LYS A 725 28.08 -1.45 2.83
C LYS A 725 27.86 -2.48 3.94
N SER A 726 28.78 -3.43 4.05
CA SER A 726 28.70 -4.46 5.06
C SER A 726 29.72 -4.17 6.16
N VAL A 727 29.23 -4.11 7.40
CA VAL A 727 30.06 -3.82 8.57
C VAL A 727 29.92 -4.98 9.55
N THR A 728 31.04 -5.47 10.04
CA THR A 728 31.06 -6.50 11.08
C THR A 728 31.30 -5.82 12.43
N ALA A 729 30.35 -5.97 13.34
CA ALA A 729 30.43 -5.27 14.61
C ALA A 729 29.59 -6.01 15.64
N TYR A 730 29.84 -5.72 16.91
CA TYR A 730 29.08 -6.41 17.98
C TYR A 730 27.71 -5.78 18.00
N VAL A 731 27.60 -4.47 17.86
CA VAL A 731 26.27 -3.79 17.76
C VAL A 731 26.25 -3.00 16.44
N CYS A 732 25.23 -3.09 15.59
CA CYS A 732 25.25 -2.23 14.38
C CYS A 732 23.94 -1.46 14.26
N GLN A 733 23.98 -0.25 13.74
CA GLN A 733 22.75 0.54 13.56
C GLN A 733 22.56 0.75 12.08
N VAL A 734 21.41 0.42 11.52
CA VAL A 734 21.16 0.73 10.09
C VAL A 734 19.84 1.49 10.04
N VAL A 735 19.79 2.63 9.35
CA VAL A 735 18.50 3.37 9.20
C VAL A 735 17.62 2.58 8.23
N ILE A 736 16.31 2.52 8.48
CA ILE A 736 15.42 1.69 7.62
C ILE A 736 14.38 2.62 7.01
N ILE A 737 14.48 2.92 5.72
CA ILE A 737 13.38 3.71 5.15
C ILE A 737 12.15 2.83 5.02
N PRO A 738 10.95 3.34 5.25
CA PRO A 738 9.75 2.49 5.22
C PRO A 738 9.61 1.79 3.87
N SER A 739 9.19 0.52 3.93
CA SER A 739 9.08 -0.27 2.70
C SER A 739 8.00 0.27 1.78
N GLU A 740 6.92 0.82 2.34
CA GLU A 740 5.83 1.34 1.51
C GLU A 740 6.30 2.53 0.68
N VAL A 741 7.14 3.39 1.24
CA VAL A 741 7.59 4.59 0.52
C VAL A 741 8.39 4.19 -0.72
N MET A 742 9.32 3.25 -0.57
CA MET A 742 10.13 2.83 -1.71
C MET A 742 9.33 1.98 -2.68
N GLY A 743 8.29 1.31 -2.22
CA GLY A 743 7.48 0.46 -3.08
C GLY A 743 8.01 -0.95 -3.18
N VAL A 748 15.69 -1.50 1.69
CA VAL A 748 15.16 -0.26 2.26
C VAL A 748 15.94 0.13 3.51
N SER A 749 17.10 -0.50 3.72
CA SER A 749 18.02 -0.05 4.75
C SER A 749 18.92 1.07 4.19
N SER A 750 19.66 1.73 5.07
CA SER A 750 20.54 2.81 4.65
C SER A 750 21.46 3.18 5.80
N GLN A 751 22.65 3.66 5.43
CA GLN A 751 23.63 4.18 6.38
C GLN A 751 24.03 3.17 7.46
N PRO A 752 24.71 2.10 7.10
CA PRO A 752 25.18 1.15 8.13
C PRO A 752 26.40 1.71 8.85
N VAL A 753 26.36 1.66 10.18
CA VAL A 753 27.46 2.10 11.02
C VAL A 753 27.74 1.04 12.08
N SER A 754 28.97 1.04 12.57
CA SER A 754 29.42 0.07 13.57
C SER A 754 29.44 0.75 14.92
N LEU A 755 28.44 0.44 15.75
CA LEU A 755 28.35 1.06 17.07
C LEU A 755 29.32 0.44 18.07
N ALA A 756 29.87 -0.73 17.76
CA ALA A 756 30.72 -1.43 18.72
C ALA A 756 31.73 -2.29 17.98
N ASP A 757 33.02 -2.07 18.26
CA ASP A 757 34.07 -2.83 17.64
C ASP A 757 35.02 -3.46 18.66
N ARG A 758 34.88 -3.14 19.94
CA ARG A 758 35.73 -3.70 20.99
C ARG A 758 34.87 -3.94 22.22
N LEU A 759 35.42 -4.74 23.14
CA LEU A 759 34.83 -4.92 24.46
C LEU A 759 35.77 -4.26 25.48
N VAL A 760 35.44 -3.03 25.88
CA VAL A 760 36.24 -2.33 26.87
C VAL A 760 36.26 -3.12 28.18
N GLY A 761 35.11 -3.62 28.59
CA GLY A 761 35.05 -4.47 29.76
C GLY A 761 33.61 -4.68 30.18
N VAL A 762 33.41 -5.70 31.00
CA VAL A 762 32.11 -6.02 31.58
C VAL A 762 32.23 -5.83 33.08
N SER A 763 31.41 -4.95 33.64
CA SER A 763 31.50 -4.65 35.05
C SER A 763 30.18 -4.10 35.55
N THR A 764 29.99 -4.21 36.87
CA THR A 764 28.81 -3.68 37.53
C THR A 764 28.93 -2.18 37.80
N ASP A 765 30.11 -1.61 37.65
CA ASP A 765 30.28 -0.16 37.82
C ASP A 765 29.62 0.59 36.68
N MET A 766 29.18 1.81 36.97
CA MET A 766 28.50 2.60 35.95
C MET A 766 29.48 3.20 34.94
N THR A 767 30.70 3.48 35.36
CA THR A 767 31.70 4.08 34.49
C THR A 767 32.91 3.16 34.38
N LEU A 768 33.43 3.01 33.17
CA LEU A 768 34.60 2.16 32.94
C LEU A 768 35.37 2.68 31.73
N GLU A 769 36.61 3.10 31.97
CA GLU A 769 37.51 3.54 30.91
C GLU A 769 36.91 4.67 30.08
N GLY A 770 36.21 5.59 30.74
CA GLY A 770 35.70 6.77 30.09
C GLY A 770 34.31 6.66 29.49
N ILE A 771 33.73 5.46 29.47
CA ILE A 771 32.37 5.27 28.97
C ILE A 771 31.44 5.33 30.16
N VAL A 772 30.46 6.22 30.11
CA VAL A 772 29.51 6.43 31.19
C VAL A 772 28.16 5.92 30.76
N SER A 773 27.61 4.97 31.52
CA SER A 773 26.27 4.47 31.26
C SER A 773 25.33 5.07 32.29
N PRO A 774 24.47 6.02 31.91
CA PRO A 774 23.66 6.73 32.91
C PRO A 774 22.60 5.83 33.51
N VAL A 775 22.66 5.66 34.84
CA VAL A 775 21.62 4.92 35.54
C VAL A 775 20.27 5.63 35.46
N GLU A 776 20.28 6.94 35.27
CA GLU A 776 19.04 7.71 35.30
C GLU A 776 18.18 7.49 34.06
N LEU A 777 18.78 7.03 32.96
CA LEU A 777 18.03 6.88 31.71
C LEU A 777 16.91 5.84 31.86
N PHE A 778 17.23 4.70 32.46
CA PHE A 778 16.28 3.60 32.51
C PHE A 778 15.57 3.57 33.86
N HIS A 779 14.53 2.75 33.94
CA HIS A 779 13.75 2.64 35.16
C HIS A 779 14.61 2.03 36.28
N PRO A 780 14.43 2.47 37.52
CA PRO A 780 15.19 1.88 38.62
C PRO A 780 14.87 0.40 38.80
N GLU A 781 15.87 -0.36 39.25
CA GLU A 781 15.72 -1.80 39.39
C GLU A 781 15.05 -2.13 40.72
N THR A 782 14.00 -2.95 40.64
CA THR A 782 13.26 -3.33 41.84
C THR A 782 13.98 -4.37 42.67
N SER A 783 14.67 -5.31 42.02
CA SER A 783 15.30 -6.41 42.74
C SER A 783 16.38 -5.92 43.68
N GLY A 784 17.19 -4.95 43.23
CA GLY A 784 18.25 -4.38 44.02
C GLY A 784 19.62 -4.96 43.74
N ILE A 785 19.68 -6.15 43.13
CA ILE A 785 20.97 -6.74 42.74
C ILE A 785 21.56 -5.88 41.63
N PRO A 786 22.87 -5.83 41.48
CA PRO A 786 23.47 -4.95 40.48
C PRO A 786 23.10 -5.37 39.06
N ASP A 787 23.06 -4.39 38.18
CA ASP A 787 22.81 -4.63 36.77
C ASP A 787 24.13 -4.78 36.02
N ILE A 788 24.29 -5.89 35.32
CA ILE A 788 25.50 -6.14 34.56
C ILE A 788 25.52 -5.25 33.33
N VAL A 789 26.62 -4.53 33.13
CA VAL A 789 26.74 -3.56 32.07
C VAL A 789 27.88 -4.00 31.16
N PHE A 790 27.58 -4.23 29.89
CA PHE A 790 28.62 -4.48 28.90
C PHE A 790 29.07 -3.15 28.32
N PHE A 791 30.38 -2.90 28.34
CA PHE A 791 30.93 -1.63 27.90
C PHE A 791 31.64 -1.84 26.56
N PHE A 792 31.05 -1.34 25.48
CA PHE A 792 31.64 -1.43 24.16
C PHE A 792 32.27 -0.10 23.77
N ARG A 793 32.84 -0.07 22.57
CA ARG A 793 33.44 1.16 22.01
C ARG A 793 33.72 0.95 20.53
N SER A 794 33.59 2.02 19.77
CA SER A 794 33.83 2.01 18.34
C SER A 794 35.11 2.77 18.00
N ASN A 795 35.85 2.25 17.02
CA ASN A 795 37.13 2.86 16.65
C ASN A 795 36.96 4.11 15.81
N ASP A 796 35.92 4.17 14.98
CA ASP A 796 35.79 5.25 14.02
C ASP A 796 35.57 6.60 14.70
N VAL A 797 36.22 7.62 14.17
CA VAL A 797 36.07 9.00 14.64
C VAL A 797 35.48 9.82 13.51
N THR A 798 34.36 10.47 13.77
CA THR A 798 33.63 11.23 12.75
C THR A 798 33.62 12.71 13.12
N GLN A 799 32.92 13.49 12.30
CA GLN A 799 32.80 14.92 12.57
C GLN A 799 31.93 15.18 13.79
N SER A 800 30.82 14.45 13.93
CA SER A 800 29.94 14.64 15.08
C SER A 800 30.53 14.01 16.34
N CYS A 801 31.19 12.86 16.21
CA CYS A 801 31.72 12.12 17.35
C CYS A 801 33.22 12.36 17.43
N SER A 802 33.65 13.08 18.46
CA SER A 802 35.07 13.36 18.63
C SER A 802 35.85 12.12 19.04
N SER A 803 35.34 11.38 20.02
CA SER A 803 36.03 10.22 20.57
C SER A 803 35.53 8.90 20.01
N GLY A 804 34.50 8.92 19.16
CA GLY A 804 33.93 7.71 18.63
C GLY A 804 32.76 7.20 19.46
N ARG A 805 31.91 6.42 18.80
CA ARG A 805 30.71 5.92 19.45
C ARG A 805 31.05 4.93 20.55
N SER A 806 30.32 5.01 21.66
CA SER A 806 30.50 4.11 22.79
C SER A 806 29.14 3.62 23.23
N THR A 807 28.91 2.31 23.19
CA THR A 807 27.61 1.73 23.46
C THR A 807 27.70 0.80 24.66
N THR A 808 26.70 0.87 25.53
CA THR A 808 26.64 0.02 26.72
C THR A 808 25.33 -0.77 26.69
N ILE A 809 25.44 -2.07 26.87
CA ILE A 809 24.26 -2.94 26.94
C ILE A 809 24.06 -3.30 28.40
N ARG A 810 22.98 -2.81 28.99
CA ARG A 810 22.67 -3.09 30.37
C ARG A 810 21.82 -4.35 30.47
N LEU A 811 22.27 -5.31 31.27
CA LEU A 811 21.55 -6.55 31.48
C LEU A 811 20.83 -6.50 32.82
N ARG A 812 19.56 -6.88 32.83
CA ARG A 812 18.73 -6.82 34.01
C ARG A 812 18.12 -8.18 34.30
N CYS A 813 18.12 -8.58 35.57
CA CYS A 813 17.54 -9.84 35.99
C CYS A 813 16.03 -9.70 36.06
N ASN A 814 15.32 -10.51 35.30
CA ASN A 814 13.85 -10.46 35.28
C ASN A 814 13.33 -11.88 35.09
N PRO A 815 12.94 -12.55 36.17
CA PRO A 815 12.52 -13.96 36.08
C PRO A 815 11.31 -14.20 35.20
N MET A 816 10.34 -13.28 35.20
CA MET A 816 9.10 -13.54 34.48
C MET A 816 9.26 -13.35 32.97
N LYS A 817 10.16 -12.46 32.56
CA LYS A 817 10.31 -12.18 31.13
C LYS A 817 11.00 -13.35 30.42
N ALA A 818 10.85 -13.35 29.09
CA ALA A 818 11.26 -14.48 28.27
C ALA A 818 12.78 -14.63 28.26
N ALA A 819 13.22 -15.87 28.00
CA ALA A 819 14.66 -16.14 27.94
C ALA A 819 15.37 -15.36 26.84
N PRO A 820 14.86 -15.29 25.60
CA PRO A 820 15.51 -14.38 24.63
C PRO A 820 15.50 -12.94 25.08
N GLY A 821 14.54 -12.55 25.90
CA GLY A 821 14.57 -11.26 26.54
C GLY A 821 13.91 -10.16 25.74
N THR A 822 13.88 -8.98 26.36
CA THR A 822 13.32 -7.78 25.75
C THR A 822 14.42 -6.73 25.70
N LEU A 823 14.59 -6.12 24.53
CA LEU A 823 15.61 -5.11 24.30
C LEU A 823 14.94 -3.74 24.22
N ARG A 824 15.46 -2.78 24.99
CA ARG A 824 14.80 -1.50 25.15
C ARG A 824 15.79 -0.36 25.05
N LEU A 825 15.55 0.56 24.12
CA LEU A 825 16.27 1.82 24.07
C LEU A 825 15.80 2.72 25.21
N PRO A 826 16.55 3.78 25.54
CA PRO A 826 16.09 4.71 26.57
C PRO A 826 14.76 5.36 26.18
N SER A 827 13.95 5.65 27.20
CA SER A 827 12.62 6.19 26.96
C SER A 827 12.67 7.65 26.55
N MET A 828 13.56 8.45 27.15
CA MET A 828 13.54 9.89 26.91
C MET A 828 14.09 10.24 25.53
N CYS A 829 14.96 9.40 24.97
CA CYS A 829 15.46 9.57 23.61
C CYS A 829 15.25 8.27 22.84
N SER A 830 14.44 8.33 21.79
CA SER A 830 14.03 7.16 21.03
C SER A 830 14.76 6.99 19.71
N ASP A 831 15.26 8.09 19.11
CA ASP A 831 16.00 7.96 17.87
C ASP A 831 17.26 7.12 18.04
N GLY A 832 17.81 7.10 19.25
CA GLY A 832 18.94 6.23 19.56
C GLY A 832 20.04 6.91 20.33
N THR A 833 20.27 8.19 20.06
CA THR A 833 21.32 8.97 20.73
C THR A 833 20.81 10.36 21.06
N CYS A 834 20.27 10.52 22.26
CA CYS A 834 20.09 11.82 22.87
C CYS A 834 21.40 12.44 23.33
N ASP A 835 22.48 11.66 23.38
CA ASP A 835 23.82 12.21 23.51
C ASP A 835 24.42 12.56 22.16
N GLY A 836 24.06 11.82 21.12
CA GLY A 836 24.58 12.02 19.79
C GLY A 836 25.57 10.96 19.35
N CYS A 837 26.23 10.29 20.29
CA CYS A 837 27.21 9.27 19.94
C CYS A 837 27.10 7.98 20.74
N ASN A 838 26.46 7.98 21.91
CA ASN A 838 26.44 6.82 22.79
C ASN A 838 25.07 6.16 22.73
N PHE A 839 25.05 4.88 22.37
CA PHE A 839 23.82 4.10 22.29
C PHE A 839 23.76 3.20 23.52
N HIS A 840 22.93 3.55 24.49
CA HIS A 840 22.77 2.75 25.70
C HIS A 840 21.52 1.89 25.56
N PHE A 841 21.67 0.59 25.77
CA PHE A 841 20.60 -0.37 25.62
C PHE A 841 20.22 -0.93 26.99
N LEU A 842 19.19 -1.78 27.00
CA LEU A 842 18.81 -2.51 28.19
C LEU A 842 18.20 -3.84 27.78
N TRP A 843 18.71 -4.93 28.35
CA TRP A 843 18.26 -6.27 28.03
C TRP A 843 17.69 -6.91 29.29
N GLU A 844 16.37 -7.02 29.35
CA GLU A 844 15.69 -7.67 30.46
C GLU A 844 15.36 -9.10 30.08
N SER A 845 15.86 -10.04 30.88
CA SER A 845 15.67 -11.45 30.59
C SER A 845 15.86 -12.25 31.88
N VAL A 846 15.54 -13.55 31.79
CA VAL A 846 15.80 -14.45 32.91
C VAL A 846 17.23 -14.97 32.86
N ALA A 847 17.87 -14.95 31.68
CA ALA A 847 19.24 -15.43 31.57
C ALA A 847 20.22 -14.54 32.33
N ALA A 848 19.93 -13.23 32.38
CA ALA A 848 20.78 -12.31 33.11
C ALA A 848 20.70 -12.50 34.62
N CYS A 849 19.76 -13.29 35.11
CA CYS A 849 19.63 -13.50 36.54
C CYS A 849 20.76 -14.39 37.06
N PRO A 850 21.20 -14.17 38.30
CA PRO A 850 22.30 -14.97 38.84
C PRO A 850 21.96 -16.45 38.87
N LEU A 851 22.99 -17.27 38.69
CA LEU A 851 22.81 -18.70 38.83
C LEU A 851 22.43 -19.02 40.27
N CYS A 852 21.48 -19.94 40.43
CA CYS A 852 20.94 -20.23 41.77
C CYS A 852 22.01 -20.83 42.65
N SER A 853 22.50 -20.04 43.61
CA SER A 853 23.56 -20.49 44.49
C SER A 853 23.04 -21.52 45.48
N ALA A 854 23.98 -22.23 46.11
CA ALA A 854 23.63 -23.19 47.15
C ALA A 854 23.18 -22.52 48.43
N SER A 855 23.23 -21.19 48.51
CA SER A 855 22.75 -20.46 49.66
C SER A 855 21.57 -19.56 49.36
N ASP A 856 21.03 -19.61 48.14
CA ASP A 856 19.86 -18.82 47.77
C ASP A 856 18.57 -19.64 47.90
N TYR A 857 18.33 -20.15 49.10
CA TYR A 857 17.06 -20.77 49.43
C TYR A 857 16.82 -20.65 50.93
N HIS A 858 15.79 -21.33 51.42
CA HIS A 858 15.41 -21.30 52.83
C HIS A 858 15.77 -22.63 53.49
N THR A 859 16.30 -22.55 54.70
CA THR A 859 16.47 -23.72 55.56
C THR A 859 15.48 -23.60 56.71
N PHE A 860 14.65 -24.62 56.88
CA PHE A 860 13.62 -24.64 57.91
C PHE A 860 13.75 -25.97 58.64
N VAL A 861 14.22 -25.90 59.89
CA VAL A 861 14.54 -27.09 60.68
C VAL A 861 13.47 -27.29 61.74
N SER A 862 12.94 -28.51 61.81
CA SER A 862 12.07 -28.94 62.89
C SER A 862 12.74 -30.13 63.56
N SER A 863 12.93 -30.05 64.88
CA SER A 863 13.66 -31.09 65.58
C SER A 863 12.94 -32.42 65.45
N CYS A 864 11.78 -32.55 66.07
CA CYS A 864 10.88 -33.68 65.91
C CYS A 864 9.51 -33.32 66.45
N VAL A 865 8.49 -33.47 65.61
CA VAL A 865 7.10 -33.39 66.04
C VAL A 865 6.52 -34.80 65.92
N ALA A 866 6.09 -35.36 67.05
CA ALA A 866 5.73 -36.77 67.14
C ALA A 866 6.89 -37.65 66.67
N GLY A 867 8.11 -37.25 67.03
CA GLY A 867 9.30 -38.00 66.66
C GLY A 867 9.58 -38.03 65.17
N ILE A 868 9.26 -36.96 64.45
CA ILE A 868 9.49 -36.87 63.01
C ILE A 868 10.23 -35.57 62.74
N GLN A 869 11.44 -35.67 62.19
CA GLN A 869 12.20 -34.49 61.79
C GLN A 869 11.81 -34.09 60.38
N LYS A 870 11.34 -32.86 60.22
CA LYS A 870 10.95 -32.34 58.91
C LYS A 870 11.77 -31.07 58.65
N THR A 871 12.90 -31.24 57.97
CA THR A 871 13.73 -30.14 57.50
C THR A 871 13.76 -30.23 55.98
N THR A 872 12.90 -29.46 55.33
CA THR A 872 12.81 -29.44 53.88
C THR A 872 13.13 -28.04 53.38
N TYR A 873 13.71 -27.96 52.19
CA TYR A 873 14.27 -26.73 51.66
C TYR A 873 13.42 -26.21 50.51
N MET A 874 13.09 -24.92 50.55
CA MET A 874 12.24 -24.28 49.56
C MET A 874 12.95 -23.07 48.98
N TRP A 875 12.75 -22.84 47.68
CA TRP A 875 13.27 -21.63 47.06
C TRP A 875 12.65 -20.40 47.72
N ARG A 876 13.35 -19.29 47.62
CA ARG A 876 12.80 -18.03 48.12
C ARG A 876 11.79 -17.48 47.12
N GLU A 877 10.59 -17.17 47.60
CA GLU A 877 9.59 -16.56 46.72
C GLU A 877 10.05 -15.25 46.10
N PRO A 878 10.78 -14.36 46.80
CA PRO A 878 11.42 -13.26 46.08
C PRO A 878 12.56 -13.77 45.22
N LYS A 879 12.22 -14.64 44.26
CA LYS A 879 13.23 -15.33 43.49
C LYS A 879 13.89 -14.38 42.49
N LEU A 880 15.22 -14.38 42.47
CA LEU A 880 15.98 -13.63 41.49
C LEU A 880 17.01 -14.51 40.78
N CYS A 881 16.93 -15.82 40.94
CA CYS A 881 17.91 -16.74 40.37
C CYS A 881 17.22 -17.71 39.42
N SER A 882 18.03 -18.38 38.61
CA SER A 882 17.53 -19.36 37.66
C SER A 882 18.62 -20.37 37.37
N GLY A 883 18.21 -21.59 37.02
CA GLY A 883 19.18 -22.64 36.79
C GLY A 883 19.92 -23.00 38.06
N GLY A 884 21.19 -23.37 37.90
CA GLY A 884 22.04 -23.58 39.06
C GLY A 884 21.71 -24.85 39.82
N ILE A 885 21.89 -24.79 41.14
CA ILE A 885 21.70 -25.97 41.98
C ILE A 885 20.22 -26.25 42.17
N SER A 886 19.89 -27.51 42.41
CA SER A 886 18.51 -27.96 42.58
C SER A 886 18.13 -27.98 44.05
N LEU A 887 16.82 -28.04 44.29
CA LEU A 887 16.33 -28.15 45.66
C LEU A 887 16.73 -29.49 46.25
N PRO A 888 17.36 -29.51 47.43
CA PRO A 888 17.61 -30.78 48.11
C PRO A 888 16.30 -31.44 48.50
N GLU A 889 16.29 -32.78 48.44
CA GLU A 889 15.10 -33.52 48.80
C GLU A 889 14.78 -33.34 50.28
N GLN A 890 13.50 -33.45 50.62
CA GLN A 890 13.09 -33.27 52.01
C GLN A 890 13.77 -34.30 52.90
N ARG A 891 14.12 -33.88 54.11
CA ARG A 891 14.91 -34.69 55.03
C ARG A 891 14.04 -35.16 56.18
N VAL A 892 14.00 -36.47 56.38
CA VAL A 892 13.31 -37.08 57.51
C VAL A 892 14.30 -38.00 58.23
N THR A 893 14.46 -37.80 59.53
CA THR A 893 15.39 -38.60 60.33
C THR A 893 14.92 -38.56 61.78
N ILE A 894 14.52 -39.72 62.30
CA ILE A 894 13.94 -39.79 63.64
C ILE A 894 14.98 -39.39 64.68
N CYS A 895 14.57 -38.56 65.64
CA CYS A 895 15.44 -38.18 66.75
C CYS A 895 15.86 -39.40 67.56
N LYS B 43 -18.96 19.34 -64.33
CA LYS B 43 -20.36 19.30 -63.92
C LYS B 43 -20.49 19.32 -62.41
N GLU B 44 -21.64 19.81 -61.91
CA GLU B 44 -21.85 19.90 -60.47
C GLU B 44 -21.83 18.52 -59.82
N SER B 45 -22.39 17.51 -60.50
CA SER B 45 -22.35 16.15 -59.98
C SER B 45 -20.98 15.52 -60.13
N GLU B 46 -20.11 16.08 -60.97
CA GLU B 46 -18.79 15.50 -61.18
C GLU B 46 -17.87 15.72 -59.99
N TYR B 47 -18.01 16.85 -59.29
CA TYR B 47 -17.15 17.18 -58.16
C TYR B 47 -17.97 17.28 -56.88
N ALA B 48 -17.29 17.02 -55.76
CA ALA B 48 -17.88 17.17 -54.44
C ALA B 48 -16.96 18.06 -53.61
N PHE B 49 -17.54 19.06 -52.95
CA PHE B 49 -16.75 19.96 -52.13
C PHE B 49 -16.18 19.22 -50.92
N GLU B 50 -15.05 19.71 -50.43
CA GLU B 50 -14.41 19.11 -49.28
C GLU B 50 -13.64 20.17 -48.51
N TYR B 51 -13.37 19.89 -47.25
CA TYR B 51 -12.64 20.82 -46.39
C TYR B 51 -11.14 20.59 -46.52
N THR B 52 -10.38 21.66 -46.33
CA THR B 52 -8.93 21.57 -46.31
C THR B 52 -8.43 21.30 -44.89
N ALA B 53 -7.16 20.95 -44.78
CA ALA B 53 -6.55 20.71 -43.48
C ALA B 53 -6.50 22.00 -42.68
N CYS B 54 -6.77 21.89 -41.38
CA CYS B 54 -6.77 23.06 -40.52
C CYS B 54 -5.37 23.65 -40.42
N ASP B 55 -5.29 24.98 -40.44
CA ASP B 55 -4.02 25.67 -40.32
C ASP B 55 -3.73 26.00 -38.86
N SER B 56 -2.67 26.77 -38.63
CA SER B 56 -2.34 27.19 -37.28
C SER B 56 -3.41 28.10 -36.71
N THR B 57 -3.93 29.02 -37.53
CA THR B 57 -4.93 29.97 -37.07
C THR B 57 -6.32 29.36 -36.94
N GLY B 58 -6.54 28.13 -37.40
CA GLY B 58 -7.83 27.50 -37.35
C GLY B 58 -8.71 27.75 -38.56
N SER B 59 -8.28 28.62 -39.49
CA SER B 59 -9.05 28.88 -40.69
C SER B 59 -9.04 27.66 -41.61
N ARG B 60 -10.14 27.46 -42.32
CA ARG B 60 -10.28 26.33 -43.21
C ARG B 60 -10.88 26.78 -44.53
N TRP B 61 -10.63 25.99 -45.57
CA TRP B 61 -11.02 26.30 -46.94
C TRP B 61 -11.87 25.16 -47.49
N ARG B 62 -12.96 25.51 -48.14
CA ARG B 62 -13.84 24.53 -48.78
C ARG B 62 -13.51 24.45 -50.26
N VAL B 63 -13.15 23.25 -50.74
CA VAL B 63 -12.64 23.07 -52.08
C VAL B 63 -13.41 21.95 -52.76
N ALA B 64 -13.82 22.17 -54.00
CA ALA B 64 -14.43 21.13 -54.82
C ALA B 64 -13.35 20.27 -55.45
N VAL B 65 -13.47 18.96 -55.30
CA VAL B 65 -12.52 18.01 -55.88
C VAL B 65 -13.28 17.06 -56.79
N PRO B 66 -12.79 16.78 -57.99
CA PRO B 66 -13.50 15.84 -58.86
C PRO B 66 -13.54 14.44 -58.27
N ALA B 67 -14.62 13.72 -58.56
CA ALA B 67 -14.74 12.35 -58.05
C ALA B 67 -13.64 11.46 -58.61
N SER B 68 -13.35 11.57 -59.90
CA SER B 68 -12.25 10.84 -60.49
C SER B 68 -10.96 11.67 -60.41
N PRO B 69 -9.81 11.00 -60.24
CA PRO B 69 -8.55 11.74 -60.21
C PRO B 69 -8.28 12.41 -61.56
N GLY B 70 -8.26 13.74 -61.53
CA GLY B 70 -8.10 14.50 -62.77
C GLY B 70 -9.25 14.31 -63.74
N LEU B 71 -10.49 14.31 -63.23
CA LEU B 71 -11.64 14.06 -64.09
C LEU B 71 -11.84 15.19 -65.09
N CYS B 72 -11.86 16.43 -64.62
CA CYS B 72 -12.14 17.56 -65.49
C CYS B 72 -11.62 18.84 -64.84
N THR B 73 -11.59 19.91 -65.62
CA THR B 73 -11.11 21.21 -65.18
C THR B 73 -12.30 22.13 -64.88
N SER B 74 -12.00 23.41 -64.66
CA SER B 74 -13.01 24.45 -64.43
C SER B 74 -13.79 24.19 -63.14
N LEU B 75 -13.08 23.93 -62.05
CA LEU B 75 -13.71 23.72 -60.77
C LEU B 75 -13.99 25.05 -60.08
N PRO B 76 -15.01 25.11 -59.23
CA PRO B 76 -15.29 26.35 -58.50
C PRO B 76 -14.18 26.73 -57.54
N ASP B 77 -14.04 28.03 -57.32
CA ASP B 77 -12.99 28.53 -56.45
C ASP B 77 -13.27 28.19 -54.99
N PRO B 78 -12.23 28.09 -54.16
CA PRO B 78 -12.44 27.81 -52.74
C PRO B 78 -13.15 28.94 -52.02
N VAL B 79 -13.91 28.56 -50.99
CA VAL B 79 -14.63 29.50 -50.14
C VAL B 79 -14.40 29.10 -48.69
N LYS B 80 -14.22 30.09 -47.82
CA LYS B 80 -13.96 29.83 -46.41
C LYS B 80 -15.13 29.08 -45.77
N GLY B 81 -14.78 28.10 -44.93
CA GLY B 81 -15.78 27.32 -44.24
C GLY B 81 -15.77 27.53 -42.74
N THR B 82 -16.46 26.66 -42.02
CA THR B 82 -16.56 26.80 -40.57
C THR B 82 -15.21 26.54 -39.91
N GLU B 83 -14.99 27.21 -38.78
CA GLU B 83 -13.71 27.13 -38.09
C GLU B 83 -13.83 26.19 -36.90
N CYS B 84 -13.03 25.11 -36.92
CA CYS B 84 -12.87 24.18 -35.80
C CYS B 84 -14.22 23.59 -35.45
N SER B 85 -14.71 23.72 -34.22
CA SER B 85 -15.92 23.02 -33.80
C SER B 85 -17.16 23.64 -34.42
N PHE B 86 -17.95 22.81 -35.11
CA PHE B 86 -19.24 23.21 -35.65
C PHE B 86 -20.26 22.10 -35.43
N SER B 87 -20.28 21.56 -34.21
CA SER B 87 -21.12 20.40 -33.91
C SER B 87 -22.58 20.82 -33.82
N CYS B 88 -23.43 20.18 -34.63
CA CYS B 88 -24.86 20.44 -34.59
C CYS B 88 -25.61 19.51 -33.64
N ASN B 89 -24.93 18.50 -33.09
CA ASN B 89 -25.46 17.66 -32.02
C ASN B 89 -26.78 16.98 -32.41
N ALA B 90 -26.65 16.05 -33.37
CA ALA B 90 -27.68 15.16 -33.90
C ALA B 90 -28.58 15.85 -34.92
N GLY B 91 -28.39 17.14 -35.17
CA GLY B 91 -29.01 17.79 -36.31
C GLY B 91 -27.97 18.00 -37.37
N GLU B 92 -26.91 17.20 -37.30
CA GLU B 92 -25.69 17.42 -38.08
C GLU B 92 -25.69 16.52 -39.31
N PHE B 93 -26.02 17.10 -40.45
CA PHE B 93 -25.67 16.52 -41.73
C PHE B 93 -24.48 17.22 -42.37
N LEU B 94 -24.37 18.53 -42.16
CA LEU B 94 -23.23 19.35 -42.60
C LEU B 94 -22.91 19.10 -44.07
N ASP B 95 -23.89 19.40 -44.92
CA ASP B 95 -23.65 19.35 -46.35
C ASP B 95 -22.66 20.42 -46.78
N MET B 96 -21.91 20.13 -47.84
CA MET B 96 -20.89 21.06 -48.28
C MET B 96 -21.48 22.25 -49.02
N LYS B 97 -22.65 22.08 -49.64
CA LYS B 97 -23.26 23.17 -50.40
C LYS B 97 -23.63 24.34 -49.48
N ASP B 98 -24.19 24.04 -48.31
CA ASP B 98 -24.61 25.05 -47.36
C ASP B 98 -23.79 24.91 -46.08
N GLN B 99 -23.24 26.02 -45.59
CA GLN B 99 -22.36 25.96 -44.43
C GLN B 99 -23.12 25.56 -43.16
N SER B 100 -24.39 25.91 -43.06
CA SER B 100 -25.17 25.57 -41.87
C SER B 100 -25.47 24.08 -41.80
N CYS B 101 -25.52 23.56 -40.58
CA CYS B 101 -25.90 22.17 -40.38
C CYS B 101 -27.37 21.97 -40.73
N LYS B 102 -27.67 20.89 -41.45
CA LYS B 102 -29.01 20.63 -41.91
C LYS B 102 -29.56 19.34 -41.29
N PRO B 103 -30.87 19.27 -41.02
CA PRO B 103 -31.46 18.00 -40.57
C PRO B 103 -31.49 17.01 -41.73
N CYS B 104 -30.88 15.85 -41.53
CA CYS B 104 -30.78 14.87 -42.60
C CYS B 104 -32.14 14.16 -42.79
N ALA B 105 -32.17 13.25 -43.75
CA ALA B 105 -33.42 12.66 -44.19
C ALA B 105 -34.02 11.77 -43.10
N GLU B 106 -35.33 11.52 -43.23
CA GLU B 106 -36.04 10.68 -42.27
C GLU B 106 -35.55 9.25 -42.38
N GLY B 107 -35.70 8.50 -41.28
CA GLY B 107 -35.23 7.13 -41.23
C GLY B 107 -33.73 6.98 -41.12
N ARG B 108 -33.03 7.99 -40.61
CA ARG B 108 -31.58 7.99 -40.58
C ARG B 108 -31.11 8.60 -39.27
N TYR B 109 -30.40 7.81 -38.46
CA TYR B 109 -29.86 8.32 -37.22
C TYR B 109 -28.67 9.23 -37.49
N SER B 110 -28.69 10.42 -36.91
CA SER B 110 -27.65 11.42 -37.15
C SER B 110 -26.54 11.37 -36.10
N LEU B 111 -26.60 10.41 -35.17
CA LEU B 111 -25.63 10.32 -34.09
C LEU B 111 -25.50 11.65 -33.35
N GLY B 112 -24.30 12.21 -33.36
CA GLY B 112 -24.09 13.52 -32.81
C GLY B 112 -22.68 13.97 -33.13
N THR B 113 -22.06 14.66 -32.18
CA THR B 113 -20.65 14.97 -32.25
C THR B 113 -19.81 13.96 -31.49
N GLY B 114 -20.45 12.88 -31.04
CA GLY B 114 -19.76 11.85 -30.30
C GLY B 114 -20.00 10.47 -30.87
N ILE B 115 -19.91 9.44 -30.03
CA ILE B 115 -20.09 8.06 -30.45
C ILE B 115 -21.02 7.38 -29.46
N ARG B 116 -21.87 6.49 -29.97
CA ARG B 116 -22.80 5.73 -29.14
C ARG B 116 -22.47 4.25 -29.24
N PHE B 117 -22.25 3.62 -28.09
CA PHE B 117 -22.03 2.18 -28.02
C PHE B 117 -23.30 1.55 -27.48
N ASP B 118 -23.91 0.67 -28.27
CA ASP B 118 -25.18 0.07 -27.87
C ASP B 118 -25.22 -1.44 -28.08
N GLU B 119 -24.41 -1.95 -29.00
CA GLU B 119 -24.49 -3.36 -29.40
C GLU B 119 -23.25 -4.11 -28.93
N TRP B 120 -23.36 -4.71 -27.75
CA TRP B 120 -22.27 -5.52 -27.18
C TRP B 120 -22.44 -7.01 -27.52
N ASP B 121 -22.57 -7.28 -28.82
CA ASP B 121 -22.41 -8.66 -29.27
C ASP B 121 -20.99 -9.13 -29.03
N GLU B 122 -20.02 -8.26 -29.28
CA GLU B 122 -18.63 -8.46 -28.90
C GLU B 122 -18.13 -7.14 -28.33
N LEU B 123 -17.04 -7.19 -27.56
CA LEU B 123 -16.47 -5.97 -27.02
C LEU B 123 -16.16 -5.00 -28.15
N PRO B 124 -16.84 -3.86 -28.20
CA PRO B 124 -16.67 -2.96 -29.35
C PRO B 124 -15.24 -2.46 -29.49
N HIS B 125 -14.83 -2.16 -30.72
CA HIS B 125 -13.45 -1.76 -30.98
C HIS B 125 -13.04 -0.59 -30.10
N GLY B 126 -11.92 -0.75 -29.41
CA GLY B 126 -11.42 0.23 -28.48
C GLY B 126 -11.68 -0.10 -27.03
N PHE B 127 -12.73 -0.85 -26.73
CA PHE B 127 -13.01 -1.25 -25.36
C PHE B 127 -12.04 -2.33 -24.92
N ALA B 128 -11.41 -2.13 -23.77
CA ALA B 128 -10.47 -3.09 -23.21
C ALA B 128 -11.05 -3.66 -21.93
N SER B 129 -11.07 -4.98 -21.84
CA SER B 129 -11.56 -5.70 -20.66
C SER B 129 -10.36 -6.34 -19.97
N LEU B 130 -9.75 -5.59 -19.05
CA LEU B 130 -8.59 -6.06 -18.32
C LEU B 130 -9.00 -6.58 -16.95
N SER B 131 -8.54 -7.77 -16.61
CA SER B 131 -8.88 -8.42 -15.36
C SER B 131 -7.60 -8.77 -14.60
N ALA B 132 -7.55 -8.41 -13.33
CA ALA B 132 -6.41 -8.69 -12.47
C ALA B 132 -6.91 -9.27 -11.14
N ASN B 133 -6.06 -10.08 -10.52
CA ASN B 133 -6.41 -10.72 -9.26
C ASN B 133 -6.30 -9.76 -8.09
N ASN B 146 -8.58 -19.10 -12.61
CA ASN B 146 -7.83 -17.90 -12.94
C ASN B 146 -8.75 -16.84 -13.54
N CYS B 147 -8.49 -15.58 -13.22
CA CYS B 147 -9.40 -14.51 -13.62
C CYS B 147 -9.33 -14.16 -15.09
N THR B 148 -8.69 -14.99 -15.92
CA THR B 148 -8.77 -14.78 -17.37
C THR B 148 -10.21 -14.78 -17.85
N SER B 149 -11.02 -15.70 -17.32
CA SER B 149 -12.44 -15.72 -17.61
C SER B 149 -13.22 -14.70 -16.80
N SER B 150 -12.60 -14.06 -15.82
CA SER B 150 -13.28 -13.09 -14.96
C SER B 150 -13.14 -11.67 -15.51
N LYS B 151 -13.49 -11.50 -16.79
CA LYS B 151 -13.57 -10.20 -17.42
C LYS B 151 -15.03 -9.88 -17.72
N TRP B 152 -15.28 -8.63 -18.09
CA TRP B 152 -16.65 -8.24 -18.43
C TRP B 152 -17.12 -9.00 -19.66
N VAL B 153 -18.04 -9.93 -19.47
CA VAL B 153 -18.50 -10.77 -20.58
C VAL B 153 -19.61 -10.02 -21.33
N PRO B 154 -19.49 -9.87 -22.66
CA PRO B 154 -20.56 -9.25 -23.45
C PRO B 154 -21.73 -10.20 -23.66
N ARG B 155 -22.63 -10.22 -22.67
CA ARG B 155 -23.75 -11.16 -22.69
C ARG B 155 -24.63 -10.95 -23.92
N GLY B 156 -24.85 -9.69 -24.30
CA GLY B 156 -25.75 -9.39 -25.39
C GLY B 156 -25.92 -7.89 -25.54
N ASP B 157 -27.17 -7.43 -25.60
CA ASP B 157 -27.44 -6.00 -25.58
C ASP B 157 -26.85 -5.35 -24.33
N TYR B 158 -26.69 -6.12 -23.25
CA TYR B 158 -26.07 -5.66 -22.01
C TYR B 158 -24.77 -6.41 -21.79
N ILE B 159 -23.86 -5.78 -21.05
CA ILE B 159 -22.62 -6.42 -20.64
C ILE B 159 -22.67 -6.67 -19.14
N ALA B 160 -22.00 -7.72 -18.69
CA ALA B 160 -22.07 -8.17 -17.31
C ALA B 160 -20.73 -8.00 -16.62
N SER B 161 -20.77 -7.96 -15.29
CA SER B 161 -19.57 -7.82 -14.48
C SER B 161 -18.99 -9.20 -14.16
N ASN B 162 -18.06 -9.24 -13.23
CA ASN B 162 -17.46 -10.48 -12.76
C ASN B 162 -18.03 -10.83 -11.40
N THR B 163 -18.51 -12.06 -11.25
CA THR B 163 -19.07 -12.49 -9.98
C THR B 163 -17.99 -12.80 -8.94
N ASP B 164 -16.84 -13.32 -9.38
CA ASP B 164 -15.81 -13.72 -8.44
C ASP B 164 -15.08 -12.51 -7.87
N GLU B 165 -14.22 -12.77 -6.88
CA GLU B 165 -13.57 -11.72 -6.11
C GLU B 165 -12.21 -11.37 -6.71
N CYS B 166 -12.25 -10.67 -7.83
CA CYS B 166 -11.03 -10.08 -8.40
C CYS B 166 -11.42 -8.93 -9.31
N THR B 167 -10.45 -8.06 -9.56
CA THR B 167 -10.72 -6.83 -10.31
C THR B 167 -11.04 -7.15 -11.77
N ALA B 168 -12.01 -6.41 -12.31
CA ALA B 168 -12.35 -6.47 -13.72
C ALA B 168 -12.68 -5.06 -14.20
N THR B 169 -11.86 -4.53 -15.10
CA THR B 169 -11.96 -3.15 -15.54
C THR B 169 -12.36 -3.11 -17.01
N LEU B 170 -13.36 -2.30 -17.34
CA LEU B 170 -13.73 -2.02 -18.72
C LEU B 170 -13.14 -0.65 -19.07
N MET B 171 -12.10 -0.65 -19.90
CA MET B 171 -11.33 0.55 -20.19
C MET B 171 -11.66 1.05 -21.58
N TYR B 172 -11.94 2.34 -21.69
CA TYR B 172 -12.10 3.00 -22.98
C TYR B 172 -11.35 4.33 -22.95
N ALA B 173 -10.39 4.49 -23.86
CA ALA B 173 -9.61 5.72 -23.96
C ALA B 173 -10.02 6.45 -25.23
N VAL B 174 -10.48 7.69 -25.09
CA VAL B 174 -11.06 8.44 -26.18
C VAL B 174 -10.35 9.78 -26.30
N ASN B 175 -10.07 10.20 -27.55
CA ASN B 175 -9.48 11.50 -27.83
C ASN B 175 -10.61 12.50 -28.05
N LEU B 176 -11.13 13.02 -26.95
CA LEU B 176 -12.30 13.89 -26.98
C LEU B 176 -11.86 15.28 -27.42
N LYS B 177 -12.15 15.64 -28.67
CA LYS B 177 -11.64 16.89 -29.21
C LYS B 177 -12.23 18.11 -28.50
N GLN B 178 -13.52 18.06 -28.14
CA GLN B 178 -14.14 19.13 -27.36
C GLN B 178 -14.76 18.55 -26.10
N SER B 179 -14.98 19.42 -25.12
CA SER B 179 -15.54 18.98 -23.83
C SER B 179 -16.90 18.36 -24.04
N GLY B 180 -17.12 17.22 -23.37
CA GLY B 180 -18.36 16.50 -23.51
C GLY B 180 -18.73 15.71 -22.27
N THR B 181 -19.59 14.72 -22.43
CA THR B 181 -20.07 13.92 -21.31
C THR B 181 -20.15 12.45 -21.69
N VAL B 182 -20.13 11.60 -20.67
CA VAL B 182 -20.34 10.18 -20.80
C VAL B 182 -21.62 9.82 -20.05
N ASN B 183 -22.52 9.08 -20.69
CA ASN B 183 -23.83 8.78 -20.14
C ASN B 183 -24.03 7.26 -20.17
N PHE B 184 -23.58 6.58 -19.13
CA PHE B 184 -23.70 5.13 -19.06
C PHE B 184 -24.85 4.77 -18.14
N GLU B 185 -25.75 3.91 -18.64
CA GLU B 185 -26.91 3.45 -17.89
C GLU B 185 -26.58 2.08 -17.31
N TYR B 186 -26.59 1.98 -15.98
CA TYR B 186 -26.03 0.83 -15.30
C TYR B 186 -27.05 0.16 -14.38
N TYR B 187 -26.80 -1.12 -14.11
CA TYR B 187 -27.62 -1.93 -13.20
C TYR B 187 -26.72 -2.51 -12.13
N TYR B 188 -27.06 -2.25 -10.87
CA TYR B 188 -26.21 -2.61 -9.73
C TYR B 188 -27.05 -3.28 -8.65
N PRO B 189 -27.53 -4.50 -8.91
CA PRO B 189 -28.43 -5.16 -7.94
C PRO B 189 -27.73 -5.56 -6.65
N ASP B 190 -26.60 -6.25 -6.76
CA ASP B 190 -25.91 -6.79 -5.60
C ASP B 190 -24.88 -5.79 -5.09
N SER B 191 -24.78 -5.66 -3.78
CA SER B 191 -23.80 -4.78 -3.16
C SER B 191 -22.51 -5.50 -2.78
N SER B 192 -22.42 -6.81 -3.01
CA SER B 192 -21.17 -7.51 -2.78
C SER B 192 -20.09 -7.01 -3.72
N ILE B 193 -20.42 -6.83 -4.98
CA ILE B 193 -19.52 -6.20 -5.94
C ILE B 193 -19.57 -4.70 -5.72
N ILE B 194 -18.43 -4.02 -5.81
CA ILE B 194 -18.36 -2.58 -5.72
C ILE B 194 -17.98 -2.03 -7.09
N PHE B 195 -18.77 -1.09 -7.58
CA PHE B 195 -18.71 -0.63 -8.97
C PHE B 195 -18.33 0.83 -8.99
N GLU B 196 -17.18 1.14 -9.59
CA GLU B 196 -16.65 2.50 -9.63
C GLU B 196 -16.53 2.95 -11.08
N PHE B 197 -16.81 4.23 -11.32
CA PHE B 197 -16.59 4.86 -12.61
C PHE B 197 -15.79 6.14 -12.38
N PHE B 198 -14.52 6.13 -12.78
CA PHE B 198 -13.65 7.28 -12.59
C PHE B 198 -12.86 7.51 -13.87
N VAL B 199 -12.70 8.78 -14.23
CA VAL B 199 -12.06 9.18 -15.47
C VAL B 199 -10.69 9.75 -15.16
N GLN B 200 -9.70 9.37 -15.97
CA GLN B 200 -8.35 9.91 -15.86
C GLN B 200 -8.09 10.88 -17.00
N ASN B 201 -7.45 12.01 -16.68
CA ASN B 201 -7.21 13.07 -17.64
C ASN B 201 -6.03 12.70 -18.54
N ASP B 202 -5.57 13.65 -19.36
CA ASP B 202 -4.44 13.40 -20.24
C ASP B 202 -3.18 13.08 -19.45
N GLN B 203 -2.99 13.72 -18.31
CA GLN B 203 -1.85 13.46 -17.44
C GLN B 203 -1.99 12.16 -16.65
N CYS B 204 -2.97 11.33 -16.99
CA CYS B 204 -3.24 10.09 -16.27
C CYS B 204 -3.43 10.34 -14.78
N GLN B 205 -4.14 11.43 -14.46
CA GLN B 205 -4.44 11.79 -13.08
C GLN B 205 -5.82 11.27 -12.67
N PRO B 206 -5.99 10.85 -11.41
CA PRO B 206 -7.29 10.33 -10.97
C PRO B 206 -8.36 11.42 -10.87
N SER B 211 -16.14 11.33 -6.92
CA SER B 211 -17.39 10.58 -7.05
C SER B 211 -17.15 9.25 -7.77
N ARG B 212 -16.07 8.57 -7.40
CA ARG B 212 -15.74 7.29 -8.02
C ARG B 212 -16.79 6.24 -7.70
N TRP B 213 -17.11 6.08 -6.43
CA TRP B 213 -18.03 5.02 -6.01
C TRP B 213 -19.43 5.33 -6.51
N MET B 214 -20.17 4.27 -6.86
CA MET B 214 -21.46 4.41 -7.50
C MET B 214 -22.58 3.86 -6.65
N LYS B 215 -23.77 4.42 -6.83
CA LYS B 215 -24.93 4.13 -6.00
C LYS B 215 -25.46 2.72 -6.29
N THR B 216 -26.12 2.15 -5.29
CA THR B 216 -26.88 0.92 -5.51
C THR B 216 -28.14 1.24 -6.30
N THR B 217 -28.60 0.26 -7.08
CA THR B 217 -29.74 0.46 -7.96
C THR B 217 -30.92 -0.38 -7.49
N GLU B 218 -32.08 0.26 -7.44
CA GLU B 218 -33.35 -0.42 -7.24
C GLU B 218 -34.26 -0.02 -8.38
N LYS B 219 -35.49 -0.53 -8.37
CA LYS B 219 -36.57 -0.14 -9.29
C LYS B 219 -36.20 -0.31 -10.76
N GLY B 220 -35.08 -0.96 -11.04
CA GLY B 220 -34.68 -1.19 -12.41
C GLY B 220 -33.30 -0.66 -12.75
N TRP B 221 -33.20 0.17 -13.79
CA TRP B 221 -31.94 0.70 -14.28
C TRP B 221 -31.87 2.20 -14.08
N GLU B 222 -30.65 2.68 -13.84
CA GLU B 222 -30.41 4.08 -13.51
C GLU B 222 -29.49 4.72 -14.53
N PHE B 223 -29.46 6.05 -14.52
CA PHE B 223 -28.75 6.85 -15.51
C PHE B 223 -27.69 7.69 -14.81
N HIS B 224 -26.49 7.73 -15.38
CA HIS B 224 -25.40 8.52 -14.83
C HIS B 224 -24.71 9.31 -15.93
N SER B 225 -24.31 10.54 -15.60
CA SER B 225 -23.57 11.40 -16.52
C SER B 225 -22.38 12.00 -15.80
N VAL B 226 -21.25 12.07 -16.51
CA VAL B 226 -20.01 12.66 -15.98
C VAL B 226 -19.43 13.56 -17.05
N GLU B 227 -19.00 14.75 -16.65
CA GLU B 227 -18.41 15.71 -17.57
C GLU B 227 -17.02 15.26 -18.00
N LEU B 228 -16.58 15.78 -19.15
CA LEU B 228 -15.31 15.38 -19.73
C LEU B 228 -14.60 16.61 -20.30
N ASN B 229 -13.29 16.51 -20.44
CA ASN B 229 -12.43 17.61 -20.89
C ASN B 229 -11.86 17.32 -22.26
N ARG B 230 -11.05 18.27 -22.76
CA ARG B 230 -10.50 18.16 -24.11
C ARG B 230 -9.36 17.15 -24.18
N GLY B 231 -8.69 16.88 -23.06
CA GLY B 231 -7.58 15.97 -23.09
C GLY B 231 -8.00 14.54 -23.38
N ASN B 232 -7.00 13.71 -23.69
CA ASN B 232 -7.26 12.30 -23.94
C ASN B 232 -7.76 11.63 -22.66
N ASN B 233 -9.05 11.31 -22.61
CA ASN B 233 -9.70 10.81 -21.42
C ASN B 233 -9.87 9.30 -21.53
N VAL B 234 -9.53 8.58 -20.46
CA VAL B 234 -9.74 7.15 -20.38
C VAL B 234 -10.79 6.89 -19.31
N LEU B 235 -11.71 5.98 -19.59
CA LEU B 235 -12.87 5.73 -18.75
C LEU B 235 -12.74 4.33 -18.14
N TYR B 236 -12.83 4.23 -16.83
CA TYR B 236 -12.74 2.95 -16.14
C TYR B 236 -14.10 2.58 -15.58
N TRP B 237 -14.57 1.39 -15.92
CA TRP B 237 -15.68 0.74 -15.23
C TRP B 237 -15.10 -0.45 -14.48
N ARG B 238 -14.90 -0.31 -13.19
CA ARG B 238 -14.23 -1.32 -12.38
C ARG B 238 -15.21 -1.91 -11.38
N THR B 239 -15.19 -3.25 -11.27
CA THR B 239 -16.02 -3.98 -10.33
C THR B 239 -15.19 -5.04 -9.64
N THR B 240 -15.15 -5.00 -8.31
CA THR B 240 -14.47 -6.01 -7.51
C THR B 240 -15.46 -6.56 -6.50
N ALA B 241 -15.56 -7.89 -6.43
CA ALA B 241 -16.52 -8.55 -5.55
C ALA B 241 -15.86 -8.92 -4.22
N PHE B 242 -15.43 -7.90 -3.48
CA PHE B 242 -14.73 -8.09 -2.23
C PHE B 242 -15.37 -7.36 -1.06
N SER B 243 -16.70 -7.24 -1.03
CA SER B 243 -17.35 -6.54 0.06
C SER B 243 -17.80 -7.47 1.18
N VAL B 244 -18.43 -8.60 0.84
CA VAL B 244 -19.05 -9.47 1.83
C VAL B 244 -18.35 -10.82 1.92
N TRP B 245 -17.63 -11.22 0.86
CA TRP B 245 -16.94 -12.51 0.75
C TRP B 245 -17.91 -13.69 0.62
N SER B 246 -19.21 -13.46 0.71
CA SER B 246 -20.19 -14.55 0.61
C SER B 246 -20.12 -15.24 -0.75
N SER B 249 -22.02 -14.42 -6.99
CA SER B 249 -22.88 -13.30 -6.65
C SER B 249 -23.75 -12.91 -7.83
N LYS B 250 -24.14 -11.63 -7.89
CA LYS B 250 -24.97 -11.13 -8.97
C LYS B 250 -24.20 -10.11 -9.78
N PRO B 251 -24.19 -10.22 -11.11
CA PRO B 251 -23.36 -9.33 -11.92
C PRO B 251 -23.91 -7.92 -12.00
N VAL B 252 -23.05 -7.02 -12.50
CA VAL B 252 -23.38 -5.62 -12.72
C VAL B 252 -23.47 -5.37 -14.21
N LEU B 253 -24.52 -4.69 -14.63
CA LEU B 253 -24.83 -4.49 -16.05
C LEU B 253 -24.79 -3.01 -16.39
N VAL B 254 -24.14 -2.67 -17.49
CA VAL B 254 -24.13 -1.31 -18.01
C VAL B 254 -24.48 -1.34 -19.49
N ARG B 255 -25.23 -0.32 -19.92
CA ARG B 255 -25.64 -0.23 -21.31
C ARG B 255 -25.58 1.21 -21.79
N ASN B 256 -25.70 1.37 -23.10
CA ASN B 256 -25.93 2.66 -23.76
C ASN B 256 -24.87 3.70 -23.37
N ILE B 257 -23.61 3.33 -23.56
CA ILE B 257 -22.53 4.29 -23.40
C ILE B 257 -22.65 5.34 -24.49
N ALA B 258 -22.61 6.61 -24.11
CA ALA B 258 -22.84 7.71 -25.06
C ALA B 258 -21.81 8.81 -24.84
N ILE B 259 -20.69 8.69 -25.53
CA ILE B 259 -19.68 9.74 -25.54
C ILE B 259 -20.13 10.85 -26.49
N THR B 260 -19.84 12.09 -26.13
CA THR B 260 -20.15 13.21 -27.02
C THR B 260 -18.95 14.13 -27.13
N GLY B 261 -18.84 14.79 -28.29
CA GLY B 261 -17.74 15.68 -28.56
C GLY B 261 -16.51 15.05 -29.17
N VAL B 262 -16.63 13.90 -29.81
CA VAL B 262 -15.44 13.18 -30.27
C VAL B 262 -14.88 13.80 -31.54
N ALA B 263 -15.74 14.04 -32.54
CA ALA B 263 -15.25 14.22 -33.90
C ALA B 263 -15.52 15.58 -34.53
N TYR B 264 -16.21 16.50 -33.83
CA TYR B 264 -16.50 17.84 -34.34
C TYR B 264 -17.44 17.81 -35.53
N THR B 265 -17.76 16.62 -36.04
CA THR B 265 -18.51 16.47 -37.28
C THR B 265 -18.92 15.03 -37.49
N SER B 266 -20.16 14.79 -37.91
CA SER B 266 -20.60 13.45 -38.25
C SER B 266 -21.47 13.51 -39.48
N GLU B 267 -21.53 12.39 -40.21
CA GLU B 267 -22.39 12.22 -41.36
C GLU B 267 -23.54 11.28 -41.01
N CYS B 268 -24.69 11.51 -41.64
CA CYS B 268 -25.95 10.92 -41.21
C CYS B 268 -26.06 9.49 -41.74
N PHE B 269 -25.82 8.52 -40.86
CA PHE B 269 -25.90 7.12 -41.23
C PHE B 269 -27.36 6.70 -41.45
N PRO B 270 -27.57 5.66 -42.26
CA PRO B 270 -28.89 5.02 -42.28
C PRO B 270 -29.16 4.31 -40.96
N CYS B 271 -30.42 4.34 -40.55
CA CYS B 271 -30.81 3.71 -39.29
C CYS B 271 -30.72 2.19 -39.42
N LYS B 272 -30.32 1.54 -38.33
CA LYS B 272 -30.10 0.11 -38.35
C LYS B 272 -31.42 -0.64 -38.57
N PRO B 273 -31.37 -1.81 -39.21
CA PRO B 273 -32.60 -2.60 -39.39
C PRO B 273 -33.21 -2.98 -38.05
N GLY B 274 -34.54 -3.07 -38.04
CA GLY B 274 -35.27 -3.29 -36.81
C GLY B 274 -35.58 -2.05 -36.02
N THR B 275 -35.29 -0.87 -36.56
CA THR B 275 -35.61 0.40 -35.92
C THR B 275 -36.11 1.37 -36.98
N TYR B 276 -36.73 2.46 -36.54
CA TYR B 276 -37.37 3.40 -37.44
C TYR B 276 -37.12 4.82 -36.95
N ALA B 277 -37.17 5.78 -37.89
CA ALA B 277 -37.08 7.21 -37.57
C ALA B 277 -38.04 7.95 -38.51
N ALA B 278 -39.26 8.17 -38.05
CA ALA B 278 -40.26 8.85 -38.86
C ALA B 278 -39.95 10.33 -39.00
N LYS B 279 -39.40 10.94 -37.94
CA LYS B 279 -39.11 12.37 -37.95
C LYS B 279 -37.67 12.61 -38.39
N GLN B 280 -37.48 13.62 -39.24
CA GLN B 280 -36.15 13.98 -39.69
C GLN B 280 -35.33 14.55 -38.55
N GLY B 281 -34.02 14.38 -38.65
CA GLY B 281 -33.12 14.85 -37.60
C GLY B 281 -33.31 14.13 -36.28
N SER B 282 -33.63 12.85 -36.34
CA SER B 282 -33.81 12.07 -35.11
C SER B 282 -32.46 11.84 -34.44
N PRO B 283 -32.31 12.17 -33.16
CA PRO B 283 -31.04 11.88 -32.48
C PRO B 283 -30.68 10.41 -32.47
N PHE B 284 -31.68 9.53 -32.39
CA PHE B 284 -31.46 8.09 -32.49
C PHE B 284 -32.79 7.44 -32.84
N CYS B 285 -32.79 6.61 -33.88
CA CYS B 285 -34.03 6.03 -34.37
C CYS B 285 -34.60 5.05 -33.36
N LYS B 286 -35.91 5.13 -33.16
CA LYS B 286 -36.59 4.38 -32.11
C LYS B 286 -36.61 2.89 -32.42
N LEU B 287 -36.52 2.07 -31.38
CA LEU B 287 -36.61 0.63 -31.55
C LEU B 287 -38.01 0.24 -32.00
N CYS B 288 -38.08 -0.73 -32.90
CA CYS B 288 -39.36 -1.17 -33.43
C CYS B 288 -40.17 -1.85 -32.33
N PRO B 289 -41.43 -1.49 -32.14
CA PRO B 289 -42.26 -2.20 -31.17
C PRO B 289 -42.45 -3.66 -31.57
N ALA B 290 -42.85 -4.47 -30.59
CA ALA B 290 -42.85 -5.92 -30.76
C ALA B 290 -43.81 -6.35 -31.86
N ASN B 291 -43.47 -7.48 -32.49
CA ASN B 291 -44.31 -8.13 -33.51
C ASN B 291 -44.46 -7.26 -34.76
N TYR B 292 -43.50 -6.38 -35.01
CA TYR B 292 -43.50 -5.55 -36.21
C TYR B 292 -42.21 -5.76 -36.99
N TYR B 293 -42.32 -5.65 -38.31
CA TYR B 293 -41.20 -5.78 -39.23
C TYR B 293 -40.61 -4.43 -39.56
N SER B 294 -39.28 -4.38 -39.72
CA SER B 294 -38.60 -3.13 -40.04
C SER B 294 -37.30 -3.44 -40.75
N ASN B 295 -37.08 -2.78 -41.88
CA ASN B 295 -35.83 -2.87 -42.61
C ASN B 295 -35.00 -1.61 -42.40
N LYS B 296 -33.71 -1.70 -42.75
CA LYS B 296 -32.81 -0.58 -42.57
C LYS B 296 -33.24 0.61 -43.42
N GLY B 297 -33.28 1.79 -42.80
CA GLY B 297 -33.64 3.01 -43.50
C GLY B 297 -35.12 3.21 -43.72
N GLU B 298 -35.97 2.31 -43.22
CA GLU B 298 -37.39 2.46 -43.41
C GLU B 298 -37.93 3.64 -42.60
N THR B 299 -38.88 4.37 -43.19
CA THR B 299 -39.44 5.53 -42.51
C THR B 299 -40.19 5.12 -41.25
N SER B 300 -40.93 4.02 -41.30
CA SER B 300 -41.67 3.54 -40.14
C SER B 300 -41.79 2.02 -40.23
N CYS B 301 -42.04 1.40 -39.09
CA CYS B 301 -42.13 -0.05 -39.03
C CYS B 301 -43.33 -0.56 -39.81
N ALA B 302 -43.12 -1.66 -40.54
CA ALA B 302 -44.20 -2.34 -41.24
C ALA B 302 -44.76 -3.46 -40.36
N PRO B 303 -46.06 -3.49 -40.11
CA PRO B 303 -46.61 -4.55 -39.25
C PRO B 303 -46.34 -5.93 -39.81
N CYS B 304 -46.03 -6.86 -38.91
CA CYS B 304 -45.71 -8.22 -39.31
C CYS B 304 -46.98 -9.06 -39.44
N ASP B 305 -46.83 -10.20 -40.13
CA ASP B 305 -47.96 -11.08 -40.35
C ASP B 305 -48.36 -11.77 -39.05
N ALA B 306 -49.57 -12.34 -39.07
CA ALA B 306 -50.07 -13.03 -37.88
C ALA B 306 -49.27 -14.29 -37.59
N ASP B 307 -48.83 -14.98 -38.64
CA ASP B 307 -48.11 -16.25 -38.45
C ASP B 307 -46.72 -16.05 -37.86
N LYS B 308 -46.12 -14.88 -38.03
CA LYS B 308 -44.75 -14.64 -37.60
C LYS B 308 -44.72 -13.54 -36.55
N TYR B 309 -44.03 -13.79 -35.45
CA TYR B 309 -43.88 -12.81 -34.37
C TYR B 309 -42.42 -12.38 -34.27
N SER B 310 -42.21 -11.12 -33.92
CA SER B 310 -40.88 -10.55 -33.76
C SER B 310 -40.76 -9.88 -32.40
N GLU B 311 -39.63 -10.09 -31.74
CA GLU B 311 -39.38 -9.44 -30.47
C GLU B 311 -39.17 -7.94 -30.67
N LYS B 312 -39.02 -7.23 -29.55
CA LYS B 312 -38.82 -5.79 -29.61
C LYS B 312 -37.50 -5.48 -30.32
N GLY B 313 -37.56 -4.58 -31.29
CA GLY B 313 -36.36 -4.22 -32.05
C GLY B 313 -35.77 -5.37 -32.83
N SER B 314 -36.61 -6.19 -33.46
CA SER B 314 -36.15 -7.32 -34.26
C SER B 314 -36.45 -7.05 -35.72
N SER B 315 -35.41 -7.14 -36.57
CA SER B 315 -35.58 -6.83 -37.98
C SER B 315 -36.34 -7.94 -38.70
N THR B 316 -36.03 -9.20 -38.39
CA THR B 316 -36.60 -10.34 -39.09
C THR B 316 -37.64 -11.02 -38.20
N CYS B 317 -38.82 -11.25 -38.75
CA CYS B 317 -39.87 -11.96 -38.02
C CYS B 317 -39.56 -13.46 -37.98
N LYS B 318 -40.14 -14.12 -36.97
CA LYS B 318 -40.00 -15.56 -36.81
C LYS B 318 -41.38 -16.18 -36.65
N VAL B 319 -41.57 -17.33 -37.30
CA VAL B 319 -42.87 -18.00 -37.26
C VAL B 319 -43.21 -18.38 -35.82
N ARG B 320 -44.47 -18.14 -35.45
CA ARG B 320 -44.91 -18.43 -34.09
C ARG B 320 -44.84 -19.94 -33.84
N PRO B 321 -44.22 -20.38 -32.75
CA PRO B 321 -44.10 -21.82 -32.49
C PRO B 321 -45.41 -22.42 -32.05
N ALA B 322 -45.50 -23.75 -32.19
CA ALA B 322 -46.67 -24.49 -31.75
C ALA B 322 -46.75 -24.49 -30.23
N CYS B 323 -47.98 -24.34 -29.73
CA CYS B 323 -48.20 -24.28 -28.29
C CYS B 323 -47.98 -25.65 -27.66
N THR B 324 -47.52 -25.63 -26.40
CA THR B 324 -47.33 -26.84 -25.61
C THR B 324 -48.09 -26.68 -24.30
N ASP B 325 -48.13 -27.78 -23.53
CA ASP B 325 -48.78 -27.74 -22.23
C ASP B 325 -47.98 -26.92 -21.22
N LYS B 326 -46.73 -26.58 -21.53
CA LYS B 326 -45.90 -25.81 -20.62
C LYS B 326 -46.28 -24.33 -20.59
N ASP B 327 -47.14 -23.88 -21.51
CA ASP B 327 -47.52 -22.48 -21.59
C ASP B 327 -48.71 -22.12 -20.72
N TYR B 328 -49.24 -23.07 -19.95
CA TYR B 328 -50.41 -22.83 -19.11
C TYR B 328 -50.00 -22.59 -17.67
N PHE B 329 -50.87 -21.92 -16.93
CA PHE B 329 -50.77 -21.87 -15.47
C PHE B 329 -52.18 -21.79 -14.91
N TYR B 330 -52.50 -22.72 -14.01
CA TYR B 330 -53.86 -22.90 -13.52
C TYR B 330 -54.08 -22.07 -12.27
N THR B 331 -55.30 -21.53 -12.14
CA THR B 331 -55.65 -20.66 -11.04
C THR B 331 -57.03 -21.04 -10.54
N HIS B 332 -57.35 -20.58 -9.33
CA HIS B 332 -58.69 -20.68 -8.79
C HIS B 332 -59.40 -19.33 -8.92
N THR B 333 -60.63 -19.37 -9.43
CA THR B 333 -61.42 -18.16 -9.56
C THR B 333 -61.85 -17.65 -8.19
N ALA B 334 -62.24 -16.38 -8.15
CA ALA B 334 -62.77 -15.81 -6.92
C ALA B 334 -64.08 -16.48 -6.55
N CYS B 335 -64.37 -16.49 -5.25
CA CYS B 335 -65.58 -17.13 -4.76
C CYS B 335 -66.81 -16.35 -5.20
N ASP B 336 -67.63 -16.96 -6.05
CA ASP B 336 -68.83 -16.31 -6.54
C ASP B 336 -69.89 -16.26 -5.43
N ALA B 337 -71.02 -15.61 -5.76
CA ALA B 337 -72.11 -15.52 -4.80
C ALA B 337 -72.68 -16.90 -4.46
N GLN B 338 -72.58 -17.85 -5.40
CA GLN B 338 -73.02 -19.21 -5.12
C GLN B 338 -72.13 -19.89 -4.08
N GLY B 339 -70.89 -19.41 -3.95
CA GLY B 339 -69.96 -19.97 -2.99
C GLY B 339 -69.15 -21.15 -3.49
N GLU B 340 -69.27 -21.50 -4.77
CA GLU B 340 -68.51 -22.59 -5.36
C GLU B 340 -67.56 -22.02 -6.40
N THR B 341 -66.26 -22.07 -6.11
CA THR B 341 -65.25 -21.57 -7.03
C THR B 341 -64.98 -22.61 -8.11
N GLN B 342 -64.09 -22.29 -9.04
CA GLN B 342 -63.78 -23.19 -10.14
C GLN B 342 -62.35 -22.97 -10.59
N LEU B 343 -61.65 -24.07 -10.89
CA LEU B 343 -60.30 -23.97 -11.44
C LEU B 343 -60.35 -23.29 -12.80
N MET B 344 -59.40 -22.41 -13.06
CA MET B 344 -59.36 -21.67 -14.31
C MET B 344 -57.96 -21.77 -14.92
N TYR B 345 -57.93 -21.77 -16.25
CA TYR B 345 -56.69 -21.83 -17.01
C TYR B 345 -56.57 -20.60 -17.90
N LYS B 346 -55.44 -19.90 -17.78
CA LYS B 346 -55.13 -18.76 -18.61
C LYS B 346 -53.79 -18.99 -19.31
N TRP B 347 -53.74 -18.64 -20.60
CA TRP B 347 -52.53 -18.82 -21.38
C TRP B 347 -51.40 -17.95 -20.81
N ALA B 348 -50.18 -18.27 -21.20
CA ALA B 348 -49.05 -17.40 -20.88
C ALA B 348 -49.30 -16.03 -21.47
N ILE B 349 -49.32 -15.02 -20.61
CA ILE B 349 -49.84 -13.70 -20.99
C ILE B 349 -48.94 -13.02 -22.03
N PRO B 350 -47.60 -13.21 -22.06
CA PRO B 350 -46.89 -12.69 -23.23
C PRO B 350 -46.89 -13.73 -24.34
N LYS B 351 -48.09 -14.04 -24.82
CA LYS B 351 -48.28 -15.19 -25.71
C LYS B 351 -47.51 -15.03 -27.01
N ILE B 352 -46.78 -16.07 -27.38
CA ILE B 352 -46.04 -16.12 -28.63
C ILE B 352 -46.34 -17.37 -29.44
N CYS B 353 -47.19 -18.26 -28.92
CA CYS B 353 -47.54 -19.50 -29.59
C CYS B 353 -48.90 -19.39 -30.27
N GLY B 354 -49.16 -20.31 -31.20
CA GLY B 354 -50.41 -20.32 -31.92
C GLY B 354 -51.27 -21.54 -31.64
N GLU B 355 -52.52 -21.31 -31.27
CA GLU B 355 -53.42 -22.42 -30.96
C GLU B 355 -53.90 -23.11 -32.24
N ASP B 356 -54.06 -22.34 -33.32
CA ASP B 356 -54.54 -22.91 -34.58
C ASP B 356 -53.53 -23.87 -35.21
N LEU B 357 -52.26 -23.76 -34.85
CA LEU B 357 -51.24 -24.64 -35.40
C LEU B 357 -51.45 -26.07 -34.93
N GLU B 358 -51.20 -27.03 -35.82
CA GLU B 358 -51.37 -28.43 -35.49
C GLU B 358 -50.31 -28.87 -34.48
N GLY B 359 -50.66 -29.88 -33.68
CA GLY B 359 -49.78 -30.38 -32.65
C GLY B 359 -49.79 -29.57 -31.37
N ALA B 360 -50.62 -28.55 -31.27
CA ALA B 360 -50.70 -27.70 -30.09
C ALA B 360 -51.96 -28.02 -29.32
N VAL B 361 -51.82 -28.27 -28.01
CA VAL B 361 -52.96 -28.58 -27.18
C VAL B 361 -53.79 -27.33 -26.94
N LYS B 362 -55.10 -27.46 -27.04
CA LYS B 362 -56.00 -26.34 -26.79
C LYS B 362 -56.05 -26.02 -25.30
N LEU B 363 -56.81 -24.99 -24.96
CA LEU B 363 -56.95 -24.60 -23.56
C LEU B 363 -57.68 -25.70 -22.80
N PRO B 364 -57.11 -26.25 -21.74
CA PRO B 364 -57.78 -27.35 -21.02
C PRO B 364 -59.13 -26.91 -20.47
N ALA B 365 -60.07 -27.85 -20.50
CA ALA B 365 -61.41 -27.58 -19.98
C ALA B 365 -61.33 -27.26 -18.49
N SER B 366 -61.92 -26.12 -18.10
CA SER B 366 -61.86 -25.64 -16.74
C SER B 366 -63.24 -25.17 -16.30
N GLY B 367 -63.47 -25.18 -14.99
CA GLY B 367 -64.75 -24.74 -14.46
C GLY B 367 -65.40 -25.75 -13.54
N VAL B 368 -64.63 -26.70 -13.02
CA VAL B 368 -65.16 -27.68 -12.08
C VAL B 368 -65.49 -26.97 -10.78
N LYS B 369 -66.75 -27.05 -10.37
CA LYS B 369 -67.24 -26.31 -9.21
C LYS B 369 -66.85 -27.05 -7.93
N THR B 370 -66.05 -26.40 -7.09
CA THR B 370 -65.67 -26.91 -5.79
C THR B 370 -65.87 -25.83 -4.75
N ARG B 371 -66.01 -26.25 -3.49
CA ARG B 371 -66.26 -25.31 -2.41
C ARG B 371 -65.04 -24.42 -2.18
N CYS B 372 -65.31 -23.14 -1.92
CA CYS B 372 -64.24 -22.19 -1.63
C CYS B 372 -63.61 -22.52 -0.28
N PRO B 373 -62.29 -22.38 -0.14
CA PRO B 373 -61.66 -22.58 1.17
C PRO B 373 -62.18 -21.56 2.16
N PRO B 374 -62.26 -21.92 3.44
CA PRO B 374 -62.79 -21.00 4.44
C PRO B 374 -61.91 -19.77 4.60
N CYS B 375 -62.52 -18.68 5.05
CA CYS B 375 -61.79 -17.44 5.22
C CYS B 375 -60.66 -17.63 6.23
N ASN B 376 -59.62 -16.82 6.05
CA ASN B 376 -58.42 -16.93 6.88
C ASN B 376 -58.74 -16.51 8.31
N PRO B 377 -57.98 -17.03 9.27
CA PRO B 377 -58.21 -16.64 10.68
C PRO B 377 -58.11 -15.13 10.86
N GLY B 378 -59.24 -14.54 11.26
CA GLY B 378 -59.34 -13.11 11.45
C GLY B 378 -60.29 -12.41 10.52
N PHE B 379 -60.70 -13.05 9.42
CA PHE B 379 -61.69 -12.52 8.51
C PHE B 379 -63.00 -13.28 8.70
N PHE B 380 -64.11 -12.55 8.73
CA PHE B 380 -65.42 -13.15 8.93
C PHE B 380 -66.05 -13.47 7.59
N LYS B 381 -66.54 -14.70 7.45
CA LYS B 381 -67.25 -15.10 6.25
C LYS B 381 -68.56 -14.34 6.14
N THR B 382 -68.86 -13.85 4.93
CA THR B 382 -70.07 -13.09 4.66
C THR B 382 -71.07 -13.95 3.91
N ASP B 383 -72.32 -13.49 3.89
CA ASP B 383 -73.33 -14.13 3.06
C ASP B 383 -72.97 -14.02 1.58
N ASN B 384 -72.20 -13.00 1.22
CA ASN B 384 -71.68 -12.87 -0.14
C ASN B 384 -70.48 -13.76 -0.39
N SER B 385 -70.03 -14.52 0.62
CA SER B 385 -68.89 -15.43 0.55
C SER B 385 -67.57 -14.72 0.27
N THR B 386 -67.45 -13.45 0.62
CA THR B 386 -66.22 -12.70 0.44
C THR B 386 -65.51 -12.51 1.77
N CYS B 387 -64.22 -12.83 1.79
CA CYS B 387 -63.41 -12.69 3.00
C CYS B 387 -63.07 -11.22 3.24
N GLU B 388 -63.28 -10.76 4.47
CA GLU B 388 -63.03 -9.39 4.85
C GLU B 388 -62.79 -9.37 6.35
N PRO B 389 -61.86 -8.55 6.84
CA PRO B 389 -61.57 -8.53 8.28
C PRO B 389 -62.79 -8.11 9.09
N CYS B 390 -62.95 -8.73 10.25
CA CYS B 390 -64.01 -8.42 11.19
C CYS B 390 -63.48 -7.52 12.30
N PRO B 391 -64.35 -6.88 13.09
CA PRO B 391 -63.91 -5.78 13.95
C PRO B 391 -62.83 -6.20 14.96
N TYR B 392 -62.00 -5.23 15.31
CA TYR B 392 -60.91 -5.43 16.25
C TYR B 392 -61.44 -5.86 17.61
N GLY B 393 -60.68 -6.71 18.29
CA GLY B 393 -61.07 -7.23 19.58
C GLY B 393 -61.75 -8.58 19.56
N SER B 394 -61.68 -9.30 18.44
CA SER B 394 -62.30 -10.61 18.33
C SER B 394 -61.39 -11.52 17.53
N TYR B 395 -61.57 -12.83 17.72
CA TYR B 395 -60.76 -13.84 17.07
C TYR B 395 -61.66 -14.82 16.33
N SER B 396 -61.21 -15.26 15.15
CA SER B 396 -62.00 -16.11 14.28
C SER B 396 -61.32 -17.46 14.09
N ASN B 397 -62.13 -18.52 14.15
CA ASN B 397 -61.70 -19.84 13.72
C ASN B 397 -62.07 -20.12 12.28
N GLY B 398 -62.82 -19.23 11.64
CA GLY B 398 -63.27 -19.43 10.28
C GLY B 398 -64.78 -19.33 10.14
N SER B 399 -65.51 -19.91 11.10
CA SER B 399 -66.97 -19.84 11.05
C SER B 399 -67.46 -18.43 11.32
N ASP B 400 -66.98 -17.82 12.39
CA ASP B 400 -67.33 -16.45 12.77
C ASP B 400 -66.42 -16.04 13.93
N CYS B 401 -65.98 -14.78 13.93
CA CYS B 401 -65.05 -14.33 14.96
C CYS B 401 -65.81 -14.00 16.24
N THR B 402 -65.51 -14.73 17.31
CA THR B 402 -66.19 -14.54 18.58
C THR B 402 -65.59 -13.35 19.32
N HIS B 403 -66.46 -12.52 19.88
CA HIS B 403 -66.00 -11.36 20.64
C HIS B 403 -65.20 -11.81 21.86
N CYS B 404 -64.09 -11.11 22.11
CA CYS B 404 -63.26 -11.48 23.24
C CYS B 404 -63.62 -10.66 24.48
N PRO B 405 -63.45 -11.23 25.66
CA PRO B 405 -63.61 -10.44 26.89
C PRO B 405 -62.52 -9.38 26.99
N ALA B 406 -62.84 -8.32 27.73
CA ALA B 406 -61.85 -7.29 27.99
C ALA B 406 -60.67 -7.85 28.77
N GLY B 407 -60.90 -8.92 29.55
CA GLY B 407 -59.82 -9.55 30.28
C GLY B 407 -58.82 -10.26 29.39
N THR B 408 -59.27 -10.72 28.22
CA THR B 408 -58.36 -11.33 27.26
C THR B 408 -58.00 -10.32 26.17
N GLU B 409 -57.01 -10.68 25.32
CA GLU B 409 -56.52 -9.61 24.47
C GLU B 409 -56.43 -10.07 23.02
N PRO B 410 -56.74 -9.21 22.07
CA PRO B 410 -56.55 -9.58 20.66
C PRO B 410 -55.08 -9.69 20.30
N ALA B 411 -54.80 -10.52 19.31
CA ALA B 411 -53.45 -10.71 18.80
C ALA B 411 -53.30 -9.91 17.51
N VAL B 412 -52.46 -8.89 17.55
CA VAL B 412 -52.19 -8.07 16.36
C VAL B 412 -51.21 -8.81 15.46
N GLY B 413 -51.49 -8.81 14.17
CA GLY B 413 -50.70 -9.54 13.21
C GLY B 413 -51.57 -10.01 12.05
N PHE B 414 -50.90 -10.44 10.98
CA PHE B 414 -51.57 -10.90 9.77
C PHE B 414 -51.21 -12.34 9.51
N GLU B 415 -52.23 -13.18 9.26
CA GLU B 415 -52.04 -14.57 8.90
C GLU B 415 -52.68 -14.81 7.54
N TYR B 416 -51.97 -15.52 6.66
CA TYR B 416 -52.46 -15.83 5.32
C TYR B 416 -52.22 -17.31 5.07
N LYS B 417 -53.26 -18.12 5.23
CA LYS B 417 -53.17 -19.56 5.07
C LYS B 417 -53.98 -20.07 3.88
N TRP B 418 -55.22 -19.63 3.72
CA TRP B 418 -56.07 -20.05 2.62
C TRP B 418 -56.04 -18.98 1.53
N TRP B 419 -55.81 -19.41 0.29
CA TRP B 419 -55.61 -18.51 -0.83
C TRP B 419 -56.78 -18.60 -1.80
N ASN B 420 -57.67 -17.63 -1.72
CA ASN B 420 -58.70 -17.43 -2.74
C ASN B 420 -58.44 -16.22 -3.61
N THR B 421 -57.86 -15.15 -3.04
CA THR B 421 -57.42 -14.00 -3.80
C THR B 421 -56.22 -13.42 -3.07
N LEU B 422 -55.44 -12.63 -3.79
CA LEU B 422 -54.32 -11.95 -3.15
C LEU B 422 -54.86 -10.92 -2.18
N PRO B 423 -54.53 -11.01 -0.88
CA PRO B 423 -54.97 -9.99 0.07
C PRO B 423 -54.46 -8.60 -0.29
N SER B 424 -54.97 -7.62 0.47
CA SER B 424 -54.70 -6.22 0.13
C SER B 424 -53.22 -5.90 0.19
N ASN B 425 -52.51 -6.42 1.20
CA ASN B 425 -51.09 -6.12 1.33
C ASN B 425 -50.25 -6.88 0.31
N MET B 426 -50.74 -8.03 -0.16
CA MET B 426 -50.02 -8.77 -1.19
C MET B 426 -49.94 -7.98 -2.48
N GLU B 427 -48.77 -8.00 -3.11
CA GLU B 427 -48.63 -7.64 -4.51
C GLU B 427 -47.71 -8.65 -5.16
N THR B 428 -47.99 -8.97 -6.42
CA THR B 428 -47.17 -9.88 -7.19
C THR B 428 -46.66 -9.15 -8.43
N THR B 429 -45.37 -9.32 -8.72
CA THR B 429 -44.75 -8.65 -9.84
C THR B 429 -43.83 -9.63 -10.55
N VAL B 430 -43.57 -9.38 -11.83
CA VAL B 430 -42.70 -10.22 -12.63
C VAL B 430 -41.46 -9.40 -13.01
N LEU B 431 -40.29 -10.01 -12.85
CA LEU B 431 -39.04 -9.42 -13.27
C LEU B 431 -38.47 -10.28 -14.40
N SER B 432 -38.10 -9.64 -15.50
CA SER B 432 -37.62 -10.34 -16.68
C SER B 432 -36.14 -10.67 -16.53
N GLY B 433 -35.72 -11.73 -17.22
CA GLY B 433 -34.33 -12.13 -17.19
C GLY B 433 -33.52 -11.62 -18.36
N ILE B 434 -34.18 -11.01 -19.36
CA ILE B 434 -33.47 -10.49 -20.51
C ILE B 434 -33.22 -8.99 -20.38
N ASN B 435 -34.20 -8.24 -19.88
CA ASN B 435 -34.06 -6.79 -19.74
C ASN B 435 -34.07 -6.31 -18.30
N PHE B 436 -34.33 -7.18 -17.33
CA PHE B 436 -34.25 -6.85 -15.91
C PHE B 436 -35.14 -5.66 -15.56
N GLU B 437 -36.34 -5.63 -16.15
CA GLU B 437 -37.32 -4.59 -15.88
C GLU B 437 -38.59 -5.22 -15.35
N TYR B 438 -39.24 -4.50 -14.43
CA TYR B 438 -40.40 -5.03 -13.69
C TYR B 438 -41.65 -4.85 -14.52
N LYS B 439 -42.01 -5.91 -15.25
CA LYS B 439 -43.30 -5.91 -15.93
C LYS B 439 -44.46 -5.87 -14.93
N GLY B 440 -44.35 -6.67 -13.87
CA GLY B 440 -45.22 -6.53 -12.71
C GLY B 440 -46.65 -6.99 -12.89
N LEU B 441 -46.96 -7.73 -13.96
CA LEU B 441 -48.35 -8.08 -14.23
C LEU B 441 -48.87 -9.12 -13.26
N THR B 442 -48.30 -10.33 -13.25
CA THR B 442 -48.76 -11.40 -12.39
C THR B 442 -47.69 -12.47 -12.27
N GLY B 443 -47.09 -12.57 -11.08
CA GLY B 443 -46.04 -13.57 -10.87
C GLY B 443 -46.52 -14.79 -10.12
N TRP B 444 -47.23 -14.58 -9.02
CA TRP B 444 -47.70 -15.66 -8.16
C TRP B 444 -49.22 -15.71 -8.23
N GLU B 445 -49.78 -16.88 -8.46
CA GLU B 445 -51.21 -17.05 -8.52
C GLU B 445 -51.68 -18.00 -7.42
N VAL B 446 -52.92 -17.80 -6.98
CA VAL B 446 -53.48 -18.53 -5.85
C VAL B 446 -53.95 -19.90 -6.31
N ALA B 447 -53.86 -20.88 -5.40
CA ALA B 447 -54.32 -22.23 -5.71
C ALA B 447 -55.05 -22.88 -4.54
N GLY B 448 -55.59 -22.09 -3.62
CA GLY B 448 -56.36 -22.62 -2.51
C GLY B 448 -55.52 -23.09 -1.34
N ASP B 449 -54.93 -24.27 -1.47
CA ASP B 449 -54.06 -24.79 -0.41
C ASP B 449 -52.72 -24.08 -0.40
N HIS B 450 -52.20 -23.74 -1.59
CA HIS B 450 -50.92 -23.06 -1.71
C HIS B 450 -51.08 -21.90 -2.67
N ILE B 451 -50.10 -21.01 -2.67
CA ILE B 451 -50.02 -19.95 -3.67
C ILE B 451 -48.96 -20.39 -4.70
N TYR B 452 -49.42 -20.54 -5.93
CA TYR B 452 -48.61 -21.11 -7.00
C TYR B 452 -47.44 -20.19 -7.33
N THR B 453 -46.61 -20.62 -8.26
CA THR B 453 -45.63 -19.74 -8.91
C THR B 453 -45.91 -19.80 -10.40
N ALA B 454 -46.59 -18.77 -10.91
CA ALA B 454 -47.09 -18.79 -12.27
C ALA B 454 -45.95 -18.66 -13.26
N VAL B 455 -46.30 -18.62 -14.54
CA VAL B 455 -45.32 -18.63 -15.61
C VAL B 455 -44.97 -17.20 -15.99
N GLY B 456 -43.67 -16.91 -16.08
CA GLY B 456 -43.22 -15.61 -16.53
C GLY B 456 -43.09 -15.54 -18.04
N ALA B 457 -42.62 -14.38 -18.51
CA ALA B 457 -42.41 -14.19 -19.94
C ALA B 457 -41.33 -15.13 -20.47
N SER B 458 -40.24 -15.28 -19.73
CA SER B 458 -39.12 -16.10 -20.15
C SER B 458 -38.77 -17.10 -19.05
N ASP B 459 -37.82 -17.98 -19.37
CA ASP B 459 -37.47 -19.05 -18.45
C ASP B 459 -36.46 -18.59 -17.41
N ASN B 460 -36.00 -17.34 -17.48
CA ASN B 460 -35.11 -16.74 -16.51
C ASN B 460 -35.80 -15.73 -15.60
N ASP B 461 -37.13 -15.68 -15.60
CA ASP B 461 -37.84 -14.59 -14.96
C ASP B 461 -37.82 -14.71 -13.44
N PHE B 462 -37.92 -13.56 -12.77
CA PHE B 462 -38.03 -13.50 -11.31
C PHE B 462 -39.48 -13.19 -10.94
N MET B 463 -40.27 -14.22 -10.69
CA MET B 463 -41.67 -14.05 -10.28
C MET B 463 -41.67 -13.61 -8.82
N ILE B 464 -41.96 -12.33 -8.61
CA ILE B 464 -41.73 -11.69 -7.31
C ILE B 464 -43.06 -11.54 -6.58
N LEU B 465 -43.15 -12.12 -5.39
CA LEU B 465 -44.25 -11.91 -4.47
C LEU B 465 -43.76 -10.98 -3.37
N THR B 466 -44.59 -10.02 -3.00
CA THR B 466 -44.20 -9.02 -2.01
C THR B 466 -45.25 -8.92 -0.92
N LEU B 467 -44.81 -8.92 0.33
CA LEU B 467 -45.65 -8.65 1.49
C LEU B 467 -45.25 -7.30 2.05
N VAL B 468 -46.24 -6.48 2.41
CA VAL B 468 -45.99 -5.15 2.97
C VAL B 468 -46.77 -5.03 4.27
N VAL B 469 -46.08 -4.68 5.35
CA VAL B 469 -46.68 -4.43 6.65
C VAL B 469 -46.52 -2.95 6.96
N PRO B 470 -47.56 -2.26 7.42
CA PRO B 470 -47.40 -0.84 7.80
C PRO B 470 -46.48 -0.66 8.99
N GLY B 471 -46.77 -1.40 10.07
CA GLY B 471 -45.98 -1.21 11.31
C GLY B 471 -46.32 -2.25 12.34
N PHE B 472 -45.44 -2.45 13.31
CA PHE B 472 -45.65 -3.55 14.29
C PHE B 472 -45.85 -2.99 15.67
N ARG B 473 -46.85 -3.52 16.38
CA ARG B 473 -47.15 -3.04 17.74
C ARG B 473 -46.58 -4.05 18.72
N PRO B 474 -45.67 -3.62 19.61
CA PRO B 474 -45.03 -4.56 20.51
C PRO B 474 -45.96 -4.83 21.63
N PRO B 475 -46.13 -6.10 22.08
CA PRO B 475 -46.93 -6.29 23.29
C PRO B 475 -46.31 -5.56 24.47
N GLN B 476 -47.16 -5.13 25.40
CA GLN B 476 -46.71 -4.28 26.49
C GLN B 476 -45.60 -4.94 27.31
N SER B 477 -45.70 -6.26 27.55
CA SER B 477 -44.65 -6.95 28.29
C SER B 477 -43.33 -6.94 27.52
N VAL B 478 -43.39 -7.15 26.21
CA VAL B 478 -42.16 -7.25 25.42
C VAL B 478 -41.44 -5.91 25.36
N VAL B 479 -42.18 -4.82 25.13
CA VAL B 479 -41.56 -3.51 25.00
C VAL B 479 -40.99 -3.04 26.33
N ALA B 480 -41.45 -3.59 27.45
CA ALA B 480 -40.94 -3.18 28.76
C ALA B 480 -39.46 -3.49 28.89
N ASP B 481 -39.03 -4.64 28.40
CA ASP B 481 -37.63 -5.05 28.48
C ASP B 481 -36.88 -4.53 27.27
N THR B 482 -35.85 -3.70 27.51
CA THR B 482 -35.05 -3.17 26.42
C THR B 482 -34.10 -4.22 25.85
N GLU B 483 -33.73 -5.22 26.66
CA GLU B 483 -32.80 -6.25 26.19
C GLU B 483 -33.41 -7.09 25.08
N ASN B 484 -34.72 -7.34 25.14
CA ASN B 484 -35.37 -8.10 24.09
C ASN B 484 -35.30 -7.36 22.76
N LYS B 485 -34.89 -8.07 21.72
CA LYS B 485 -34.74 -7.50 20.39
C LYS B 485 -35.92 -7.84 19.47
N GLU B 486 -36.97 -8.46 20.00
CA GLU B 486 -38.09 -8.89 19.18
C GLU B 486 -39.07 -7.75 18.96
N VAL B 487 -39.32 -7.44 17.69
CA VAL B 487 -40.40 -6.53 17.33
C VAL B 487 -41.52 -7.24 16.57
N ALA B 488 -41.18 -8.17 15.66
CA ALA B 488 -42.16 -8.99 14.97
C ALA B 488 -41.47 -10.21 14.37
N ARG B 489 -42.23 -11.18 13.88
CA ARG B 489 -41.61 -12.35 13.23
C ARG B 489 -42.21 -12.60 11.85
N ILE B 490 -41.96 -13.76 11.27
CA ILE B 490 -42.58 -14.13 9.97
C ILE B 490 -42.36 -15.64 9.83
N THR B 491 -43.06 -16.31 8.94
CA THR B 491 -42.93 -17.76 8.76
C THR B 491 -43.43 -18.08 7.39
N PHE B 492 -43.14 -19.25 6.87
CA PHE B 492 -43.68 -19.68 5.57
C PHE B 492 -43.55 -21.14 5.46
N VAL B 493 -44.16 -21.79 4.48
CA VAL B 493 -43.80 -23.18 4.14
C VAL B 493 -43.18 -22.81 2.81
N PHE B 494 -42.02 -23.27 2.44
CA PHE B 494 -41.43 -22.73 1.19
C PHE B 494 -41.12 -23.88 0.38
N GLU B 495 -42.19 -24.51 -0.04
CA GLU B 495 -41.96 -25.80 -0.72
C GLU B 495 -41.34 -25.48 -2.02
N THR B 496 -40.75 -26.45 -2.66
CA THR B 496 -40.33 -26.20 -4.03
C THR B 496 -40.56 -27.50 -4.72
N ILE B 497 -40.41 -27.56 -6.03
CA ILE B 497 -40.42 -28.87 -6.74
C ILE B 497 -39.39 -28.72 -7.83
N CYS B 498 -38.47 -27.80 -7.63
CA CYS B 498 -37.47 -27.45 -8.66
C CYS B 498 -36.65 -28.63 -9.20
N SER B 499 -36.07 -28.52 -10.39
CA SER B 499 -35.18 -29.47 -11.05
C SER B 499 -33.72 -29.03 -10.99
N VAL B 500 -33.40 -27.88 -11.57
CA VAL B 500 -32.02 -27.41 -11.65
C VAL B 500 -31.98 -25.89 -11.55
N ASN B 501 -30.95 -25.39 -10.86
CA ASN B 501 -30.49 -24.01 -10.97
C ASN B 501 -31.58 -22.98 -10.71
N CYS B 502 -32.46 -23.26 -9.76
CA CYS B 502 -33.42 -22.27 -9.32
C CYS B 502 -32.93 -21.62 -8.02
N GLU B 503 -33.62 -20.54 -7.62
CA GLU B 503 -33.18 -19.80 -6.44
C GLU B 503 -34.38 -19.05 -5.87
N LEU B 504 -34.94 -19.57 -4.79
CA LEU B 504 -35.99 -18.86 -4.06
C LEU B 504 -35.34 -17.83 -3.15
N TYR B 505 -35.68 -16.56 -3.35
CA TYR B 505 -35.10 -15.47 -2.58
C TYR B 505 -36.07 -14.97 -1.53
N PHE B 506 -35.56 -14.50 -0.42
CA PHE B 506 -36.35 -13.85 0.62
C PHE B 506 -35.60 -12.60 1.07
N MET B 507 -36.03 -11.45 0.58
CA MET B 507 -35.41 -10.17 0.91
C MET B 507 -36.34 -9.40 1.82
N VAL B 508 -35.78 -8.63 2.75
CA VAL B 508 -36.54 -7.82 3.68
C VAL B 508 -36.00 -6.40 3.61
N GLY B 509 -36.90 -5.44 3.39
CA GLY B 509 -36.57 -4.02 3.43
C GLY B 509 -37.54 -3.29 4.34
N MET B 510 -37.00 -2.75 5.44
CA MET B 510 -37.79 -2.16 6.51
C MET B 510 -37.75 -0.64 6.40
N ASN B 511 -38.90 0.00 6.64
CA ASN B 511 -39.03 1.45 6.58
C ASN B 511 -38.60 2.00 5.22
N SER B 512 -39.01 1.31 4.16
CA SER B 512 -38.73 1.66 2.77
C SER B 512 -37.24 1.70 2.47
N ARG B 513 -36.41 1.04 3.27
CA ARG B 513 -34.98 1.00 3.01
C ARG B 513 -34.67 0.03 1.87
N THR B 514 -33.38 -0.03 1.51
CA THR B 514 -32.93 -0.91 0.44
C THR B 514 -33.12 -2.38 0.84
N ASN B 515 -33.34 -3.24 -0.16
CA ASN B 515 -33.58 -4.66 0.08
C ASN B 515 -32.26 -5.38 0.29
N THR B 516 -32.17 -6.17 1.36
CA THR B 516 -31.04 -7.02 1.65
C THR B 516 -31.52 -8.46 1.76
N PRO B 517 -30.93 -9.40 1.03
CA PRO B 517 -31.45 -10.78 1.06
C PRO B 517 -31.20 -11.46 2.39
N VAL B 518 -32.27 -11.61 3.19
CA VAL B 518 -32.14 -12.28 4.46
C VAL B 518 -31.78 -13.75 4.27
N GLU B 519 -32.43 -14.42 3.33
CA GLU B 519 -32.13 -15.81 3.03
C GLU B 519 -32.21 -16.04 1.54
N THR B 520 -31.53 -17.10 1.09
CA THR B 520 -31.47 -17.44 -0.33
C THR B 520 -31.39 -18.96 -0.42
N TRP B 521 -32.51 -19.58 -0.80
CA TRP B 521 -32.55 -21.03 -0.95
C TRP B 521 -32.25 -21.38 -2.40
N LYS B 522 -31.76 -22.61 -2.60
CA LYS B 522 -31.37 -23.07 -3.92
C LYS B 522 -31.72 -24.54 -4.05
N GLY B 523 -31.94 -24.97 -5.30
CA GLY B 523 -32.20 -26.36 -5.57
C GLY B 523 -33.55 -26.81 -5.02
N THR B 524 -33.81 -28.11 -5.19
CA THR B 524 -35.04 -28.69 -4.68
C THR B 524 -35.06 -28.67 -3.17
N LYS B 525 -36.23 -28.38 -2.60
CA LYS B 525 -36.43 -28.38 -1.16
C LYS B 525 -37.75 -29.07 -0.84
N GLY B 526 -38.05 -29.18 0.44
CA GLY B 526 -39.27 -29.80 0.91
C GLY B 526 -40.09 -28.85 1.77
N LYS B 527 -41.21 -29.38 2.26
CA LYS B 527 -42.06 -28.61 3.16
C LYS B 527 -41.26 -28.20 4.38
N GLN B 528 -40.99 -26.90 4.51
CA GLN B 528 -40.11 -26.38 5.54
C GLN B 528 -40.71 -25.08 6.06
N SER B 529 -39.89 -24.31 6.77
CA SER B 529 -40.32 -23.03 7.31
C SER B 529 -39.11 -22.14 7.51
N TYR B 530 -39.37 -20.89 7.88
CA TYR B 530 -38.34 -19.94 8.23
C TYR B 530 -38.94 -18.89 9.15
N THR B 531 -38.20 -18.50 10.18
CA THR B 531 -38.69 -17.56 11.19
C THR B 531 -37.70 -16.41 11.38
N TYR B 532 -37.84 -15.38 10.55
CA TYR B 532 -37.01 -14.20 10.67
C TYR B 532 -37.58 -13.27 11.73
N THR B 533 -36.70 -12.73 12.58
CA THR B 533 -37.10 -11.84 13.67
C THR B 533 -36.78 -10.41 13.28
N ILE B 534 -37.83 -9.61 13.07
CA ILE B 534 -37.64 -8.22 12.69
C ILE B 534 -37.03 -7.46 13.87
N GLU B 535 -36.00 -6.68 13.60
CA GLU B 535 -35.22 -6.03 14.65
C GLU B 535 -35.70 -4.62 14.99
N GLU B 536 -36.67 -4.08 14.25
CA GLU B 536 -37.14 -2.73 14.52
C GLU B 536 -38.52 -2.48 13.92
N ASN B 537 -39.33 -1.68 14.61
CA ASN B 537 -40.65 -1.29 14.05
C ASN B 537 -40.41 -0.49 12.78
N ALA B 538 -41.13 -0.81 11.71
CA ALA B 538 -40.96 -0.11 10.44
C ALA B 538 -42.01 -0.55 9.42
N THR B 539 -41.94 0.00 8.22
CA THR B 539 -42.72 -0.46 7.09
C THR B 539 -41.85 -1.44 6.30
N VAL B 540 -42.10 -2.72 6.48
CA VAL B 540 -41.26 -3.76 5.90
C VAL B 540 -41.85 -4.21 4.56
N SER B 541 -40.96 -4.58 3.65
CA SER B 541 -41.34 -5.10 2.34
C SER B 541 -40.81 -6.52 2.23
N PHE B 542 -41.59 -7.48 2.73
CA PHE B 542 -41.21 -8.88 2.64
C PHE B 542 -41.42 -9.35 1.21
N THR B 543 -40.33 -9.71 0.53
CA THR B 543 -40.37 -10.07 -0.88
C THR B 543 -39.86 -11.48 -1.09
N TRP B 544 -40.57 -12.24 -1.91
CA TRP B 544 -40.13 -13.56 -2.33
C TRP B 544 -39.86 -13.52 -3.84
N ALA B 545 -38.72 -14.05 -4.25
CA ALA B 545 -38.36 -14.06 -5.66
C ALA B 545 -37.96 -15.47 -6.06
N PHE B 546 -38.63 -16.01 -7.08
CA PHE B 546 -38.34 -17.34 -7.59
C PHE B 546 -37.85 -17.23 -9.03
N GLN B 547 -36.75 -17.91 -9.33
CA GLN B 547 -36.18 -17.94 -10.66
C GLN B 547 -36.22 -19.37 -11.20
N ARG B 548 -36.77 -19.55 -12.39
CA ARG B 548 -36.85 -20.89 -12.96
C ARG B 548 -35.46 -21.48 -13.20
N THR B 549 -34.55 -20.68 -13.74
CA THR B 549 -33.17 -21.13 -13.90
C THR B 549 -32.27 -19.93 -14.10
N THR B 550 -30.97 -20.14 -13.91
CA THR B 550 -29.99 -19.11 -14.23
C THR B 550 -29.60 -19.10 -15.70
N LEU B 551 -29.79 -20.22 -16.40
CA LEU B 551 -29.41 -20.30 -17.81
C LEU B 551 -30.31 -19.42 -18.66
N HIS B 552 -29.70 -18.71 -19.61
CA HIS B 552 -30.41 -17.81 -20.50
C HIS B 552 -30.69 -18.53 -21.81
N GLU B 553 -31.96 -18.84 -22.04
CA GLU B 553 -32.37 -19.52 -23.27
C GLU B 553 -33.71 -19.00 -23.77
N GLY B 555 -37.38 -18.93 -24.74
CA GLY B 555 -38.39 -19.94 -24.49
C GLY B 555 -38.53 -20.28 -23.03
N ARG B 556 -39.48 -21.16 -22.70
CA ARG B 556 -39.72 -21.60 -21.34
C ARG B 556 -39.83 -23.11 -21.30
N LYS B 557 -39.14 -23.72 -20.32
CA LYS B 557 -39.15 -25.17 -20.19
C LYS B 557 -39.32 -25.67 -18.76
N TYR B 558 -39.29 -24.79 -17.76
CA TYR B 558 -39.30 -25.19 -16.36
C TYR B 558 -40.57 -24.71 -15.65
N THR B 559 -41.70 -24.81 -16.34
CA THR B 559 -42.96 -24.45 -15.70
C THR B 559 -43.44 -25.49 -14.70
N ASN B 560 -42.88 -26.70 -14.73
CA ASN B 560 -43.29 -27.73 -13.78
C ASN B 560 -42.64 -27.51 -12.42
N ASP B 561 -41.42 -26.99 -12.39
CA ASP B 561 -40.68 -26.75 -11.15
C ASP B 561 -41.19 -25.46 -10.53
N VAL B 562 -42.10 -25.57 -9.56
CA VAL B 562 -42.83 -24.43 -9.03
C VAL B 562 -42.66 -24.36 -7.54
N ALA B 563 -42.20 -23.20 -7.04
CA ALA B 563 -42.20 -22.95 -5.61
C ALA B 563 -43.61 -22.63 -5.15
N LYS B 564 -43.95 -23.11 -3.97
CA LYS B 564 -45.27 -22.87 -3.39
C LYS B 564 -45.09 -22.40 -1.95
N ILE B 565 -45.95 -21.48 -1.52
CA ILE B 565 -45.95 -20.99 -0.15
C ILE B 565 -47.30 -21.31 0.46
N TYR B 566 -47.32 -22.25 1.41
CA TYR B 566 -48.57 -22.73 1.98
C TYR B 566 -49.13 -21.78 3.03
N SER B 567 -48.29 -20.97 3.67
CA SER B 567 -48.75 -20.05 4.70
C SER B 567 -47.69 -18.99 4.95
N ILE B 568 -48.13 -17.78 5.27
CA ILE B 568 -47.23 -16.68 5.62
C ILE B 568 -47.81 -16.04 6.89
N ASN B 569 -47.25 -16.39 8.04
CA ASN B 569 -47.71 -15.86 9.32
C ASN B 569 -46.82 -14.72 9.77
N VAL B 570 -47.42 -13.57 10.04
CA VAL B 570 -46.73 -12.39 10.57
C VAL B 570 -47.45 -11.94 11.82
N THR B 571 -46.69 -11.67 12.88
CA THR B 571 -47.25 -11.25 14.16
C THR B 571 -46.94 -9.79 14.43
N ASN B 572 -47.72 -9.20 15.33
CA ASN B 572 -47.54 -7.82 15.79
C ASN B 572 -47.62 -6.83 14.62
N VAL B 573 -48.82 -6.76 14.04
CA VAL B 573 -49.10 -5.86 12.93
C VAL B 573 -50.26 -4.96 13.32
N MET B 574 -50.08 -3.65 13.15
CA MET B 574 -51.18 -2.71 13.34
C MET B 574 -52.28 -2.97 12.32
N GLY B 575 -53.52 -2.86 12.78
CA GLY B 575 -54.65 -3.26 11.97
C GLY B 575 -54.74 -4.75 11.74
N GLY B 576 -53.98 -5.55 12.49
CA GLY B 576 -53.96 -6.97 12.26
C GLY B 576 -55.15 -7.69 12.85
N VAL B 577 -55.49 -8.82 12.23
CA VAL B 577 -56.55 -9.69 12.69
C VAL B 577 -55.99 -10.66 13.73
N ALA B 578 -56.87 -11.34 14.47
CA ALA B 578 -56.45 -12.21 15.54
C ALA B 578 -57.10 -13.58 15.42
N SER B 579 -56.33 -14.62 15.72
CA SER B 579 -56.86 -15.96 15.96
C SER B 579 -56.60 -16.46 17.36
N TYR B 580 -55.56 -15.98 18.03
CA TYR B 580 -55.32 -16.24 19.44
C TYR B 580 -55.79 -15.04 20.24
N CYS B 581 -56.55 -15.30 21.30
CA CYS B 581 -57.06 -14.27 22.18
C CYS B 581 -56.28 -14.41 23.49
N ARG B 582 -55.18 -13.67 23.60
CA ARG B 582 -54.21 -13.92 24.65
C ARG B 582 -54.85 -13.71 26.03
N PRO B 583 -54.48 -14.52 27.03
CA PRO B 583 -54.89 -14.25 28.42
C PRO B 583 -53.84 -13.44 29.17
N CYS B 584 -54.25 -12.30 29.72
CA CYS B 584 -53.45 -11.57 30.69
C CYS B 584 -54.11 -11.60 32.06
N ALA B 585 -53.35 -11.16 33.06
CA ALA B 585 -53.95 -10.80 34.34
C ALA B 585 -54.72 -9.49 34.19
N LEU B 586 -55.83 -9.39 34.92
CA LEU B 586 -56.64 -8.18 34.86
C LEU B 586 -55.89 -7.00 35.47
N GLU B 587 -56.24 -5.81 35.01
CA GLU B 587 -55.61 -4.58 35.51
C GLU B 587 -55.94 -4.35 36.98
N CYS B 595 -55.64 -6.24 31.05
CA CYS B 595 -54.20 -6.40 30.84
C CYS B 595 -53.55 -5.05 30.69
N THR B 596 -52.48 -4.83 31.44
CA THR B 596 -51.67 -3.64 31.33
C THR B 596 -50.22 -4.05 31.48
N SER B 597 -49.32 -3.16 31.09
CA SER B 597 -47.89 -3.45 31.21
C SER B 597 -47.53 -3.64 32.67
N CYS B 598 -47.25 -4.89 33.04
CA CYS B 598 -46.83 -5.19 34.39
C CYS B 598 -45.46 -4.56 34.66
N PRO B 599 -45.15 -4.27 35.91
CA PRO B 599 -43.80 -3.80 36.23
C PRO B 599 -42.75 -4.79 35.77
N ALA B 600 -41.55 -4.27 35.53
CA ALA B 600 -40.50 -5.06 34.89
C ALA B 600 -40.22 -6.34 35.67
N GLY B 601 -40.15 -7.45 34.93
CA GLY B 601 -39.90 -8.75 35.55
C GLY B 601 -41.01 -9.26 36.43
N HIS B 602 -42.26 -9.13 36.00
CA HIS B 602 -43.40 -9.64 36.73
C HIS B 602 -44.13 -10.67 35.88
N TYR B 603 -44.29 -11.88 36.43
CA TYR B 603 -45.04 -12.90 35.70
C TYR B 603 -46.53 -12.63 35.80
N ILE B 604 -47.28 -13.27 34.90
CA ILE B 604 -48.70 -12.96 34.71
C ILE B 604 -49.50 -14.25 34.82
N ASN B 605 -50.55 -14.23 35.63
CA ASN B 605 -51.52 -15.32 35.72
C ASN B 605 -52.89 -14.75 35.37
N ARG B 606 -53.56 -15.38 34.40
CA ARG B 606 -54.83 -14.86 33.91
C ARG B 606 -55.90 -14.88 34.99
N ASP B 607 -55.90 -15.89 35.86
CA ASP B 607 -56.89 -15.95 36.92
C ASP B 607 -56.57 -15.00 38.07
N SER B 608 -55.28 -14.82 38.37
CA SER B 608 -54.89 -14.02 39.52
C SER B 608 -55.27 -12.55 39.34
N GLY B 609 -55.07 -12.01 38.14
CA GLY B 609 -55.30 -10.60 37.92
C GLY B 609 -54.35 -9.70 38.65
N THR B 610 -53.09 -10.12 38.81
CA THR B 610 -52.09 -9.34 39.52
C THR B 610 -50.72 -9.74 39.02
N CYS B 611 -49.79 -8.77 39.01
CA CYS B 611 -48.44 -8.97 38.53
C CYS B 611 -47.54 -9.26 39.72
N HIS B 612 -46.81 -10.37 39.66
CA HIS B 612 -45.90 -10.79 40.73
C HIS B 612 -44.52 -11.05 40.17
N LEU B 613 -43.49 -10.76 40.98
CA LEU B 613 -42.12 -11.04 40.59
C LEU B 613 -41.84 -12.54 40.63
N CYS B 614 -41.12 -13.03 39.63
CA CYS B 614 -40.66 -14.41 39.63
C CYS B 614 -39.65 -14.63 40.75
N PRO B 615 -39.55 -15.86 41.27
CA PRO B 615 -38.57 -16.13 42.32
C PRO B 615 -37.15 -16.08 41.75
N SER B 616 -36.19 -15.88 42.66
CA SER B 616 -34.80 -15.69 42.26
C SER B 616 -34.30 -16.87 41.44
N ASN B 617 -33.24 -16.61 40.66
CA ASN B 617 -32.61 -17.56 39.74
C ASN B 617 -33.51 -17.92 38.57
N THR B 618 -34.53 -17.11 38.27
CA THR B 618 -35.42 -17.36 37.15
C THR B 618 -35.56 -16.09 36.31
N ILE B 619 -35.65 -16.26 34.99
CA ILE B 619 -35.75 -15.14 34.06
C ILE B 619 -37.05 -15.28 33.26
N LEU B 620 -37.79 -14.19 33.17
CA LEU B 620 -39.06 -14.19 32.46
C LEU B 620 -38.86 -14.00 30.97
N LYS B 621 -39.55 -14.82 30.18
CA LYS B 621 -39.50 -14.69 28.72
C LYS B 621 -40.58 -13.70 28.27
N ALA B 622 -40.13 -12.58 27.71
CA ALA B 622 -41.06 -11.51 27.34
C ALA B 622 -42.00 -11.94 26.22
N HIS B 623 -41.60 -12.92 25.41
CA HIS B 623 -42.44 -13.35 24.30
C HIS B 623 -43.75 -13.97 24.79
N GLN B 624 -43.68 -14.83 25.80
CA GLN B 624 -44.84 -15.54 26.32
C GLN B 624 -44.90 -15.44 27.83
N PRO B 625 -45.25 -14.27 28.37
CA PRO B 625 -45.40 -14.15 29.84
C PRO B 625 -46.78 -14.58 30.30
N TYR B 626 -47.08 -15.87 30.13
CA TYR B 626 -48.38 -16.43 30.47
C TYR B 626 -48.20 -17.49 31.54
N GLY B 627 -48.97 -17.39 32.62
CA GLY B 627 -48.89 -18.35 33.70
C GLY B 627 -47.65 -18.12 34.55
N ALA B 628 -47.54 -18.95 35.59
CA ALA B 628 -46.34 -18.94 36.43
C ALA B 628 -45.21 -19.77 35.83
N GLN B 629 -45.48 -20.51 34.76
CA GLN B 629 -44.47 -21.32 34.10
C GLN B 629 -43.63 -20.53 33.10
N ALA B 630 -43.91 -19.24 32.93
CA ALA B 630 -43.22 -18.45 31.92
C ALA B 630 -41.73 -18.34 32.21
N CYS B 631 -41.38 -17.94 33.42
CA CYS B 631 -39.98 -17.70 33.75
C CYS B 631 -39.27 -19.00 34.12
N VAL B 632 -38.10 -19.18 33.52
CA VAL B 632 -37.34 -20.43 33.54
C VAL B 632 -36.15 -20.29 34.48
N PRO B 633 -35.82 -21.31 35.27
CA PRO B 633 -34.67 -21.19 36.18
C PRO B 633 -33.37 -20.96 35.44
N CYS B 634 -32.48 -20.18 36.06
CA CYS B 634 -31.19 -19.88 35.47
C CYS B 634 -30.27 -21.10 35.52
N GLY B 635 -29.27 -21.10 34.64
CA GLY B 635 -28.31 -22.17 34.57
C GLY B 635 -27.30 -22.11 35.69
N PRO B 636 -26.48 -23.16 35.81
CA PRO B 636 -25.48 -23.20 36.89
C PRO B 636 -24.48 -22.06 36.77
N GLY B 637 -24.09 -21.52 37.92
CA GLY B 637 -23.09 -20.47 37.97
C GLY B 637 -23.60 -19.09 37.63
N THR B 638 -24.88 -18.92 37.35
CA THR B 638 -25.45 -17.65 36.92
C THR B 638 -26.52 -17.19 37.90
N LYS B 639 -26.73 -15.88 37.94
CA LYS B 639 -27.78 -15.28 38.74
C LYS B 639 -28.53 -14.26 37.91
N ASN B 640 -29.83 -14.14 38.17
CA ASN B 640 -30.68 -13.23 37.40
C ASN B 640 -30.36 -11.79 37.73
N ASN B 641 -30.65 -10.90 36.78
CA ASN B 641 -30.43 -9.48 36.98
C ASN B 641 -31.62 -8.86 37.72
N LYS B 642 -31.59 -7.54 37.88
CA LYS B 642 -32.67 -6.85 38.58
C LYS B 642 -33.98 -6.99 37.82
N ILE B 643 -33.95 -6.84 36.49
CA ILE B 643 -35.15 -6.93 35.68
C ILE B 643 -35.68 -8.36 35.60
N HIS B 644 -34.88 -9.33 36.04
CA HIS B 644 -35.25 -10.75 35.95
C HIS B 644 -35.49 -11.17 34.51
N SER B 645 -34.73 -10.59 33.58
CA SER B 645 -34.90 -10.85 32.16
C SER B 645 -33.88 -11.83 31.61
N LEU B 646 -32.62 -11.67 31.98
CA LEU B 646 -31.54 -12.46 31.40
C LEU B 646 -30.64 -13.00 32.51
N CYS B 647 -30.31 -14.28 32.42
CA CYS B 647 -29.34 -14.87 33.32
C CYS B 647 -27.96 -14.33 33.01
N TYR B 648 -27.26 -13.84 34.04
CA TYR B 648 -25.92 -13.32 33.88
C TYR B 648 -25.03 -13.86 34.99
N ASN B 649 -23.74 -13.62 34.86
CA ASN B 649 -22.74 -14.14 35.79
C ASN B 649 -21.97 -12.99 36.40
N ASP B 650 -22.24 -12.68 37.66
CA ASP B 650 -21.31 -11.85 38.41
C ASP B 650 -19.96 -12.55 38.41
N CYS B 651 -18.89 -11.77 38.24
CA CYS B 651 -17.63 -12.36 37.86
C CYS B 651 -17.02 -13.19 38.99
N THR B 652 -17.68 -14.28 39.36
CA THR B 652 -17.13 -15.18 40.37
C THR B 652 -17.76 -16.56 40.21
N PHE B 653 -16.93 -17.58 40.06
CA PHE B 653 -17.38 -18.95 40.16
C PHE B 653 -16.92 -19.54 41.48
N SER B 654 -17.57 -20.62 41.89
CA SER B 654 -17.25 -21.25 43.17
C SER B 654 -17.40 -22.75 43.00
N ARG B 655 -16.30 -23.41 42.68
CA ARG B 655 -16.25 -24.86 42.61
C ARG B 655 -15.77 -25.40 43.94
N ASN B 656 -16.44 -26.44 44.44
CA ASN B 656 -16.04 -27.08 45.69
C ASN B 656 -15.56 -28.50 45.40
N THR B 657 -14.38 -28.82 45.91
CA THR B 657 -13.92 -30.19 45.99
C THR B 657 -14.20 -30.72 47.39
N PRO B 658 -14.24 -32.05 47.57
CA PRO B 658 -14.39 -32.58 48.93
C PRO B 658 -13.30 -32.11 49.88
N SER B 659 -12.08 -31.92 49.38
CA SER B 659 -11.00 -31.46 50.24
C SER B 659 -11.13 -29.97 50.54
N ARG B 660 -11.43 -29.16 49.53
CA ARG B 660 -11.46 -27.71 49.72
C ARG B 660 -12.36 -27.10 48.65
N ILE B 661 -12.87 -25.91 48.94
CA ILE B 661 -13.71 -25.15 48.02
C ILE B 661 -12.87 -24.07 47.36
N PHE B 662 -12.90 -24.02 46.05
CA PHE B 662 -12.25 -22.93 45.32
C PHE B 662 -13.15 -21.70 45.31
N ASN B 663 -12.56 -20.57 44.95
CA ASN B 663 -13.29 -19.32 44.74
C ASN B 663 -12.51 -18.48 43.75
N TYR B 664 -13.15 -18.17 42.63
CA TYR B 664 -12.51 -17.42 41.55
C TYR B 664 -13.07 -16.01 41.60
N ASN B 665 -12.55 -15.12 40.76
CA ASN B 665 -13.21 -13.81 40.65
C ASN B 665 -12.68 -13.11 39.40
N PHE B 666 -13.51 -12.97 38.37
CA PHE B 666 -13.05 -12.60 37.04
C PHE B 666 -13.21 -11.12 36.73
N SER B 667 -13.33 -10.29 37.75
CA SER B 667 -13.66 -8.89 37.54
C SER B 667 -12.61 -8.20 36.66
N ALA B 668 -11.40 -8.76 36.59
CA ALA B 668 -10.41 -8.22 35.67
C ALA B 668 -10.73 -8.57 34.22
N LEU B 669 -11.57 -9.56 33.98
CA LEU B 669 -11.91 -10.02 32.63
C LEU B 669 -13.26 -9.49 32.16
N ALA B 670 -13.88 -8.57 32.90
CA ALA B 670 -15.21 -8.09 32.53
C ALA B 670 -15.17 -7.29 31.24
N GLY B 671 -14.09 -6.54 31.00
CA GLY B 671 -14.02 -5.71 29.81
C GLY B 671 -14.00 -6.53 28.54
N THR B 672 -14.49 -5.92 27.46
CA THR B 672 -14.55 -6.59 26.17
C THR B 672 -13.16 -6.80 25.61
N VAL B 673 -12.94 -7.98 25.03
CA VAL B 673 -11.66 -8.32 24.42
C VAL B 673 -11.92 -8.76 22.99
N SER B 674 -10.90 -8.61 22.15
CA SER B 674 -11.02 -8.92 20.73
C SER B 674 -9.95 -9.92 20.33
N LEU B 675 -10.20 -10.60 19.21
CA LEU B 675 -9.24 -11.54 18.66
C LEU B 675 -9.44 -11.62 17.15
N ALA B 676 -8.36 -11.87 16.42
CA ALA B 676 -8.40 -12.05 14.99
C ALA B 676 -7.75 -13.38 14.63
N GLY B 677 -8.39 -14.13 13.74
CA GLY B 677 -7.85 -15.40 13.31
C GLY B 677 -6.68 -15.23 12.36
N VAL B 678 -6.01 -16.36 12.09
CA VAL B 678 -4.88 -16.35 11.15
C VAL B 678 -5.39 -16.05 9.75
N PRO B 679 -4.81 -15.09 9.04
CA PRO B 679 -5.31 -14.76 7.69
C PRO B 679 -5.20 -15.95 6.75
N SER B 680 -6.34 -16.38 6.24
CA SER B 680 -6.43 -17.52 5.33
C SER B 680 -6.88 -17.04 3.96
N PHE B 681 -6.14 -17.43 2.93
CA PHE B 681 -6.44 -16.97 1.58
C PHE B 681 -7.64 -17.70 0.99
N THR B 682 -8.31 -17.04 0.05
CA THR B 682 -9.40 -17.64 -0.69
C THR B 682 -8.85 -18.59 -1.75
N SER B 683 -9.76 -19.15 -2.55
CA SER B 683 -9.33 -19.79 -3.80
C SER B 683 -8.74 -18.75 -4.76
N LYS B 684 -9.26 -17.53 -4.71
CA LYS B 684 -8.71 -16.41 -5.47
C LYS B 684 -7.60 -15.75 -4.65
N GLY B 685 -7.16 -14.57 -5.09
CA GLY B 685 -6.05 -13.89 -4.43
C GLY B 685 -6.42 -13.24 -3.11
N LEU B 686 -7.71 -13.07 -2.83
CA LEU B 686 -8.12 -12.43 -1.59
C LEU B 686 -7.87 -13.34 -0.39
N LYS B 687 -7.52 -12.74 0.74
CA LYS B 687 -7.34 -13.46 1.99
C LYS B 687 -8.23 -12.83 3.06
N TYR B 688 -8.83 -13.68 3.90
CA TYR B 688 -9.79 -13.24 4.90
C TYR B 688 -9.35 -13.70 6.28
N PHE B 689 -9.43 -12.80 7.26
CA PHE B 689 -9.22 -13.15 8.66
C PHE B 689 -10.38 -12.61 9.48
N HIS B 690 -10.97 -13.46 10.31
CA HIS B 690 -12.14 -13.13 11.10
C HIS B 690 -11.76 -12.30 12.32
N HIS B 691 -12.76 -11.63 12.87
CA HIS B 691 -12.59 -10.80 14.06
C HIS B 691 -13.68 -11.15 15.06
N PHE B 692 -13.28 -11.59 16.24
CA PHE B 692 -14.21 -11.96 17.30
C PHE B 692 -14.12 -10.96 18.44
N THR B 693 -15.28 -10.53 18.93
CA THR B 693 -15.39 -9.63 20.07
C THR B 693 -16.12 -10.34 21.19
N LEU B 694 -15.55 -10.31 22.39
CA LEU B 694 -16.02 -11.11 23.52
C LEU B 694 -16.43 -10.22 24.68
N SER B 695 -17.56 -10.54 25.29
CA SER B 695 -17.96 -10.01 26.59
C SER B 695 -18.31 -11.19 27.47
N LEU B 696 -17.75 -11.22 28.68
CA LEU B 696 -17.75 -12.45 29.48
C LEU B 696 -18.64 -12.35 30.72
N CYS B 697 -18.42 -11.36 31.58
CA CYS B 697 -19.05 -11.36 32.89
C CYS B 697 -19.26 -9.93 33.38
N GLY B 698 -20.14 -9.80 34.36
CA GLY B 698 -20.32 -8.55 35.06
C GLY B 698 -21.15 -7.54 34.29
N ASN B 699 -21.08 -6.29 34.77
CA ASN B 699 -21.76 -5.16 34.15
C ASN B 699 -23.27 -5.43 34.03
N GLN B 700 -23.85 -6.02 35.07
CA GLN B 700 -25.25 -6.39 35.12
C GLN B 700 -25.64 -7.33 33.98
N GLY B 701 -24.67 -7.98 33.37
CA GLY B 701 -24.94 -8.94 32.31
C GLY B 701 -25.58 -8.34 31.07
N LYS B 702 -25.15 -7.16 30.67
CA LYS B 702 -25.60 -6.54 29.44
C LYS B 702 -24.59 -6.83 28.35
N LYS B 703 -25.09 -7.05 27.13
CA LYS B 703 -24.23 -7.44 26.02
C LYS B 703 -23.34 -6.27 25.61
N MET B 704 -22.07 -6.30 26.02
CA MET B 704 -21.16 -5.18 25.79
C MET B 704 -20.46 -5.23 24.45
N ALA B 705 -20.66 -6.29 23.66
CA ALA B 705 -20.00 -6.42 22.37
C ALA B 705 -20.97 -5.97 21.27
N VAL B 706 -20.77 -4.75 20.78
CA VAL B 706 -21.53 -4.22 19.66
C VAL B 706 -20.64 -4.31 18.44
N CYS B 707 -21.16 -4.90 17.36
CA CYS B 707 -20.36 -5.22 16.19
C CYS B 707 -21.10 -4.82 14.92
N THR B 708 -20.42 -4.06 14.06
CA THR B 708 -21.05 -3.48 12.89
C THR B 708 -20.11 -3.62 11.69
N ASP B 709 -20.71 -3.63 10.50
CA ASP B 709 -19.96 -3.75 9.24
C ASP B 709 -19.60 -2.34 8.74
N ASN B 710 -18.34 -2.16 8.37
CA ASN B 710 -17.92 -0.85 7.86
C ASN B 710 -18.42 -0.62 6.44
N VAL B 711 -18.44 -1.68 5.62
CA VAL B 711 -18.42 -1.51 4.17
C VAL B 711 -19.67 -0.82 3.66
N THR B 712 -20.82 -1.06 4.32
CA THR B 712 -22.07 -0.48 3.84
C THR B 712 -22.02 1.05 3.90
N ASP B 713 -21.26 1.60 4.85
CA ASP B 713 -21.06 3.04 4.89
C ASP B 713 -19.95 3.47 3.95
N LEU B 714 -18.83 2.75 3.97
CA LEU B 714 -17.68 3.04 3.11
C LEU B 714 -17.19 4.49 3.24
N LYS B 725 -24.93 -5.00 9.67
CA LYS B 725 -25.70 -4.32 10.71
C LYS B 725 -25.00 -4.40 12.06
N SER B 726 -25.62 -3.83 13.08
CA SER B 726 -25.08 -3.85 14.44
C SER B 726 -25.80 -4.91 15.26
N VAL B 727 -25.04 -5.82 15.86
CA VAL B 727 -25.58 -6.91 16.66
C VAL B 727 -25.01 -6.81 18.07
N THR B 728 -25.88 -6.94 19.06
CA THR B 728 -25.48 -6.98 20.46
C THR B 728 -25.41 -8.43 20.90
N ALA B 729 -24.25 -8.87 21.36
CA ALA B 729 -24.05 -10.26 21.72
C ALA B 729 -22.88 -10.38 22.67
N TYR B 730 -22.76 -11.53 23.32
CA TYR B 730 -21.67 -11.72 24.29
C TYR B 730 -20.44 -12.01 23.47
N VAL B 731 -20.54 -12.80 22.40
CA VAL B 731 -19.40 -13.05 21.48
C VAL B 731 -19.84 -12.65 20.07
N CYS B 732 -19.11 -11.84 19.31
CA CYS B 732 -19.57 -11.57 17.93
C CYS B 732 -18.47 -11.92 16.92
N GLN B 733 -18.81 -12.57 15.82
CA GLN B 733 -17.81 -12.85 14.78
C GLN B 733 -18.07 -11.88 13.67
N VAL B 734 -17.05 -11.18 13.18
CA VAL B 734 -17.23 -10.28 12.01
C VAL B 734 -16.08 -10.60 11.06
N VAL B 735 -16.27 -10.50 9.75
CA VAL B 735 -15.17 -10.90 8.81
C VAL B 735 -14.41 -9.64 8.40
N ILE B 736 -13.11 -9.59 8.68
CA ILE B 736 -12.32 -8.37 8.40
C ILE B 736 -11.59 -8.60 7.08
N ILE B 737 -12.11 -8.02 6.00
CA ILE B 737 -11.40 -8.09 4.74
C ILE B 737 -10.28 -7.05 4.81
N PRO B 738 -9.06 -7.38 4.37
CA PRO B 738 -7.93 -6.46 4.58
C PRO B 738 -8.15 -5.07 3.98
N SER B 739 -7.71 -4.05 4.70
CA SER B 739 -7.91 -2.67 4.28
C SER B 739 -7.09 -2.32 3.04
N GLU B 740 -5.99 -3.04 2.80
CA GLU B 740 -5.16 -2.74 1.63
C GLU B 740 -5.92 -3.01 0.33
N VAL B 741 -6.67 -4.10 0.27
CA VAL B 741 -7.41 -4.44 -0.94
C VAL B 741 -8.48 -3.39 -1.21
N MET B 742 -9.21 -2.98 -0.17
CA MET B 742 -10.25 -1.98 -0.33
C MET B 742 -9.69 -0.58 -0.57
N GLY B 743 -8.46 -0.32 -0.12
CA GLY B 743 -7.89 1.01 -0.24
C GLY B 743 -8.29 1.95 0.88
N TYR B 744 -8.74 1.41 2.01
CA TYR B 744 -9.13 2.25 3.15
C TYR B 744 -8.77 1.57 4.46
N VAL B 748 -13.77 -2.19 6.43
CA VAL B 748 -13.83 -3.14 5.33
C VAL B 748 -14.43 -4.42 5.91
N SER B 749 -14.78 -4.35 7.19
CA SER B 749 -15.34 -5.48 7.94
C SER B 749 -16.80 -5.64 7.55
N SER B 750 -17.24 -6.90 7.39
CA SER B 750 -18.62 -7.17 7.01
C SER B 750 -19.05 -8.53 7.54
N GLN B 751 -20.31 -8.86 7.29
CA GLN B 751 -20.97 -10.09 7.73
C GLN B 751 -20.96 -10.27 9.23
N PRO B 752 -21.52 -9.33 10.00
CA PRO B 752 -21.59 -9.53 11.46
C PRO B 752 -22.60 -10.61 11.81
N VAL B 753 -22.34 -11.33 12.90
CA VAL B 753 -23.24 -12.36 13.38
C VAL B 753 -23.00 -12.56 14.87
N SER B 754 -24.06 -12.96 15.58
CA SER B 754 -24.05 -13.10 17.02
C SER B 754 -23.78 -14.56 17.38
N LEU B 755 -22.58 -14.84 17.87
CA LEU B 755 -22.23 -16.20 18.25
C LEU B 755 -22.77 -16.58 19.62
N ALA B 756 -23.24 -15.62 20.40
CA ALA B 756 -23.69 -15.90 21.76
C ALA B 756 -24.74 -14.89 22.18
N ASP B 757 -25.92 -15.40 22.56
CA ASP B 757 -27.01 -14.56 23.01
C ASP B 757 -27.54 -14.96 24.38
N ARG B 758 -27.07 -16.06 24.95
CA ARG B 758 -27.51 -16.52 26.26
C ARG B 758 -26.33 -17.14 26.98
N LEU B 759 -26.47 -17.28 28.29
CA LEU B 759 -25.54 -18.03 29.11
C LEU B 759 -26.25 -19.30 29.58
N VAL B 760 -25.99 -20.40 28.88
CA VAL B 760 -26.59 -21.68 29.27
C VAL B 760 -26.16 -22.07 30.67
N GLY B 761 -24.87 -21.90 30.97
CA GLY B 761 -24.39 -22.15 32.31
C GLY B 761 -22.88 -22.10 32.34
N VAL B 762 -22.36 -21.96 33.55
CA VAL B 762 -20.93 -21.95 33.81
C VAL B 762 -20.62 -23.16 34.69
N SER B 763 -19.77 -24.05 34.20
CA SER B 763 -19.49 -25.27 34.94
C SER B 763 -18.14 -25.83 34.53
N THR B 764 -17.58 -26.65 35.42
CA THR B 764 -16.35 -27.37 35.13
C THR B 764 -16.57 -28.62 34.30
N ASP B 765 -17.81 -29.07 34.14
CA ASP B 765 -18.09 -30.19 33.27
C ASP B 765 -17.91 -29.80 31.81
N MET B 766 -17.46 -30.75 30.99
CA MET B 766 -17.21 -30.48 29.59
C MET B 766 -18.47 -30.40 28.75
N THR B 767 -19.57 -31.01 29.20
CA THR B 767 -20.83 -31.00 28.49
C THR B 767 -21.92 -30.44 29.38
N LEU B 768 -22.74 -29.53 28.83
CA LEU B 768 -23.80 -28.91 29.61
C LEU B 768 -24.94 -28.52 28.67
N GLU B 769 -26.11 -29.13 28.86
CA GLU B 769 -27.32 -28.79 28.11
C GLU B 769 -27.10 -28.90 26.61
N GLY B 770 -26.36 -29.93 26.20
CA GLY B 770 -26.19 -30.24 24.79
C GLY B 770 -25.02 -29.56 24.11
N ILE B 771 -24.34 -28.62 24.76
CA ILE B 771 -23.16 -27.99 24.19
C ILE B 771 -21.94 -28.76 24.68
N VAL B 772 -21.11 -29.19 23.74
CA VAL B 772 -19.92 -29.99 24.03
C VAL B 772 -18.70 -29.15 23.73
N SER B 773 -17.80 -29.02 24.72
CA SER B 773 -16.54 -28.34 24.55
C SER B 773 -15.44 -29.38 24.62
N PRO B 774 -14.89 -29.84 23.49
CA PRO B 774 -13.97 -30.97 23.53
C PRO B 774 -12.67 -30.63 24.26
N VAL B 775 -12.11 -31.65 24.91
CA VAL B 775 -10.82 -31.48 25.58
C VAL B 775 -9.66 -31.65 24.61
N GLU B 776 -9.88 -32.31 23.47
CA GLU B 776 -8.79 -32.62 22.55
C GLU B 776 -8.33 -31.40 21.78
N LEU B 777 -9.18 -30.39 21.65
CA LEU B 777 -8.85 -29.24 20.81
C LEU B 777 -7.66 -28.47 21.37
N PHE B 778 -7.68 -28.18 22.67
CA PHE B 778 -6.64 -27.34 23.24
C PHE B 778 -5.59 -28.19 23.96
N HIS B 779 -4.46 -27.56 24.26
CA HIS B 779 -3.36 -28.28 24.87
C HIS B 779 -3.76 -28.74 26.27
N PRO B 780 -3.29 -29.91 26.72
CA PRO B 780 -3.63 -30.37 28.06
C PRO B 780 -3.09 -29.43 29.13
N GLU B 781 -3.82 -29.33 30.23
CA GLU B 781 -3.46 -28.41 31.30
C GLU B 781 -2.38 -29.03 32.19
N THR B 782 -1.33 -28.25 32.46
CA THR B 782 -0.23 -28.71 33.29
C THR B 782 -0.56 -28.65 34.78
N SER B 783 -1.30 -27.62 35.20
CA SER B 783 -1.57 -27.44 36.62
C SER B 783 -2.40 -28.59 37.18
N GLY B 784 -3.39 -29.05 36.43
CA GLY B 784 -4.25 -30.13 36.85
C GLY B 784 -5.56 -29.69 37.46
N ILE B 785 -5.66 -28.45 37.90
CA ILE B 785 -6.92 -27.91 38.42
C ILE B 785 -7.89 -27.79 37.25
N PRO B 786 -9.20 -27.90 37.49
CA PRO B 786 -10.15 -27.85 36.38
C PRO B 786 -10.17 -26.47 35.73
N ASP B 787 -10.54 -26.47 34.45
CA ASP B 787 -10.68 -25.24 33.69
C ASP B 787 -12.16 -24.97 33.47
N ILE B 788 -12.61 -23.77 33.84
CA ILE B 788 -14.00 -23.40 33.62
C ILE B 788 -14.29 -23.30 32.13
N VAL B 789 -15.45 -23.80 31.73
CA VAL B 789 -15.94 -23.67 30.37
C VAL B 789 -17.24 -22.90 30.42
N PHE B 790 -17.19 -21.60 30.14
CA PHE B 790 -18.41 -20.83 29.98
C PHE B 790 -19.18 -21.36 28.78
N PHE B 791 -20.47 -21.63 28.97
CA PHE B 791 -21.29 -22.28 27.95
C PHE B 791 -22.30 -21.27 27.42
N PHE B 792 -22.08 -20.78 26.21
CA PHE B 792 -23.01 -19.85 25.59
C PHE B 792 -23.90 -20.58 24.59
N ARG B 793 -24.77 -19.83 23.92
CA ARG B 793 -25.69 -20.40 22.94
C ARG B 793 -26.34 -19.25 22.17
N SER B 794 -26.56 -19.45 20.88
CA SER B 794 -27.17 -18.45 20.01
C SER B 794 -28.58 -18.89 19.61
N ASN B 795 -29.49 -17.92 19.54
CA ASN B 795 -30.88 -18.22 19.21
C ASN B 795 -31.09 -18.48 17.73
N ASP B 796 -30.32 -17.82 16.87
CA ASP B 796 -30.58 -17.87 15.44
C ASP B 796 -30.34 -19.26 14.88
N VAL B 797 -31.23 -19.68 13.98
CA VAL B 797 -31.13 -20.96 13.28
C VAL B 797 -30.98 -20.65 11.79
N THR B 798 -29.91 -21.15 11.18
CA THR B 798 -29.59 -20.88 9.79
C THR B 798 -29.64 -22.16 8.97
N GLN B 799 -29.34 -22.05 7.68
CA GLN B 799 -29.30 -23.21 6.82
C GLN B 799 -28.17 -24.15 7.19
N SER B 800 -26.98 -23.60 7.48
CA SER B 800 -25.84 -24.43 7.84
C SER B 800 -25.94 -24.94 9.27
N CYS B 801 -26.47 -24.15 10.19
CA CYS B 801 -26.55 -24.51 11.61
C CYS B 801 -27.99 -24.89 11.93
N SER B 802 -28.21 -26.19 12.20
CA SER B 802 -29.55 -26.66 12.49
C SER B 802 -30.03 -26.17 13.86
N SER B 803 -29.20 -26.31 14.89
CA SER B 803 -29.59 -25.98 16.25
C SER B 803 -29.10 -24.61 16.71
N GLY B 804 -28.36 -23.89 15.89
CA GLY B 804 -27.81 -22.61 16.27
C GLY B 804 -26.41 -22.72 16.84
N ARG B 805 -25.65 -21.64 16.69
CA ARG B 805 -24.26 -21.63 17.09
C ARG B 805 -24.14 -21.69 18.62
N SER B 806 -23.20 -22.51 19.09
CA SER B 806 -22.92 -22.64 20.50
C SER B 806 -21.44 -22.41 20.74
N THR B 807 -21.10 -21.42 21.56
CA THR B 807 -19.72 -21.03 21.77
C THR B 807 -19.35 -21.24 23.24
N THR B 808 -18.18 -21.81 23.48
CA THR B 808 -17.70 -22.08 24.82
C THR B 808 -16.35 -21.40 25.02
N ILE B 809 -16.27 -20.56 26.04
CA ILE B 809 -15.03 -19.88 26.39
C ILE B 809 -14.39 -20.64 27.53
N ARG B 810 -13.25 -21.26 27.25
CA ARG B 810 -12.53 -22.01 28.27
C ARG B 810 -11.54 -21.09 28.99
N LEU B 811 -11.63 -21.05 30.32
CA LEU B 811 -10.75 -20.21 31.12
C LEU B 811 -9.68 -21.10 31.75
N ARG B 812 -8.42 -20.69 31.63
CA ARG B 812 -7.30 -21.46 32.12
C ARG B 812 -6.45 -20.61 33.07
N CYS B 813 -5.97 -21.25 34.13
CA CYS B 813 -5.18 -20.55 35.14
C CYS B 813 -3.71 -20.53 34.74
N ASN B 814 -3.19 -19.35 34.43
CA ASN B 814 -1.79 -19.18 34.07
C ASN B 814 -1.20 -18.06 34.93
N PRO B 815 -0.40 -18.38 35.94
CA PRO B 815 0.18 -17.30 36.78
C PRO B 815 1.06 -16.33 35.99
N MET B 816 1.78 -16.83 34.99
CA MET B 816 2.73 -15.97 34.27
C MET B 816 2.02 -15.05 33.29
N LYS B 817 0.88 -15.48 32.75
CA LYS B 817 0.19 -14.70 31.73
C LYS B 817 -0.35 -13.40 32.32
N ALA B 818 -0.49 -12.40 31.45
CA ALA B 818 -0.92 -11.09 31.89
C ALA B 818 -2.38 -11.11 32.34
N ALA B 819 -2.74 -10.12 33.16
CA ALA B 819 -4.11 -10.05 33.68
C ALA B 819 -5.16 -9.91 32.57
N PRO B 820 -5.00 -9.06 31.56
CA PRO B 820 -5.96 -9.09 30.44
C PRO B 820 -6.00 -10.44 29.74
N GLY B 821 -4.90 -11.18 29.78
CA GLY B 821 -4.92 -12.55 29.30
C GLY B 821 -4.61 -12.70 27.83
N THR B 822 -4.55 -13.96 27.42
CA THR B 822 -4.31 -14.35 26.03
C THR B 822 -5.48 -15.18 25.54
N LEU B 823 -6.04 -14.81 24.39
CA LEU B 823 -7.20 -15.47 23.82
C LEU B 823 -6.76 -16.24 22.58
N ARG B 824 -7.11 -17.53 22.51
CA ARG B 824 -6.63 -18.40 21.46
C ARG B 824 -7.76 -19.26 20.91
N LEU B 825 -7.92 -19.24 19.59
CA LEU B 825 -8.77 -20.18 18.88
C LEU B 825 -8.11 -21.55 18.82
N PRO B 826 -8.87 -22.61 18.51
CA PRO B 826 -8.25 -23.93 18.36
C PRO B 826 -7.24 -23.95 17.22
N SER B 827 -6.22 -24.79 17.39
CA SER B 827 -5.15 -24.87 16.40
C SER B 827 -5.56 -25.62 15.15
N MET B 828 -6.47 -26.60 15.26
CA MET B 828 -6.82 -27.42 14.11
C MET B 828 -7.50 -26.61 13.01
N CYS B 829 -8.43 -25.74 13.38
CA CYS B 829 -9.16 -24.93 12.42
C CYS B 829 -8.85 -23.46 12.68
N SER B 830 -8.16 -22.83 11.73
CA SER B 830 -7.81 -21.41 11.86
C SER B 830 -8.99 -20.49 11.59
N ASP B 831 -9.92 -20.89 10.72
CA ASP B 831 -11.05 -20.04 10.38
C ASP B 831 -11.92 -19.75 11.59
N GLY B 832 -11.90 -20.62 12.60
CA GLY B 832 -12.62 -20.36 13.83
C GLY B 832 -13.45 -21.52 14.31
N THR B 833 -13.98 -22.32 13.39
CA THR B 833 -14.86 -23.43 13.72
C THR B 833 -14.42 -24.69 12.98
N CYS B 834 -14.01 -25.70 13.74
CA CYS B 834 -13.75 -27.01 13.14
C CYS B 834 -15.04 -27.70 12.75
N ASP B 835 -16.06 -27.62 13.62
CA ASP B 835 -17.34 -28.24 13.35
C ASP B 835 -18.09 -27.51 12.25
N GLY B 836 -18.06 -26.18 12.26
CA GLY B 836 -18.81 -25.36 11.32
C GLY B 836 -19.80 -24.43 11.98
N CYS B 837 -20.19 -24.69 13.22
CA CYS B 837 -21.14 -23.83 13.93
C CYS B 837 -20.72 -23.48 15.35
N ASN B 838 -19.84 -24.25 15.98
CA ASN B 838 -19.47 -24.05 17.38
C ASN B 838 -18.09 -23.41 17.44
N PHE B 839 -17.99 -22.28 18.15
CA PHE B 839 -16.74 -21.56 18.28
C PHE B 839 -16.22 -21.71 19.71
N HIS B 840 -15.24 -22.58 19.88
CA HIS B 840 -14.63 -22.81 21.19
C HIS B 840 -13.39 -21.94 21.33
N PHE B 841 -13.32 -21.19 22.43
CA PHE B 841 -12.20 -20.30 22.69
C PHE B 841 -11.41 -20.82 23.88
N LEU B 842 -10.31 -20.14 24.18
CA LEU B 842 -9.53 -20.41 25.38
C LEU B 842 -8.91 -19.12 25.87
N TRP B 843 -9.11 -18.81 27.15
CA TRP B 843 -8.59 -17.59 27.75
C TRP B 843 -7.62 -17.97 28.86
N GLU B 844 -6.33 -17.76 28.61
CA GLU B 844 -5.30 -18.01 29.60
C GLU B 844 -4.94 -16.70 30.29
N SER B 845 -5.07 -16.67 31.61
CA SER B 845 -4.81 -15.46 32.37
C SER B 845 -4.53 -15.84 33.81
N VAL B 846 -4.09 -14.85 34.59
CA VAL B 846 -3.93 -15.03 36.02
C VAL B 846 -5.25 -14.80 36.75
N ALA B 847 -6.19 -14.08 36.14
CA ALA B 847 -7.47 -13.82 36.79
C ALA B 847 -8.29 -15.10 36.97
N ALA B 848 -8.18 -16.02 36.00
CA ALA B 848 -8.90 -17.29 36.10
C ALA B 848 -8.38 -18.17 37.22
N CYS B 849 -7.22 -17.86 37.80
CA CYS B 849 -6.66 -18.67 38.86
C CYS B 849 -7.46 -18.50 40.15
N PRO B 850 -7.51 -19.54 40.99
CA PRO B 850 -8.29 -19.45 42.23
C PRO B 850 -7.78 -18.34 43.14
N LEU B 851 -8.69 -17.77 43.92
CA LEU B 851 -8.27 -16.88 44.98
C LEU B 851 -7.45 -17.68 46.00
N CYS B 852 -6.34 -17.09 46.45
CA CYS B 852 -5.45 -17.81 47.35
C CYS B 852 -6.16 -18.14 48.65
N SER B 853 -6.44 -19.42 48.86
CA SER B 853 -7.20 -19.84 50.02
C SER B 853 -6.34 -19.80 51.27
N ALA B 854 -6.99 -19.88 52.43
CA ALA B 854 -6.29 -19.96 53.69
C ALA B 854 -5.58 -21.30 53.89
N SER B 855 -5.81 -22.26 53.00
CA SER B 855 -5.13 -23.55 53.06
C SER B 855 -4.21 -23.78 51.88
N ASP B 856 -4.00 -22.79 51.02
CA ASP B 856 -3.06 -22.91 49.91
C ASP B 856 -1.73 -22.25 50.25
N TYR B 857 -1.05 -22.80 51.26
CA TYR B 857 0.32 -22.45 51.56
C TYR B 857 0.94 -23.56 52.40
N HIS B 858 2.17 -23.33 52.85
CA HIS B 858 2.90 -24.28 53.66
C HIS B 858 2.91 -23.84 55.12
N THR B 859 2.66 -24.81 56.01
CA THR B 859 2.90 -24.63 57.43
C THR B 859 4.18 -25.39 57.78
N PHE B 860 5.12 -24.70 58.42
CA PHE B 860 6.42 -25.27 58.75
C PHE B 860 6.70 -25.04 60.22
N VAL B 861 6.26 -25.97 61.05
CA VAL B 861 6.53 -25.90 62.48
C VAL B 861 8.01 -26.15 62.73
N SER B 862 8.58 -25.42 63.68
CA SER B 862 9.98 -25.54 64.03
C SER B 862 10.09 -25.63 65.55
N SER B 863 10.55 -26.77 66.06
CA SER B 863 10.76 -26.92 67.49
C SER B 863 11.82 -25.92 67.95
N CYS B 864 11.64 -25.42 69.18
CA CYS B 864 12.50 -24.35 69.69
C CYS B 864 13.97 -24.74 69.69
N VAL B 865 14.75 -24.09 68.83
CA VAL B 865 16.20 -24.23 68.82
C VAL B 865 16.77 -23.02 69.53
N ALA B 866 17.51 -23.25 70.61
CA ALA B 866 17.96 -22.19 71.51
C ALA B 866 16.77 -21.39 72.03
N GLY B 867 15.67 -22.08 72.30
CA GLY B 867 14.47 -21.45 72.81
C GLY B 867 13.81 -20.46 71.87
N ILE B 868 13.89 -20.71 70.57
CA ILE B 868 13.27 -19.84 69.57
C ILE B 868 12.41 -20.69 68.66
N GLN B 869 11.11 -20.37 68.60
CA GLN B 869 10.18 -21.06 67.71
C GLN B 869 9.91 -20.18 66.50
N LYS B 870 10.13 -20.75 65.31
CA LYS B 870 9.88 -20.04 64.05
C LYS B 870 9.01 -20.93 63.18
N THR B 871 7.69 -20.85 63.37
CA THR B 871 6.74 -21.53 62.50
C THR B 871 6.21 -20.54 61.46
N THR B 872 7.13 -20.06 60.63
CA THR B 872 6.80 -19.08 59.60
C THR B 872 6.04 -19.75 58.46
N TYR B 873 5.17 -18.98 57.83
CA TYR B 873 4.26 -19.49 56.80
C TYR B 873 4.72 -18.99 55.43
N MET B 874 4.76 -19.90 54.47
CA MET B 874 5.37 -19.63 53.17
C MET B 874 4.45 -20.14 52.06
N TRP B 875 4.30 -19.35 51.01
CA TRP B 875 3.48 -19.75 49.88
C TRP B 875 4.03 -21.02 49.25
N ARG B 876 3.14 -21.78 48.62
CA ARG B 876 3.58 -22.99 47.94
C ARG B 876 4.35 -22.63 46.67
N GLU B 877 5.48 -23.29 46.46
CA GLU B 877 6.28 -23.01 45.26
C GLU B 877 5.52 -23.31 43.97
N PRO B 878 4.82 -24.44 43.80
CA PRO B 878 3.98 -24.60 42.61
C PRO B 878 2.73 -23.75 42.70
N LYS B 879 2.89 -22.43 42.74
CA LYS B 879 1.78 -21.53 42.95
C LYS B 879 0.79 -21.60 41.80
N LEU B 880 -0.49 -21.72 42.13
CA LEU B 880 -1.56 -21.66 41.14
C LEU B 880 -2.64 -20.66 41.51
N CYS B 881 -2.52 -19.98 42.64
CA CYS B 881 -3.52 -19.04 43.10
C CYS B 881 -3.05 -17.61 42.85
N SER B 882 -3.91 -16.65 43.20
CA SER B 882 -3.62 -15.24 43.05
C SER B 882 -4.62 -14.44 43.85
N GLY B 883 -4.19 -13.29 44.36
CA GLY B 883 -5.06 -12.51 45.22
C GLY B 883 -5.37 -13.26 46.51
N GLY B 884 -6.63 -13.16 46.95
CA GLY B 884 -7.08 -13.92 48.09
C GLY B 884 -6.51 -13.47 49.41
N ILE B 885 -6.27 -14.44 50.31
CA ILE B 885 -5.80 -14.10 51.65
C ILE B 885 -4.31 -13.80 51.62
N SER B 886 -3.88 -12.94 52.54
CA SER B 886 -2.49 -12.54 52.62
C SER B 886 -1.69 -13.59 53.40
N LEU B 887 -0.39 -13.63 53.12
CA LEU B 887 0.48 -14.57 53.80
C LEU B 887 0.64 -14.17 55.26
N PRO B 888 0.39 -15.06 56.22
CA PRO B 888 0.53 -14.70 57.63
C PRO B 888 1.96 -14.37 58.00
N GLU B 889 2.10 -13.47 58.98
CA GLU B 889 3.41 -13.04 59.44
C GLU B 889 4.13 -14.22 60.11
N GLN B 890 5.46 -14.10 60.17
CA GLN B 890 6.27 -15.13 60.81
C GLN B 890 5.96 -15.20 62.30
N ARG B 891 6.15 -16.39 62.86
CA ARG B 891 5.83 -16.65 64.26
C ARG B 891 7.11 -16.74 65.08
N VAL B 892 7.17 -15.97 66.16
CA VAL B 892 8.28 -16.05 67.10
C VAL B 892 7.76 -16.05 68.53
N THR B 893 7.77 -17.23 69.16
CA THR B 893 7.27 -17.38 70.53
C THR B 893 8.21 -18.30 71.28
N ILE B 894 8.57 -17.90 72.50
CA ILE B 894 9.48 -18.69 73.31
C ILE B 894 8.75 -19.90 73.89
N CYS B 895 9.38 -21.06 73.81
CA CYS B 895 8.81 -22.28 74.38
C CYS B 895 9.02 -22.33 75.88
C1 NAG C . 25.76 -21.73 30.26
C2 NAG C . 27.05 -22.49 30.60
C3 NAG C . 27.16 -23.78 29.78
C4 NAG C . 25.92 -24.62 30.01
C5 NAG C . 24.69 -23.83 29.57
C6 NAG C . 23.39 -24.56 29.78
C7 NAG C . 29.39 -21.85 31.01
C8 NAG C . 30.49 -20.89 30.66
N2 NAG C . 28.23 -21.66 30.37
O3 NAG C . 28.31 -24.51 30.19
O4 NAG C . 25.99 -25.90 29.37
O5 NAG C . 24.62 -22.62 30.36
O6 NAG C . 23.28 -25.02 31.12
O7 NAG C . 29.54 -22.75 31.83
C1 NAG C . 26.21 -25.92 27.94
C2 NAG C . 26.77 -27.30 27.61
C3 NAG C . 26.94 -27.47 26.11
C4 NAG C . 25.65 -27.13 25.37
C5 NAG C . 25.18 -25.73 25.78
C6 NAG C . 23.85 -25.36 25.17
C7 NAG C . 29.15 -26.86 28.14
C8 NAG C . 30.31 -27.30 28.96
N2 NAG C . 28.02 -27.57 28.31
O3 NAG C . 27.32 -28.81 25.82
O4 NAG C . 25.86 -27.16 23.97
O5 NAG C . 25.01 -25.68 27.20
O6 NAG C . 23.49 -24.03 25.50
O7 NAG C . 29.22 -25.92 27.36
C1 NAG D . 16.44 -4.65 3.52
C2 NAG D . 15.09 -5.26 3.18
C3 NAG D . 14.35 -5.56 4.48
C4 NAG D . 15.22 -6.36 5.44
C5 NAG D . 16.67 -5.85 5.52
C6 NAG D . 17.61 -6.81 6.19
C7 NAG D . 13.82 -4.75 1.14
C8 NAG D . 14.12 -6.15 0.71
N2 NAG D . 14.31 -4.38 2.34
O3 NAG D . 13.17 -6.29 4.16
O4 NAG D . 14.69 -6.21 6.76
O5 NAG D . 17.21 -5.59 4.20
O6 NAG D . 18.91 -6.26 6.31
O7 NAG D . 13.17 -3.98 0.45
C1 NAG D . 13.64 -7.14 7.09
C2 NAG D . 13.66 -7.32 8.61
C3 NAG D . 12.54 -8.26 9.04
C4 NAG D . 11.20 -7.77 8.51
C5 NAG D . 11.28 -7.56 7.00
C6 NAG D . 10.03 -6.95 6.42
C7 NAG D . 16.00 -7.03 9.28
C8 NAG D . 17.25 -7.71 9.76
N2 NAG D . 14.95 -7.82 9.07
O3 NAG D . 12.50 -8.33 10.46
O4 NAG D . 10.18 -8.72 8.79
O5 NAG D . 12.36 -6.67 6.68
O6 NAG D . 9.70 -5.72 7.06
O7 NAG D . 15.95 -5.82 9.08
C1 NAG E . -13.74 -1.66 10.44
C2 NAG E . -12.55 -0.73 10.39
C3 NAG E . -11.49 -1.22 11.37
C4 NAG E . -12.09 -1.34 12.77
C5 NAG E . -13.40 -2.15 12.75
C6 NAG E . -14.15 -2.08 14.06
C7 NAG E . -12.23 0.45 8.28
C8 NAG E . -11.58 0.43 6.93
N2 NAG E . -12.00 -0.60 9.05
O3 NAG E . -10.40 -0.31 11.36
O4 NAG E . -11.17 -2.01 13.63
O5 NAG E . -14.30 -1.65 11.74
O6 NAG E . -15.43 -1.50 13.90
O7 NAG E . -12.92 1.40 8.66
C1 NAG E . -10.24 -1.15 14.32
C2 NAG E . -9.07 -2.03 14.79
C3 NAG E . -7.97 -1.19 15.44
C4 NAG E . -7.56 -0.05 14.52
C5 NAG E . -8.79 0.77 14.15
C6 NAG E . -8.48 1.88 13.16
C7 NAG E . -10.08 -2.86 16.89
C8 NAG E . -10.48 -4.09 17.66
N2 NAG E . -9.52 -3.09 15.68
O3 NAG E . -6.86 -2.02 15.72
O4 NAG E . -6.62 0.79 15.19
O5 NAG E . -9.75 -0.08 13.51
O6 NAG E . -8.51 1.41 11.82
O7 NAG E . -10.27 -1.73 17.33
C1 NAG F . -13.36 -9.24 42.36
C2 NAG F . -14.12 -9.03 43.65
C3 NAG F . -14.73 -7.64 43.69
C4 NAG F . -13.68 -6.56 43.45
C5 NAG F . -12.83 -6.86 42.20
C6 NAG F . -11.61 -5.97 42.09
C7 NAG F . -16.23 -10.20 43.13
C8 NAG F . -17.15 -11.32 43.54
N2 NAG F . -15.14 -10.04 43.89
O3 NAG F . -15.32 -7.48 44.98
O4 NAG F . -14.35 -5.33 43.19
O5 NAG F . -12.34 -8.23 42.22
O6 NAG F . -10.45 -6.71 41.72
O7 NAG F . -16.45 -9.50 42.15
C1 NAG F . -14.57 -4.63 44.43
C2 NAG F . -14.16 -3.17 44.20
C3 NAG F . -14.43 -2.34 45.46
C4 NAG F . -15.87 -2.54 45.92
C5 NAG F . -16.18 -4.02 46.07
C6 NAG F . -17.63 -4.29 46.41
C7 NAG F . -12.29 -2.16 42.97
C8 NAG F . -10.81 -2.22 42.69
N2 NAG F . -12.77 -3.08 43.82
O3 NAG F . -14.21 -0.97 45.19
O4 NAG F . -16.07 -1.89 47.18
O5 NAG F . -15.93 -4.69 44.82
O6 NAG F . -17.91 -5.69 46.39
O7 NAG F . -13.02 -1.33 42.44
C1 NAG G . 3.44 25.76 3.35
C2 NAG G . 4.72 26.51 2.95
C3 NAG G . 4.45 28.00 2.91
C4 NAG G . 3.23 28.32 2.06
C5 NAG G . 2.04 27.49 2.50
C6 NAG G . 0.82 27.67 1.62
C7 NAG G . 7.10 26.25 3.45
C8 NAG G . 8.11 25.90 4.50
N2 NAG G . 5.82 26.20 3.84
O3 NAG G . 5.59 28.68 2.39
O4 NAG G . 2.90 29.70 2.18
O5 NAG G . 2.37 26.09 2.45
O6 NAG G . -0.33 28.02 2.39
O7 NAG G . 7.42 26.58 2.32
C1 NAG H . 52.68 8.10 7.58
C2 NAG H . 54.03 7.74 6.94
C3 NAG H . 54.78 6.70 7.77
C4 NAG H . 54.86 7.13 9.23
C5 NAG H . 53.47 7.42 9.76
C6 NAG H . 53.45 7.88 11.20
C7 NAG H . 54.81 7.18 4.67
C8 NAG H . 54.43 6.60 3.34
N2 NAG H . 53.83 7.23 5.59
O3 NAG H . 56.09 6.52 7.25
O4 NAG H . 55.44 6.10 10.01
O5 NAG H . 52.87 8.45 8.97
O6 NAG H . 54.10 6.94 12.04
O7 NAG H . 55.94 7.57 4.91
C1 NAG I . 45.24 -6.39 -5.22
C2 NAG I . 44.55 -5.89 -6.50
C3 NAG I . 45.47 -6.06 -7.71
C4 NAG I . 46.88 -5.59 -7.41
C5 NAG I . 47.41 -6.33 -6.18
C6 NAG I . 48.83 -5.94 -5.83
C7 NAG I . 42.33 -6.21 -7.54
C8 NAG I . 42.10 -4.74 -7.66
N2 NAG I . 43.30 -6.58 -6.69
O3 NAG I . 44.94 -5.37 -8.83
O4 NAG I . 47.73 -5.89 -8.51
O5 NAG I . 46.58 -5.97 -5.06
O6 NAG I . 48.97 -4.53 -5.72
O7 NAG I . 41.66 -7.03 -8.16
C1 NAG J . -5.28 -20.66 -15.06
C2 NAG J . -6.65 -21.34 -15.21
C3 NAG J . -6.71 -22.12 -16.51
C4 NAG J . -6.31 -21.23 -17.69
C5 NAG J . -4.97 -20.56 -17.43
C6 NAG J . -4.57 -19.58 -18.50
C7 NAG J . -8.17 -22.46 -13.65
C8 NAG J . -8.28 -23.38 -12.47
N2 NAG J . -6.93 -22.21 -14.08
O3 NAG J . -8.03 -22.63 -16.72
O4 NAG J . -6.22 -22.02 -18.88
O5 NAG J . -5.03 -19.82 -16.19
O6 NAG J . -3.15 -19.51 -18.63
O7 NAG J . -9.16 -21.98 -14.20
C1 NAG K . -48.95 -17.40 13.95
C2 NAG K . -50.44 -17.01 14.03
C3 NAG K . -50.96 -17.16 15.46
C4 NAG K . -50.61 -18.53 16.04
C5 NAG K . -49.11 -18.75 15.92
C6 NAG K . -48.68 -20.12 16.42
C7 NAG K . -51.85 -15.13 13.31
C8 NAG K . -51.85 -13.70 12.86
N2 NAG K . -50.65 -15.66 13.56
O3 NAG K . -52.37 -16.99 15.49
O4 NAG K . -50.98 -18.58 17.41
O5 NAG K . -48.75 -18.69 14.54
O6 NAG K . -48.56 -20.12 17.84
O7 NAG K . -52.88 -15.77 13.46
C1 NAG L . -43.78 2.34 13.92
C2 NAG L . -43.57 3.05 12.57
C3 NAG L . -44.76 3.96 12.28
C4 NAG L . -46.08 3.24 12.49
C5 NAG L . -46.13 2.70 13.92
C6 NAG L . -47.41 1.95 14.22
C7 NAG L . -41.78 4.34 11.48
C8 NAG L . -40.45 5.01 11.68
N2 NAG L . -42.33 3.79 12.56
O3 NAG L . -44.67 4.47 10.95
O4 NAG L . -47.16 4.14 12.30
O5 NAG L . -45.05 1.75 14.10
O6 NAG L . -48.54 2.79 14.02
O7 NAG L . -42.31 4.31 10.37
#